data_7DN8
#
_entry.id   7DN8
#
_cell.length_a   104.737
_cell.length_b   104.902
_cell.length_c   105.603
_cell.angle_alpha   90.00
_cell.angle_beta   104.88
_cell.angle_gamma   90.00
#
_symmetry.space_group_name_H-M   'P 1 21 1'
#
loop_
_entity.id
_entity.type
_entity.pdbx_description
1 polymer 'Putative cytoplasmic protein'
2 polymer 'ADP-ribosylation factor 1'
3 non-polymer 'MAGNESIUM ION'
4 non-polymer "GUANOSINE-5'-DIPHOSPHATE"
5 water water
#
loop_
_entity_poly.entity_id
_entity_poly.type
_entity_poly.pdbx_seq_one_letter_code
_entity_poly.pdbx_strand_id
1 'polypeptide(L)'
;GRPSNEERKKVYGRLFGKQVLAHIHSRCQRDADIIREKALRRISRECGAEIDCALLLNKMVDILQNARLTINFNAAKIDF
VSLLKNKEYLNSYALGCRPGDLPAYNVGRDSVETKAFELEKLADSPYAPYGQTGGFSVAYTPNSRTFSTTSRPIYAALDF
LNGENGGASAYGKSFFELNDNVKTNCTFSPFDIYGHRFGLDTSKLSTFWHMENLIASCQNDFFGYNCFKSLVKMAKDEKF
LAHSNYGKGYEGNYIEAHIHGDVCLFRDIKHVYLSLQENSYSKSQLYDYAKQINQALNRDCIILY
;
C,A,E,G
2 'polypeptide(L)'
;SGRPEMRILMVGLDAAGKTTILYKLKLGEIVTTIPTIGFNVETVEYKNISFTVWDVGGLDKIRPLWRHYFQNTQGLIFVV
DSNDRERVNEAREELMRMLAEDELRDAVLLVFANKQDLPNAMNAAEITDKLGLHSLRHRNWYIQATCATSGDGLYEGLDW
LSNQLRNQK
;
D,B,F,H
#
loop_
_chem_comp.id
_chem_comp.type
_chem_comp.name
_chem_comp.formula
GDP RNA linking GUANOSINE-5'-DIPHOSPHATE 'C10 H15 N5 O11 P2'
MG non-polymer 'MAGNESIUM ION' 'Mg 2'
#
# COMPACT_ATOMS: atom_id res chain seq x y z
N PRO A 3 35.59 20.14 -5.15
CA PRO A 3 35.07 19.45 -6.33
C PRO A 3 33.97 20.23 -7.03
N SER A 4 33.94 20.18 -8.37
CA SER A 4 32.91 20.87 -9.11
C SER A 4 31.53 20.32 -8.77
N ASN A 5 30.53 21.20 -8.76
CA ASN A 5 29.18 20.78 -8.37
C ASN A 5 28.59 19.80 -9.37
N GLU A 6 28.85 20.01 -10.67
CA GLU A 6 28.43 19.03 -11.67
C GLU A 6 29.17 17.72 -11.51
N GLU A 7 30.45 17.78 -11.12
CA GLU A 7 31.21 16.57 -10.85
C GLU A 7 30.61 15.80 -9.67
N ARG A 8 30.28 16.52 -8.58
CA ARG A 8 29.59 15.90 -7.47
C ARG A 8 28.27 15.27 -7.91
N LYS A 9 27.57 15.94 -8.84
CA LYS A 9 26.32 15.39 -9.37
C LYS A 9 26.56 14.06 -10.07
N LYS A 10 27.59 14.00 -10.93
CA LYS A 10 27.92 12.75 -11.62
C LYS A 10 28.30 11.66 -10.63
N VAL A 11 29.13 11.99 -9.64
CA VAL A 11 29.60 10.97 -8.69
C VAL A 11 28.43 10.44 -7.87
N TYR A 12 27.58 11.33 -7.35
CA TYR A 12 26.39 10.90 -6.63
C TYR A 12 25.52 10.01 -7.49
N GLY A 13 25.38 10.35 -8.78
CA GLY A 13 24.63 9.49 -9.68
C GLY A 13 25.24 8.09 -9.76
N ARG A 14 26.56 8.01 -9.93
CA ARG A 14 27.22 6.71 -9.98
C ARG A 14 27.02 5.92 -8.70
N LEU A 15 27.07 6.60 -7.55
CA LEU A 15 26.82 5.91 -6.28
C LEU A 15 25.39 5.36 -6.23
N PHE A 16 24.42 6.13 -6.72
CA PHE A 16 23.05 5.63 -6.81
C PHE A 16 22.99 4.37 -7.68
N GLY A 17 23.64 4.41 -8.84
CA GLY A 17 23.66 3.24 -9.70
C GLY A 17 24.26 2.02 -9.02
N LYS A 18 25.35 2.23 -8.28
CA LYS A 18 25.96 1.13 -7.53
C LYS A 18 25.01 0.62 -6.45
N GLN A 19 24.17 1.49 -5.91
CA GLN A 19 23.14 1.02 -4.97
C GLN A 19 22.06 0.22 -5.69
N VAL A 20 21.76 0.55 -6.94
CA VAL A 20 20.85 -0.27 -7.74
C VAL A 20 21.43 -1.67 -7.91
N LEU A 21 22.70 -1.73 -8.36
CA LEU A 21 23.37 -3.02 -8.51
C LEU A 21 23.39 -3.80 -7.20
N ALA A 22 23.68 -3.12 -6.09
CA ALA A 22 23.68 -3.79 -4.80
C ALA A 22 22.29 -4.29 -4.41
N HIS A 23 21.24 -3.59 -4.84
CA HIS A 23 19.89 -4.04 -4.55
C HIS A 23 19.56 -5.32 -5.32
N ILE A 24 19.86 -5.33 -6.63
CA ILE A 24 19.62 -6.54 -7.42
C ILE A 24 20.45 -7.70 -6.86
N HIS A 25 21.71 -7.44 -6.53
CA HIS A 25 22.56 -8.49 -5.96
C HIS A 25 22.00 -8.99 -4.64
N SER A 26 21.43 -8.09 -3.83
CA SER A 26 20.81 -8.53 -2.58
C SER A 26 19.62 -9.43 -2.85
N ARG A 27 18.78 -9.05 -3.81
CA ARG A 27 17.66 -9.92 -4.21
C ARG A 27 18.16 -11.30 -4.62
N CYS A 28 19.24 -11.37 -5.39
CA CYS A 28 19.73 -12.65 -5.86
C CYS A 28 20.35 -13.47 -4.73
N GLN A 29 21.03 -12.81 -3.79
CA GLN A 29 21.57 -13.52 -2.63
C GLN A 29 20.46 -14.09 -1.77
N ARG A 30 19.33 -13.36 -1.66
CA ARG A 30 18.21 -13.84 -0.87
C ARG A 30 17.60 -15.11 -1.46
N ASP A 31 17.52 -15.20 -2.79
CA ASP A 31 16.83 -16.29 -3.47
C ASP A 31 17.79 -17.25 -4.15
N ALA A 32 19.01 -17.41 -3.60
CA ALA A 32 20.01 -18.26 -4.25
C ALA A 32 19.54 -19.71 -4.32
N ASP A 33 18.89 -20.21 -3.27
CA ASP A 33 18.52 -21.62 -3.22
C ASP A 33 17.41 -21.93 -4.21
N ILE A 34 16.34 -21.13 -4.21
CA ILE A 34 15.24 -21.38 -5.13
C ILE A 34 15.67 -21.15 -6.57
N ILE A 35 16.59 -20.21 -6.80
CA ILE A 35 17.10 -19.98 -8.15
C ILE A 35 17.91 -21.19 -8.62
N ARG A 36 18.81 -21.68 -7.77
CA ARG A 36 19.59 -22.86 -8.14
C ARG A 36 18.69 -24.07 -8.37
N GLU A 37 17.65 -24.24 -7.54
CA GLU A 37 16.76 -25.38 -7.71
C GLU A 37 15.94 -25.28 -8.99
N LYS A 38 15.51 -24.06 -9.35
CA LYS A 38 14.79 -23.90 -10.62
C LYS A 38 15.71 -24.14 -11.80
N ALA A 39 16.95 -23.65 -11.73
CA ALA A 39 17.90 -23.86 -12.82
C ALA A 39 18.20 -25.34 -13.01
N LEU A 40 18.53 -26.04 -11.91
CA LEU A 40 18.75 -27.48 -11.99
C LEU A 40 17.50 -28.21 -12.45
N ARG A 41 16.31 -27.69 -12.11
CA ARG A 41 15.07 -28.26 -12.61
C ARG A 41 15.00 -28.17 -14.13
N ARG A 42 15.37 -27.02 -14.69
CA ARG A 42 15.39 -26.89 -16.14
C ARG A 42 16.46 -27.78 -16.77
N ILE A 43 17.63 -27.88 -16.13
CA ILE A 43 18.72 -28.68 -16.69
C ILE A 43 18.33 -30.15 -16.75
N SER A 44 17.75 -30.66 -15.65
CA SER A 44 17.31 -32.05 -15.66
C SER A 44 16.10 -32.24 -16.56
N ARG A 45 15.31 -31.19 -16.79
CA ARG A 45 14.20 -31.28 -17.72
C ARG A 45 14.68 -31.41 -19.16
N GLU A 46 15.63 -30.58 -19.57
CA GLU A 46 16.12 -30.62 -20.97
C GLU A 46 16.98 -31.83 -21.30
N CYS A 47 17.94 -32.20 -20.45
CA CYS A 47 18.86 -33.25 -20.95
C CYS A 47 18.17 -34.60 -21.18
N ILE A 51 22.34 -37.11 -16.46
CA ILE A 51 23.70 -36.50 -16.57
C ILE A 51 24.00 -35.71 -15.30
N ASP A 52 25.24 -35.25 -15.12
CA ASP A 52 25.53 -34.48 -13.88
C ASP A 52 25.10 -33.03 -14.13
N CYS A 53 24.01 -32.63 -13.50
CA CYS A 53 23.45 -31.29 -13.74
C CYS A 53 24.31 -30.21 -13.08
N ALA A 54 24.82 -30.46 -11.88
CA ALA A 54 25.62 -29.44 -11.23
C ALA A 54 26.79 -29.00 -12.11
N LEU A 55 27.48 -29.98 -12.71
CA LEU A 55 28.62 -29.65 -13.55
C LEU A 55 28.19 -28.92 -14.81
N LEU A 56 27.07 -29.33 -15.41
CA LEU A 56 26.56 -28.63 -16.59
C LEU A 56 26.14 -27.21 -16.23
N LEU A 57 25.49 -27.03 -15.09
CA LEU A 57 25.12 -25.69 -14.63
C LEU A 57 26.35 -24.82 -14.42
N ASN A 58 27.42 -25.40 -13.87
CA ASN A 58 28.65 -24.64 -13.68
C ASN A 58 29.30 -24.29 -15.02
N LYS A 59 29.20 -25.18 -16.00
CA LYS A 59 29.72 -24.88 -17.33
C LYS A 59 28.95 -23.74 -17.97
N MET A 60 27.63 -23.76 -17.87
CA MET A 60 26.82 -22.68 -18.43
C MET A 60 27.10 -21.36 -17.72
N VAL A 61 27.26 -21.41 -16.39
CA VAL A 61 27.59 -20.20 -15.63
C VAL A 61 28.94 -19.66 -16.07
N ASP A 62 29.93 -20.53 -16.28
CA ASP A 62 31.23 -20.06 -16.72
C ASP A 62 31.19 -19.50 -18.14
N ILE A 63 30.33 -20.04 -18.99
CA ILE A 63 30.19 -19.50 -20.34
C ILE A 63 29.57 -18.11 -20.31
N LEU A 64 28.49 -17.95 -19.53
CA LEU A 64 27.88 -16.63 -19.40
C LEU A 64 28.83 -15.63 -18.76
N GLN A 65 29.66 -16.08 -17.81
CA GLN A 65 30.56 -15.17 -17.13
C GLN A 65 31.73 -14.76 -18.02
N ASN A 66 32.25 -15.70 -18.81
CA ASN A 66 33.37 -15.41 -19.70
C ASN A 66 32.93 -14.86 -21.05
N ALA A 67 31.64 -14.63 -21.25
CA ALA A 67 31.15 -14.08 -22.49
C ALA A 67 31.59 -12.63 -22.66
N ARG A 68 31.68 -12.19 -23.91
CA ARG A 68 32.09 -10.82 -24.20
C ARG A 68 30.90 -9.88 -24.09
N LEU A 69 31.17 -8.68 -23.58
CA LEU A 69 30.15 -7.65 -23.41
C LEU A 69 30.26 -6.67 -24.56
N THR A 70 29.15 -6.46 -25.28
CA THR A 70 29.17 -5.66 -26.49
C THR A 70 28.17 -4.52 -26.42
N ILE A 71 28.49 -3.43 -27.11
CA ILE A 71 27.59 -2.29 -27.28
C ILE A 71 27.57 -1.96 -28.77
N ASN A 72 26.46 -2.25 -29.43
CA ASN A 72 26.38 -2.06 -30.87
C ASN A 72 26.04 -0.61 -31.21
N PHE A 73 26.62 -0.14 -32.32
CA PHE A 73 26.28 1.14 -32.90
C PHE A 73 26.35 1.04 -34.42
N ASN A 74 25.74 2.02 -35.07
CA ASN A 74 25.57 2.07 -36.52
C ASN A 74 26.46 3.19 -37.05
N ALA A 75 27.61 2.82 -37.63
CA ALA A 75 28.57 3.79 -38.11
C ALA A 75 28.10 4.53 -39.37
N ALA A 76 26.95 4.16 -39.93
CA ALA A 76 26.41 4.89 -41.07
C ALA A 76 25.46 6.01 -40.68
N LYS A 77 24.89 5.95 -39.47
CA LYS A 77 24.00 7.01 -39.00
C LYS A 77 24.66 7.96 -38.00
N ILE A 78 25.73 7.54 -37.32
CA ILE A 78 26.44 8.39 -36.40
C ILE A 78 27.92 8.40 -36.77
N ASP A 79 28.57 9.52 -36.53
CA ASP A 79 30.00 9.68 -36.80
C ASP A 79 30.78 8.94 -35.72
N PHE A 80 31.39 7.81 -36.07
CA PHE A 80 32.14 7.05 -35.09
C PHE A 80 33.35 7.83 -34.58
N VAL A 81 33.88 8.74 -35.39
CA VAL A 81 35.00 9.55 -34.95
C VAL A 81 34.55 10.49 -33.83
N SER A 82 33.42 11.16 -34.02
CA SER A 82 32.86 11.99 -32.96
C SER A 82 32.48 11.15 -31.75
N LEU A 83 32.11 9.89 -31.97
CA LEU A 83 31.78 8.99 -30.85
C LEU A 83 33.01 8.68 -30.03
N LEU A 84 34.14 8.39 -30.68
CA LEU A 84 35.35 8.05 -29.95
C LEU A 84 36.00 9.28 -29.32
N LYS A 85 35.88 10.44 -29.97
CA LYS A 85 36.50 11.66 -29.45
C LYS A 85 35.80 12.19 -28.21
N ASN A 86 34.57 11.74 -27.93
CA ASN A 86 33.89 12.14 -26.71
C ASN A 86 34.53 11.57 -25.46
N LYS A 87 35.44 10.60 -25.60
CA LYS A 87 36.14 9.94 -24.50
C LYS A 87 35.21 9.19 -23.56
N GLU A 88 33.92 9.06 -23.92
CA GLU A 88 32.95 8.43 -23.03
C GLU A 88 31.71 8.08 -23.83
N TYR A 89 31.13 6.93 -23.52
CA TYR A 89 29.85 6.49 -24.10
C TYR A 89 28.73 6.87 -23.14
N LEU A 90 27.67 7.47 -23.68
CA LEU A 90 26.60 8.03 -22.88
C LEU A 90 25.28 7.33 -23.20
N ASN A 91 24.42 7.24 -22.18
CA ASN A 91 23.11 6.63 -22.35
C ASN A 91 22.15 7.68 -22.96
N SER A 92 20.88 7.32 -23.06
CA SER A 92 19.91 8.16 -23.75
C SER A 92 19.56 9.44 -23.00
N TYR A 93 19.88 9.53 -21.71
CA TYR A 93 19.55 10.73 -20.94
C TYR A 93 20.49 11.89 -21.21
N ALA A 94 21.68 11.63 -21.73
CA ALA A 94 22.65 12.70 -21.99
C ALA A 94 22.57 13.17 -23.44
N PRO A 103 13.27 14.36 -26.65
CA PRO A 103 13.48 12.94 -26.35
C PRO A 103 12.35 12.34 -25.52
N ALA A 104 11.17 12.18 -26.14
CA ALA A 104 10.04 11.57 -25.45
C ALA A 104 10.25 10.09 -25.16
N TYR A 105 11.33 9.49 -25.69
CA TYR A 105 11.65 8.11 -25.35
C TYR A 105 12.13 7.98 -23.91
N ASN A 106 12.68 9.05 -23.34
CA ASN A 106 13.31 8.96 -22.03
C ASN A 106 12.29 8.79 -20.91
N VAL A 107 11.04 9.21 -21.11
CA VAL A 107 10.03 9.06 -20.06
C VAL A 107 9.68 7.58 -19.88
N GLY A 108 9.39 6.90 -20.99
CA GLY A 108 9.14 5.46 -20.92
C GLY A 108 10.35 4.70 -20.43
N ARG A 109 11.55 5.19 -20.73
CA ARG A 109 12.76 4.57 -20.19
C ARG A 109 12.85 4.76 -18.68
N ASP A 110 12.42 5.92 -18.18
CA ASP A 110 12.45 6.15 -16.74
C ASP A 110 11.40 5.29 -16.03
N SER A 111 10.22 5.13 -16.63
CA SER A 111 9.20 4.27 -16.04
C SER A 111 9.64 2.81 -16.05
N VAL A 112 10.14 2.34 -17.19
CA VAL A 112 10.59 0.96 -17.31
C VAL A 112 11.74 0.69 -16.34
N GLU A 113 12.68 1.62 -16.22
CA GLU A 113 13.80 1.42 -15.31
C GLU A 113 13.36 1.48 -13.85
N THR A 114 12.41 2.37 -13.54
CA THR A 114 11.92 2.48 -12.17
C THR A 114 11.20 1.20 -11.74
N LYS A 115 10.34 0.65 -12.61
CA LYS A 115 9.61 -0.55 -12.26
C LYS A 115 10.50 -1.80 -12.33
N ALA A 116 11.48 -1.82 -13.23
CA ALA A 116 12.30 -3.01 -13.42
C ALA A 116 13.35 -3.16 -12.33
N PHE A 117 13.99 -2.06 -11.94
CA PHE A 117 15.04 -2.09 -10.94
C PHE A 117 14.54 -1.78 -9.53
N GLU A 118 13.23 -1.57 -9.36
CA GLU A 118 12.64 -1.25 -8.06
C GLU A 118 13.29 0.00 -7.45
N LEU A 119 13.43 1.04 -8.27
CA LEU A 119 14.12 2.25 -7.83
C LEU A 119 13.41 2.91 -6.66
N GLU A 120 12.10 2.70 -6.52
CA GLU A 120 11.37 3.28 -5.39
C GLU A 120 11.85 2.74 -4.05
N LYS A 121 12.47 1.56 -4.04
CA LYS A 121 13.05 1.03 -2.81
C LYS A 121 14.31 1.77 -2.40
N LEU A 122 14.79 2.70 -3.22
CA LEU A 122 15.96 3.51 -2.91
C LEU A 122 15.60 4.96 -2.59
N ALA A 123 14.32 5.27 -2.43
CA ALA A 123 13.90 6.65 -2.21
C ALA A 123 14.49 7.23 -0.93
N ASP A 124 14.83 6.39 0.04
CA ASP A 124 15.39 6.84 1.30
C ASP A 124 16.90 7.01 1.24
N SER A 125 17.53 6.67 0.12
CA SER A 125 18.97 6.83 0.01
C SER A 125 19.35 8.31 -0.07
N PRO A 126 20.48 8.71 0.52
CA PRO A 126 20.94 10.10 0.34
C PRO A 126 21.34 10.45 -1.07
N TYR A 127 21.42 9.46 -1.97
CA TYR A 127 21.71 9.71 -3.37
C TYR A 127 20.48 9.58 -4.26
N ALA A 128 19.31 9.33 -3.66
CA ALA A 128 18.07 9.29 -4.44
C ALA A 128 17.78 10.59 -5.18
N PRO A 129 18.04 11.79 -4.65
CA PRO A 129 17.79 13.00 -5.45
C PRO A 129 18.55 13.04 -6.76
N TYR A 130 19.68 12.33 -6.86
CA TYR A 130 20.50 12.32 -8.06
C TYR A 130 20.18 11.13 -8.96
N GLY A 131 19.26 10.27 -8.56
CA GLY A 131 18.86 9.14 -9.38
C GLY A 131 17.38 9.16 -9.71
N GLN A 132 16.70 10.22 -9.30
CA GLN A 132 15.28 10.40 -9.53
C GLN A 132 15.07 11.60 -10.45
N THR A 133 14.29 11.40 -11.51
CA THR A 133 14.04 12.48 -12.45
C THR A 133 13.04 13.49 -11.91
N GLY A 134 12.16 13.06 -10.99
CA GLY A 134 11.10 13.93 -10.53
C GLY A 134 10.02 14.16 -11.57
N GLY A 135 9.84 13.22 -12.49
CA GLY A 135 8.97 13.40 -13.63
C GLY A 135 9.62 14.25 -14.71
N PHE A 136 8.96 14.27 -15.86
CA PHE A 136 9.46 14.99 -17.03
C PHE A 136 8.54 16.17 -17.32
N SER A 137 9.14 17.27 -17.76
CA SER A 137 8.38 18.48 -18.07
C SER A 137 7.79 18.35 -19.46
N VAL A 138 7.23 19.45 -19.97
CA VAL A 138 6.54 19.41 -21.26
C VAL A 138 7.52 19.15 -22.40
N ALA A 139 8.78 19.49 -22.21
CA ALA A 139 9.81 19.27 -23.22
C ALA A 139 10.49 17.92 -23.11
N TYR A 140 9.88 16.97 -22.38
CA TYR A 140 10.48 15.65 -22.12
C TYR A 140 11.84 15.79 -21.44
N THR A 141 11.96 16.77 -20.56
CA THR A 141 13.17 17.00 -19.78
C THR A 141 12.87 16.81 -18.30
N PRO A 142 13.77 16.18 -17.54
CA PRO A 142 13.48 15.92 -16.12
C PRO A 142 13.29 17.20 -15.33
N ASN A 143 12.33 17.19 -14.41
CA ASN A 143 12.05 18.35 -13.58
C ASN A 143 13.17 18.61 -12.58
N SER A 144 13.83 17.56 -12.10
CA SER A 144 14.82 17.69 -11.04
C SER A 144 16.13 18.25 -11.60
N ARG A 145 16.61 19.34 -11.00
CA ARG A 145 17.89 19.91 -11.39
C ARG A 145 19.07 19.06 -10.92
N THR A 146 18.85 18.14 -9.99
CA THR A 146 19.93 17.32 -9.44
C THR A 146 20.01 15.93 -10.07
N PHE A 147 19.00 15.53 -10.84
CA PHE A 147 19.06 14.23 -11.50
C PHE A 147 20.28 14.16 -12.42
N SER A 148 20.98 13.04 -12.36
CA SER A 148 22.21 12.85 -13.11
C SER A 148 22.07 11.69 -14.08
N THR A 149 22.59 11.89 -15.29
CA THR A 149 22.66 10.81 -16.28
C THR A 149 23.39 9.60 -15.72
N THR A 150 24.43 9.83 -14.92
CA THR A 150 25.28 8.75 -14.41
C THR A 150 24.54 7.79 -13.47
N SER A 151 23.32 8.09 -13.07
CA SER A 151 22.58 7.22 -12.18
C SER A 151 21.87 6.08 -12.91
N ARG A 152 21.76 6.15 -14.23
CA ARG A 152 21.09 5.12 -15.00
C ARG A 152 22.11 4.35 -15.85
N PRO A 153 21.86 3.07 -16.11
CA PRO A 153 22.89 2.23 -16.71
C PRO A 153 23.06 2.48 -18.21
N ILE A 154 24.20 2.02 -18.72
CA ILE A 154 24.48 2.00 -20.15
C ILE A 154 24.10 0.61 -20.68
N TYR A 155 23.33 0.57 -21.76
CA TYR A 155 22.75 -0.68 -22.23
C TYR A 155 23.72 -1.41 -23.15
N ALA A 156 23.91 -2.70 -22.88
CA ALA A 156 24.85 -3.54 -23.59
C ALA A 156 24.21 -4.92 -23.76
N ALA A 157 25.00 -5.87 -24.27
CA ALA A 157 24.52 -7.23 -24.47
C ALA A 157 25.62 -8.21 -24.09
N LEU A 158 25.20 -9.35 -23.53
CA LEU A 158 26.11 -10.44 -23.18
C LEU A 158 26.16 -11.39 -24.37
N ASP A 159 27.17 -11.21 -25.22
CA ASP A 159 27.25 -11.91 -26.50
C ASP A 159 27.99 -13.24 -26.28
N PHE A 160 27.27 -14.20 -25.70
CA PHE A 160 27.89 -15.47 -25.32
C PHE A 160 28.06 -16.42 -26.49
N LEU A 161 27.39 -16.19 -27.62
CA LEU A 161 27.57 -16.99 -28.81
C LEU A 161 28.54 -16.34 -29.80
N ASN A 162 29.17 -15.23 -29.41
CA ASN A 162 30.08 -14.48 -30.27
C ASN A 162 29.43 -14.19 -31.63
N GLY A 163 28.39 -13.37 -31.58
CA GLY A 163 27.64 -12.99 -32.76
C GLY A 163 28.50 -12.42 -33.86
N GLU A 164 28.09 -12.64 -35.10
CA GLU A 164 28.86 -12.13 -36.24
C GLU A 164 28.96 -10.61 -36.21
N ASN A 165 27.88 -9.94 -35.82
CA ASN A 165 27.84 -8.48 -35.76
C ASN A 165 27.59 -7.98 -34.34
N GLY A 166 28.09 -8.71 -33.36
CA GLY A 166 27.91 -8.32 -31.96
C GLY A 166 26.72 -9.00 -31.32
N GLY A 167 26.34 -8.47 -30.16
CA GLY A 167 25.27 -9.07 -29.38
C GLY A 167 23.90 -8.49 -29.66
N ALA A 168 23.85 -7.32 -30.30
CA ALA A 168 22.58 -6.65 -30.59
C ALA A 168 22.72 -5.89 -31.91
N SER A 169 22.84 -6.64 -33.00
CA SER A 169 23.09 -6.04 -34.31
C SER A 169 21.94 -5.16 -34.81
N ALA A 170 20.78 -5.18 -34.14
CA ALA A 170 19.70 -4.28 -34.52
C ALA A 170 20.10 -2.82 -34.39
N TYR A 171 20.98 -2.51 -33.44
CA TYR A 171 21.43 -1.14 -33.21
C TYR A 171 22.61 -0.75 -34.09
N GLY A 172 23.03 -1.61 -35.01
CA GLY A 172 24.12 -1.31 -35.92
C GLY A 172 25.04 -2.49 -36.12
N LYS A 173 25.82 -2.43 -37.20
CA LYS A 173 26.76 -3.50 -37.51
C LYS A 173 28.09 -3.35 -36.77
N SER A 174 28.37 -2.18 -36.22
CA SER A 174 29.57 -2.00 -35.41
C SER A 174 29.23 -2.25 -33.94
N PHE A 175 30.29 -2.44 -33.14
CA PHE A 175 30.06 -2.65 -31.72
C PHE A 175 31.38 -2.55 -30.96
N PHE A 176 31.33 -1.95 -29.78
CA PHE A 176 32.41 -2.05 -28.81
C PHE A 176 32.36 -3.42 -28.13
N GLU A 177 33.53 -3.99 -27.90
CA GLU A 177 33.69 -5.09 -26.95
C GLU A 177 34.41 -4.53 -25.73
N LEU A 178 33.73 -4.53 -24.60
CA LEU A 178 34.26 -3.92 -23.40
C LEU A 178 35.22 -4.87 -22.68
N ASN A 179 36.08 -4.30 -21.85
CA ASN A 179 36.91 -5.11 -20.97
C ASN A 179 36.01 -5.94 -20.05
N ASP A 180 36.49 -7.15 -19.72
CA ASP A 180 35.64 -8.12 -19.05
C ASP A 180 35.27 -7.69 -17.63
N ASN A 181 36.14 -6.91 -16.97
CA ASN A 181 35.84 -6.47 -15.61
C ASN A 181 34.54 -5.68 -15.54
N VAL A 182 34.17 -5.01 -16.65
CA VAL A 182 32.94 -4.24 -16.69
C VAL A 182 31.73 -5.12 -16.39
N LYS A 183 31.81 -6.41 -16.74
CA LYS A 183 30.70 -7.32 -16.48
C LYS A 183 30.38 -7.43 -14.99
N THR A 184 31.35 -7.14 -14.11
CA THR A 184 31.09 -7.21 -12.68
C THR A 184 30.21 -6.06 -12.19
N ASN A 185 30.01 -5.01 -12.99
CA ASN A 185 29.15 -3.89 -12.63
C ASN A 185 27.83 -3.90 -13.38
N CYS A 186 27.40 -5.07 -13.87
CA CYS A 186 26.23 -5.16 -14.73
C CYS A 186 25.13 -5.96 -14.05
N THR A 187 23.89 -5.64 -14.40
CA THR A 187 22.76 -6.53 -14.21
C THR A 187 22.42 -7.18 -15.55
N PHE A 188 21.77 -8.33 -15.49
CA PHE A 188 21.49 -9.11 -16.69
C PHE A 188 20.04 -9.54 -16.73
N SER A 189 19.46 -9.52 -17.93
CA SER A 189 18.08 -9.88 -18.17
C SER A 189 17.99 -10.74 -19.43
N PRO A 190 17.16 -11.78 -19.41
CA PRO A 190 16.98 -12.60 -20.62
C PRO A 190 16.15 -11.92 -21.70
N PHE A 191 15.44 -10.85 -21.36
CA PHE A 191 14.70 -10.05 -22.33
C PHE A 191 15.02 -8.58 -22.09
N ASP A 192 14.98 -7.79 -23.16
CA ASP A 192 15.16 -6.35 -23.00
C ASP A 192 14.02 -5.80 -22.14
N ILE A 193 14.39 -5.05 -21.09
CA ILE A 193 13.42 -4.66 -20.08
C ILE A 193 12.36 -3.70 -20.61
N TYR A 194 12.57 -3.13 -21.80
CA TYR A 194 11.58 -2.27 -22.43
C TYR A 194 10.53 -3.04 -23.22
N GLY A 195 10.68 -4.37 -23.35
CA GLY A 195 9.80 -5.16 -24.18
C GLY A 195 8.69 -5.85 -23.40
N HIS A 196 7.89 -6.60 -24.15
CA HIS A 196 6.71 -7.26 -23.57
C HIS A 196 7.08 -8.50 -22.78
N ARG A 197 8.07 -9.26 -23.24
CA ARG A 197 8.34 -10.56 -22.62
C ARG A 197 8.99 -10.41 -21.25
N PHE A 198 9.72 -9.31 -21.02
CA PHE A 198 10.27 -9.07 -19.70
C PHE A 198 9.16 -8.82 -18.68
N GLY A 199 8.11 -8.11 -19.09
CA GLY A 199 6.95 -7.91 -18.23
C GLY A 199 7.22 -7.11 -16.97
N LEU A 200 8.27 -6.29 -16.96
CA LEU A 200 8.65 -5.48 -15.80
C LEU A 200 8.83 -6.36 -14.56
N ASP A 201 9.40 -7.54 -14.77
CA ASP A 201 9.57 -8.54 -13.71
C ASP A 201 10.99 -8.41 -13.16
N THR A 202 11.11 -7.81 -11.96
CA THR A 202 12.41 -7.64 -11.35
C THR A 202 13.08 -8.98 -11.04
N SER A 203 12.27 -10.02 -10.80
CA SER A 203 12.82 -11.33 -10.48
C SER A 203 13.55 -11.98 -11.65
N LYS A 204 13.47 -11.39 -12.85
CA LYS A 204 14.20 -11.89 -14.00
C LYS A 204 15.58 -11.25 -14.15
N LEU A 205 15.96 -10.35 -13.24
CA LEU A 205 17.26 -9.71 -13.28
C LEU A 205 18.24 -10.48 -12.39
N SER A 206 19.51 -10.47 -12.81
CA SER A 206 20.56 -11.10 -12.02
C SER A 206 21.81 -10.22 -12.08
N THR A 207 22.81 -10.61 -11.29
CA THR A 207 24.10 -9.94 -11.30
C THR A 207 25.15 -10.88 -11.89
N PHE A 208 26.38 -10.37 -11.99
CA PHE A 208 27.47 -11.17 -12.55
C PHE A 208 27.70 -12.44 -11.74
N TRP A 209 27.35 -12.42 -10.45
CA TRP A 209 27.60 -13.55 -9.57
C TRP A 209 26.39 -14.45 -9.41
N HIS A 210 25.37 -14.29 -10.24
CA HIS A 210 24.15 -15.10 -10.13
C HIS A 210 23.60 -15.44 -11.51
N MET A 211 24.50 -15.78 -12.43
CA MET A 211 24.10 -16.21 -13.77
C MET A 211 23.10 -17.37 -13.74
N GLU A 212 23.09 -18.15 -12.66
CA GLU A 212 22.11 -19.22 -12.53
C GLU A 212 20.70 -18.68 -12.75
N ASN A 213 20.38 -17.52 -12.18
CA ASN A 213 19.06 -16.93 -12.38
C ASN A 213 18.78 -16.73 -13.86
N LEU A 214 19.76 -16.22 -14.60
CA LEU A 214 19.62 -16.09 -16.05
C LEU A 214 19.29 -17.44 -16.67
N ILE A 215 20.01 -18.49 -16.28
CA ILE A 215 19.76 -19.82 -16.81
C ILE A 215 18.35 -20.28 -16.47
N ALA A 216 17.84 -19.86 -15.31
CA ALA A 216 16.48 -20.21 -14.91
C ALA A 216 15.44 -19.36 -15.60
N SER A 217 15.82 -18.25 -16.23
CA SER A 217 14.86 -17.28 -16.74
C SER A 217 14.93 -17.08 -18.25
N CYS A 218 15.98 -17.57 -18.93
CA CYS A 218 16.11 -17.32 -20.35
C CYS A 218 15.05 -18.08 -21.14
N GLN A 219 14.82 -17.63 -22.36
CA GLN A 219 13.77 -18.22 -23.19
C GLN A 219 14.19 -19.58 -23.72
N ASN A 220 13.20 -20.45 -23.93
CA ASN A 220 13.36 -21.77 -24.52
C ASN A 220 12.32 -21.98 -25.61
N ASP A 221 12.27 -21.03 -26.54
CA ASP A 221 11.20 -21.00 -27.53
C ASP A 221 11.26 -22.21 -28.45
N PHE A 222 10.10 -22.66 -28.88
CA PHE A 222 9.97 -23.83 -29.74
C PHE A 222 10.13 -23.52 -31.22
N PHE A 223 10.38 -22.25 -31.57
CA PHE A 223 10.70 -21.89 -32.94
C PHE A 223 11.62 -20.68 -32.92
N GLY A 224 12.38 -20.54 -34.00
CA GLY A 224 13.36 -19.46 -34.05
C GLY A 224 14.55 -19.74 -33.15
N TYR A 225 15.23 -18.65 -32.77
CA TYR A 225 16.38 -18.74 -31.90
C TYR A 225 15.96 -19.24 -30.52
N ASN A 226 16.71 -20.21 -30.00
CA ASN A 226 16.47 -20.78 -28.67
C ASN A 226 17.70 -20.52 -27.82
N CYS A 227 17.55 -19.68 -26.79
CA CYS A 227 18.68 -19.31 -25.95
C CYS A 227 19.11 -20.46 -25.05
N PHE A 228 18.14 -21.14 -24.43
CA PHE A 228 18.47 -22.21 -23.49
C PHE A 228 19.21 -23.34 -24.18
N LYS A 229 18.67 -23.85 -25.29
CA LYS A 229 19.32 -24.95 -26.01
C LYS A 229 20.67 -24.53 -26.55
N SER A 230 20.82 -23.27 -26.97
CA SER A 230 22.12 -22.79 -27.42
C SER A 230 23.14 -22.80 -26.29
N LEU A 231 22.73 -22.39 -25.09
CA LEU A 231 23.65 -22.37 -23.97
C LEU A 231 23.99 -23.78 -23.51
N VAL A 232 23.02 -24.71 -23.58
CA VAL A 232 23.29 -26.09 -23.22
C VAL A 232 24.25 -26.74 -24.21
N LYS A 233 24.01 -26.53 -25.51
CA LYS A 233 24.90 -27.11 -26.51
C LYS A 233 26.30 -26.52 -26.44
N MET A 234 26.40 -25.21 -26.17
CA MET A 234 27.72 -24.62 -26.00
C MET A 234 28.40 -25.12 -24.73
N ALA A 235 27.63 -25.44 -23.69
CA ALA A 235 28.23 -25.97 -22.47
C ALA A 235 28.81 -27.35 -22.69
N LYS A 236 28.19 -28.17 -23.54
CA LYS A 236 28.71 -29.49 -23.86
C LYS A 236 29.81 -29.45 -24.92
N ASP A 237 30.38 -28.27 -25.18
CA ASP A 237 31.48 -28.11 -26.12
C ASP A 237 31.14 -28.62 -27.52
N GLU A 238 29.86 -28.53 -27.89
CA GLU A 238 29.43 -28.91 -29.24
C GLU A 238 29.60 -27.73 -30.18
N LYS A 239 30.27 -27.96 -31.29
CA LYS A 239 30.54 -26.90 -32.26
C LYS A 239 29.33 -26.70 -33.16
N PHE A 240 28.79 -25.48 -33.16
CA PHE A 240 27.61 -25.17 -33.96
C PHE A 240 27.61 -23.69 -34.30
N LEU A 241 26.87 -23.35 -35.37
CA LEU A 241 26.68 -21.96 -35.76
C LEU A 241 25.43 -21.40 -35.09
N ALA A 242 25.53 -20.17 -34.60
CA ALA A 242 24.41 -19.53 -33.93
C ALA A 242 23.25 -19.30 -34.89
N HIS A 243 22.03 -19.31 -34.34
CA HIS A 243 20.83 -19.03 -35.12
C HIS A 243 20.93 -17.66 -35.78
N SER A 244 20.35 -17.54 -36.97
CA SER A 244 20.46 -16.30 -37.73
C SER A 244 19.73 -15.14 -37.07
N ASN A 245 18.82 -15.41 -36.13
CA ASN A 245 18.11 -14.36 -35.42
C ASN A 245 18.75 -14.01 -34.09
N TYR A 246 19.84 -14.67 -33.73
CA TYR A 246 20.55 -14.36 -32.49
C TYR A 246 21.08 -12.93 -32.53
N GLY A 247 20.57 -12.09 -31.63
CA GLY A 247 21.00 -10.72 -31.54
C GLY A 247 20.47 -9.78 -32.60
N LYS A 248 19.60 -10.26 -33.48
CA LYS A 248 19.11 -9.42 -34.58
C LYS A 248 17.88 -8.61 -34.20
N GLY A 249 16.99 -9.18 -33.39
CA GLY A 249 15.79 -8.50 -32.95
C GLY A 249 15.91 -7.95 -31.54
N TYR A 250 14.76 -7.70 -30.94
CA TYR A 250 14.63 -7.31 -29.55
C TYR A 250 14.07 -8.51 -28.77
N GLU A 251 13.42 -8.24 -27.64
CA GLU A 251 12.74 -9.26 -26.83
C GLU A 251 13.77 -10.30 -26.41
N GLY A 252 13.60 -11.57 -26.73
CA GLY A 252 14.47 -12.63 -26.26
C GLY A 252 15.62 -13.02 -27.17
N ASN A 253 15.91 -12.22 -28.20
CA ASN A 253 16.98 -12.60 -29.12
C ASN A 253 18.37 -12.40 -28.54
N TYR A 254 18.52 -11.58 -27.51
CA TYR A 254 19.81 -11.37 -26.88
C TYR A 254 19.64 -11.25 -25.37
N ILE A 255 20.72 -11.49 -24.66
CA ILE A 255 20.78 -11.29 -23.21
C ILE A 255 21.16 -9.84 -22.97
N GLU A 256 20.22 -9.04 -22.44
CA GLU A 256 20.47 -7.63 -22.22
C GLU A 256 21.29 -7.44 -20.95
N ALA A 257 22.29 -6.55 -21.03
CA ALA A 257 23.12 -6.20 -19.89
C ALA A 257 22.98 -4.72 -19.60
N HIS A 258 23.05 -4.38 -18.31
CA HIS A 258 22.93 -3.01 -17.85
C HIS A 258 24.20 -2.67 -17.07
N ILE A 259 25.04 -1.83 -17.65
CA ILE A 259 26.30 -1.41 -17.06
C ILE A 259 26.00 -0.27 -16.09
N HIS A 260 26.21 -0.53 -14.80
CA HIS A 260 25.99 0.49 -13.78
C HIS A 260 27.32 1.19 -13.51
N GLY A 261 27.50 2.35 -14.13
CA GLY A 261 28.77 3.06 -14.12
C GLY A 261 29.05 3.66 -15.48
N ASP A 262 30.15 4.39 -15.61
CA ASP A 262 30.51 5.02 -16.87
C ASP A 262 31.32 4.07 -17.74
N VAL A 263 31.24 4.30 -19.06
CA VAL A 263 32.05 3.59 -20.04
C VAL A 263 32.95 4.62 -20.70
N CYS A 264 34.24 4.56 -20.42
CA CYS A 264 35.20 5.52 -20.93
C CYS A 264 35.99 4.92 -22.09
N LEU A 265 36.19 5.73 -23.13
CA LEU A 265 36.96 5.33 -24.30
C LEU A 265 38.34 5.99 -24.25
N PHE A 266 39.39 5.19 -24.36
CA PHE A 266 39.29 3.75 -24.62
C PHE A 266 39.67 2.96 -23.38
N ARG A 267 39.51 3.59 -22.20
CA ARG A 267 39.94 2.97 -20.95
C ARG A 267 39.22 1.64 -20.71
N ASP A 268 37.90 1.62 -20.93
CA ASP A 268 37.09 0.43 -20.66
C ASP A 268 36.81 -0.38 -21.93
N ILE A 269 37.56 -0.14 -23.00
CA ILE A 269 37.28 -0.75 -24.30
C ILE A 269 38.39 -1.72 -24.64
N LYS A 270 38.02 -2.98 -24.86
CA LYS A 270 38.95 -3.98 -25.36
C LYS A 270 39.14 -3.84 -26.87
N HIS A 271 38.05 -3.94 -27.63
CA HIS A 271 38.10 -3.80 -29.07
C HIS A 271 36.93 -2.94 -29.54
N VAL A 272 37.12 -2.31 -30.70
CA VAL A 272 36.06 -1.64 -31.43
C VAL A 272 35.98 -2.28 -32.81
N TYR A 273 34.93 -3.07 -33.04
CA TYR A 273 34.72 -3.73 -34.32
C TYR A 273 33.96 -2.76 -35.23
N LEU A 274 34.68 -2.15 -36.17
CA LEU A 274 34.09 -1.22 -37.13
C LEU A 274 33.66 -1.96 -38.38
N SER A 275 32.42 -1.75 -38.81
CA SER A 275 31.92 -2.35 -40.03
C SER A 275 32.46 -1.58 -41.24
N LEU A 276 33.03 -2.32 -42.20
CA LEU A 276 33.50 -1.70 -43.43
C LEU A 276 32.35 -1.35 -44.36
N GLN A 277 31.33 -2.21 -44.42
CA GLN A 277 30.21 -1.97 -45.32
C GLN A 277 29.30 -0.86 -44.80
N GLU A 278 28.89 -0.97 -43.53
CA GLU A 278 27.96 0.00 -42.93
C GLU A 278 28.79 1.07 -42.23
N ASN A 279 29.20 2.08 -43.00
CA ASN A 279 30.05 3.14 -42.48
C ASN A 279 29.94 4.36 -43.38
N SER A 280 30.03 5.54 -42.76
CA SER A 280 30.02 6.80 -43.50
C SER A 280 31.41 7.21 -43.97
N TYR A 281 32.43 6.42 -43.66
CA TYR A 281 33.80 6.68 -44.08
C TYR A 281 34.22 5.65 -45.12
N SER A 282 35.23 6.01 -45.91
CA SER A 282 35.71 5.13 -46.97
C SER A 282 36.67 4.09 -46.41
N LYS A 283 37.03 3.13 -47.27
CA LYS A 283 37.95 2.07 -46.85
C LYS A 283 39.31 2.63 -46.47
N SER A 284 39.86 3.51 -47.31
CA SER A 284 41.15 4.14 -47.02
C SER A 284 41.10 4.89 -45.69
N GLN A 285 40.04 5.68 -45.49
CA GLN A 285 39.93 6.46 -44.27
C GLN A 285 39.79 5.54 -43.05
N LEU A 286 39.03 4.45 -43.17
CA LEU A 286 38.88 3.54 -42.05
C LEU A 286 40.20 2.87 -41.70
N TYR A 287 40.95 2.41 -42.71
CA TYR A 287 42.26 1.83 -42.43
C TYR A 287 43.21 2.85 -41.80
N ASP A 288 43.16 4.10 -42.26
CA ASP A 288 44.01 5.13 -41.68
C ASP A 288 43.64 5.39 -40.22
N TYR A 289 42.34 5.42 -39.91
CA TYR A 289 41.90 5.62 -38.53
C TYR A 289 42.33 4.46 -37.65
N ALA A 290 42.15 3.22 -38.13
CA ALA A 290 42.56 2.06 -37.35
C ALA A 290 44.05 2.07 -37.09
N LYS A 291 44.85 2.39 -38.11
CA LYS A 291 46.30 2.45 -37.94
C LYS A 291 46.69 3.54 -36.95
N GLN A 292 46.08 4.72 -37.08
CA GLN A 292 46.42 5.85 -36.22
C GLN A 292 46.07 5.57 -34.77
N ILE A 293 44.80 5.20 -34.51
CA ILE A 293 44.36 4.94 -33.15
C ILE A 293 45.13 3.78 -32.55
N ASN A 294 45.27 2.70 -33.30
CA ASN A 294 45.94 1.50 -32.77
C ASN A 294 47.40 1.78 -32.47
N GLN A 295 48.08 2.55 -33.33
CA GLN A 295 49.47 2.90 -33.05
C GLN A 295 49.57 3.86 -31.85
N ALA A 296 48.60 4.74 -31.69
CA ALA A 296 48.61 5.66 -30.56
C ALA A 296 48.38 4.93 -29.24
N LEU A 297 47.53 3.90 -29.25
CA LEU A 297 47.23 3.14 -28.05
C LEU A 297 48.19 1.98 -27.83
N ASN A 298 49.02 1.64 -28.82
CA ASN A 298 49.90 0.47 -28.77
C ASN A 298 49.11 -0.81 -28.50
N ARG A 299 47.88 -0.88 -29.00
CA ARG A 299 47.05 -2.06 -28.90
C ARG A 299 46.33 -2.27 -30.23
N ASP A 300 45.84 -3.48 -30.43
CA ASP A 300 44.98 -3.78 -31.58
C ASP A 300 43.51 -3.60 -31.19
N CYS A 301 43.17 -2.36 -30.83
CA CYS A 301 41.83 -2.05 -30.37
C CYS A 301 40.85 -1.96 -31.52
N ILE A 302 41.13 -1.09 -32.49
CA ILE A 302 40.25 -0.93 -33.64
C ILE A 302 40.46 -2.11 -34.59
N ILE A 303 39.39 -2.85 -34.86
CA ILE A 303 39.42 -4.00 -35.77
C ILE A 303 38.37 -3.77 -36.84
N LEU A 304 38.82 -3.69 -38.10
CA LEU A 304 37.92 -3.56 -39.22
C LEU A 304 37.48 -4.94 -39.70
N TYR A 305 36.22 -5.05 -40.09
CA TYR A 305 35.68 -6.33 -40.54
C TYR A 305 34.45 -6.13 -41.42
N ARG B 3 47.56 16.51 -19.01
CA ARG B 3 48.05 16.16 -17.68
C ARG B 3 48.60 14.73 -17.69
N PRO B 4 49.58 14.45 -16.82
CA PRO B 4 50.07 13.07 -16.69
C PRO B 4 49.13 12.23 -15.85
N GLU B 5 48.96 10.98 -16.29
CA GLU B 5 48.03 10.04 -15.67
C GLU B 5 48.80 8.92 -14.98
N MET B 6 48.28 8.47 -13.83
CA MET B 6 48.84 7.32 -13.15
C MET B 6 47.73 6.33 -12.83
N ARG B 7 47.89 5.08 -13.26
CA ARG B 7 46.86 4.07 -13.05
C ARG B 7 47.12 3.31 -11.76
N ILE B 8 46.09 3.26 -10.91
CA ILE B 8 46.20 2.70 -9.56
C ILE B 8 45.12 1.65 -9.38
N LEU B 9 45.52 0.45 -8.96
CA LEU B 9 44.58 -0.57 -8.51
C LEU B 9 44.61 -0.60 -6.98
N MET B 10 43.47 -0.29 -6.37
CA MET B 10 43.33 -0.32 -4.91
C MET B 10 42.63 -1.63 -4.54
N VAL B 11 43.37 -2.51 -3.86
CA VAL B 11 42.89 -3.82 -3.48
C VAL B 11 43.05 -3.98 -1.97
N GLY B 12 42.65 -5.15 -1.48
CA GLY B 12 42.67 -5.45 -0.06
C GLY B 12 41.40 -6.17 0.37
N LEU B 13 41.41 -6.70 1.59
CA LEU B 13 40.24 -7.40 2.10
C LEU B 13 39.04 -6.46 2.18
N ASP B 14 37.85 -7.07 2.13
CA ASP B 14 36.63 -6.29 2.31
C ASP B 14 36.60 -5.67 3.71
N ALA B 15 35.91 -4.54 3.81
CA ALA B 15 35.77 -3.74 5.04
C ALA B 15 37.07 -3.09 5.47
N ALA B 16 38.13 -3.16 4.65
CA ALA B 16 39.38 -2.48 5.00
C ALA B 16 39.25 -0.97 4.89
N GLY B 17 38.33 -0.48 4.07
CA GLY B 17 38.12 0.94 3.88
C GLY B 17 38.44 1.47 2.51
N LYS B 18 38.44 0.62 1.47
CA LYS B 18 38.85 1.05 0.14
C LYS B 18 37.90 2.09 -0.44
N THR B 19 36.61 1.79 -0.48
CA THR B 19 35.64 2.72 -1.06
C THR B 19 35.62 4.04 -0.32
N THR B 20 35.67 3.99 1.02
CA THR B 20 35.73 5.21 1.82
C THR B 20 36.94 6.06 1.45
N ILE B 21 38.08 5.42 1.22
CA ILE B 21 39.28 6.15 0.83
C ILE B 21 39.10 6.78 -0.55
N LEU B 22 38.60 6.00 -1.51
CA LEU B 22 38.42 6.50 -2.87
C LEU B 22 37.52 7.74 -2.89
N TYR B 23 36.36 7.65 -2.24
CA TYR B 23 35.43 8.77 -2.30
C TYR B 23 35.72 9.86 -1.28
N LYS B 24 36.60 9.60 -0.31
CA LYS B 24 37.14 10.69 0.49
C LYS B 24 38.14 11.51 -0.31
N LEU B 25 38.96 10.84 -1.13
CA LEU B 25 39.85 11.56 -2.04
C LEU B 25 39.09 12.27 -3.14
N LYS B 26 38.01 11.66 -3.63
CA LYS B 26 37.31 12.20 -4.79
C LYS B 26 36.31 13.30 -4.39
N LEU B 27 35.58 13.10 -3.29
CA LEU B 27 34.55 14.05 -2.88
C LEU B 27 34.91 14.87 -1.65
N GLY B 28 35.79 14.36 -0.79
CA GLY B 28 35.99 14.98 0.50
C GLY B 28 34.95 14.63 1.54
N GLU B 29 34.11 13.64 1.26
CA GLU B 29 33.04 13.21 2.14
C GLU B 29 33.26 11.76 2.56
N ILE B 30 32.46 11.33 3.52
CA ILE B 30 32.41 9.93 3.96
C ILE B 30 31.12 9.35 3.42
N VAL B 31 31.20 8.60 2.33
CA VAL B 31 30.00 8.12 1.67
C VAL B 31 29.36 6.99 2.49
N THR B 32 28.06 6.81 2.30
CA THR B 32 27.38 5.68 2.92
C THR B 32 27.95 4.36 2.41
N THR B 33 27.94 3.36 3.29
CA THR B 33 28.47 2.05 2.96
C THR B 33 27.67 1.44 1.82
N ILE B 34 28.27 1.38 0.63
CA ILE B 34 27.66 0.75 -0.53
C ILE B 34 28.45 -0.52 -0.84
N PRO B 35 27.82 -1.69 -0.77
CA PRO B 35 28.53 -2.93 -1.14
C PRO B 35 29.14 -2.81 -2.52
N THR B 36 30.43 -3.13 -2.62
CA THR B 36 31.14 -3.09 -3.89
C THR B 36 30.94 -4.44 -4.57
N ILE B 37 29.83 -4.56 -5.31
CA ILE B 37 29.53 -5.80 -5.99
C ILE B 37 30.55 -6.07 -7.09
N GLY B 38 30.91 -5.03 -7.83
CA GLY B 38 31.94 -5.15 -8.84
C GLY B 38 33.15 -4.30 -8.50
N PHE B 39 33.08 -3.02 -8.83
CA PHE B 39 34.19 -2.11 -8.56
C PHE B 39 33.69 -0.68 -8.71
N ASN B 40 34.49 0.25 -8.21
CA ASN B 40 34.36 1.66 -8.50
C ASN B 40 35.61 2.11 -9.23
N VAL B 41 35.55 3.28 -9.86
CA VAL B 41 36.71 3.85 -10.52
C VAL B 41 36.52 5.35 -10.59
N GLU B 42 37.52 6.09 -10.11
CA GLU B 42 37.42 7.55 -10.07
C GLU B 42 38.75 8.17 -10.42
N THR B 43 38.69 9.37 -10.99
CA THR B 43 39.88 10.16 -11.30
C THR B 43 40.03 11.25 -10.24
N VAL B 44 41.21 11.33 -9.65
CA VAL B 44 41.52 12.31 -8.61
C VAL B 44 42.65 13.17 -9.12
N GLU B 45 42.42 14.48 -9.21
CA GLU B 45 43.44 15.43 -9.64
C GLU B 45 44.20 15.91 -8.42
N TYR B 46 45.50 15.63 -8.38
CA TYR B 46 46.34 15.98 -7.24
C TYR B 46 47.75 16.26 -7.73
N LYS B 47 48.26 17.44 -7.40
CA LYS B 47 49.63 17.85 -7.74
C LYS B 47 49.93 17.64 -9.22
N ASN B 48 49.04 18.16 -10.07
CA ASN B 48 49.15 18.09 -11.53
C ASN B 48 49.18 16.65 -12.04
N ILE B 49 48.66 15.70 -11.27
CA ILE B 49 48.58 14.31 -11.69
C ILE B 49 47.12 13.88 -11.67
N SER B 50 46.71 13.12 -12.68
CA SER B 50 45.35 12.61 -12.80
C SER B 50 45.38 11.13 -12.46
N PHE B 51 45.14 10.82 -11.19
CA PHE B 51 45.12 9.43 -10.74
C PHE B 51 43.84 8.75 -11.19
N THR B 52 43.97 7.61 -11.86
CA THR B 52 42.83 6.75 -12.18
C THR B 52 42.85 5.59 -11.21
N VAL B 53 41.93 5.60 -10.25
CA VAL B 53 41.95 4.68 -9.13
C VAL B 53 40.78 3.71 -9.30
N TRP B 54 41.10 2.42 -9.38
CA TRP B 54 40.11 1.35 -9.39
C TRP B 54 39.97 0.78 -7.99
N ASP B 55 38.77 0.90 -7.43
CA ASP B 55 38.42 0.28 -6.15
C ASP B 55 37.77 -1.06 -6.45
N VAL B 56 38.57 -2.12 -6.41
CA VAL B 56 38.11 -3.47 -6.76
C VAL B 56 37.53 -4.11 -5.51
N GLY B 57 36.27 -4.54 -5.58
CA GLY B 57 35.63 -5.13 -4.43
C GLY B 57 36.31 -6.41 -3.98
N GLY B 58 36.59 -7.30 -4.93
CA GLY B 58 37.29 -8.53 -4.62
C GLY B 58 37.66 -9.30 -5.87
N LEU B 59 38.92 -9.23 -6.27
CA LEU B 59 39.42 -9.98 -7.41
C LEU B 59 39.76 -11.42 -7.07
N ASP B 60 39.24 -11.92 -5.95
CA ASP B 60 39.59 -13.25 -5.46
C ASP B 60 39.17 -14.31 -6.46
N LYS B 61 37.94 -14.24 -6.93
CA LYS B 61 37.38 -15.24 -7.82
C LYS B 61 37.32 -14.76 -9.27
N ILE B 62 37.93 -13.61 -9.58
CA ILE B 62 37.92 -13.04 -10.92
C ILE B 62 39.30 -12.47 -11.28
N ARG B 63 40.36 -13.18 -10.90
CA ARG B 63 41.70 -12.72 -11.28
C ARG B 63 41.92 -12.61 -12.78
N PRO B 64 41.47 -13.55 -13.63
CA PRO B 64 41.64 -13.34 -15.08
C PRO B 64 40.98 -12.08 -15.62
N LEU B 65 39.89 -11.62 -14.99
CA LEU B 65 39.15 -10.48 -15.52
C LEU B 65 39.91 -9.16 -15.41
N TRP B 66 40.90 -9.07 -14.52
CA TRP B 66 41.64 -7.83 -14.30
C TRP B 66 43.07 -7.85 -14.84
N ARG B 67 43.51 -8.97 -15.43
CA ARG B 67 44.88 -9.03 -15.92
C ARG B 67 45.12 -8.07 -17.07
N HIS B 68 44.07 -7.74 -17.83
CA HIS B 68 44.20 -6.81 -18.95
C HIS B 68 44.84 -5.50 -18.51
N TYR B 69 44.47 -5.00 -17.32
CA TYR B 69 45.02 -3.75 -16.82
C TYR B 69 46.40 -3.92 -16.18
N PHE B 70 46.76 -5.15 -15.80
CA PHE B 70 47.95 -5.36 -14.99
C PHE B 70 49.21 -4.81 -15.65
N GLN B 71 49.31 -4.94 -16.98
CA GLN B 71 50.49 -4.48 -17.68
C GLN B 71 50.70 -2.97 -17.54
N ASN B 72 49.61 -2.21 -17.44
CA ASN B 72 49.69 -0.76 -17.35
C ASN B 72 49.35 -0.24 -15.95
N THR B 73 49.26 -1.12 -14.96
CA THR B 73 49.03 -0.70 -13.58
C THR B 73 50.35 -0.15 -13.04
N GLN B 74 50.41 1.17 -12.84
CA GLN B 74 51.62 1.78 -12.33
C GLN B 74 51.70 1.71 -10.81
N GLY B 75 50.57 1.74 -10.12
CA GLY B 75 50.58 1.67 -8.67
C GLY B 75 49.52 0.77 -8.07
N LEU B 76 49.93 -0.07 -7.13
CA LEU B 76 49.02 -0.87 -6.32
C LEU B 76 48.90 -0.27 -4.93
N ILE B 77 47.67 -0.01 -4.49
CA ILE B 77 47.41 0.43 -3.13
C ILE B 77 46.71 -0.72 -2.41
N PHE B 78 47.38 -1.28 -1.41
CA PHE B 78 46.82 -2.36 -0.61
C PHE B 78 46.34 -1.79 0.71
N VAL B 79 45.02 -1.83 0.94
CA VAL B 79 44.41 -1.26 2.14
C VAL B 79 44.16 -2.37 3.14
N VAL B 80 44.58 -2.16 4.39
CA VAL B 80 44.42 -3.15 5.44
C VAL B 80 43.70 -2.51 6.63
N ASP B 81 42.84 -3.29 7.27
CA ASP B 81 42.18 -2.87 8.51
C ASP B 81 43.16 -3.11 9.66
N SER B 82 43.77 -2.02 10.15
CA SER B 82 44.76 -2.15 11.21
C SER B 82 44.13 -2.60 12.52
N ASN B 83 42.82 -2.50 12.67
CA ASN B 83 42.13 -2.96 13.88
C ASN B 83 41.73 -4.42 13.80
N ASP B 84 41.81 -5.03 12.62
CA ASP B 84 41.34 -6.41 12.42
C ASP B 84 42.53 -7.35 12.55
N ARG B 85 42.87 -7.67 13.79
CA ARG B 85 44.00 -8.57 14.05
C ARG B 85 43.68 -10.00 13.64
N GLU B 86 42.39 -10.38 13.64
CA GLU B 86 42.02 -11.74 13.26
C GLU B 86 42.20 -12.01 11.77
N ARG B 87 42.29 -10.96 10.94
CA ARG B 87 42.34 -11.12 9.49
C ARG B 87 43.60 -10.52 8.86
N VAL B 88 44.58 -10.11 9.66
CA VAL B 88 45.76 -9.45 9.09
C VAL B 88 46.62 -10.43 8.32
N ASN B 89 46.68 -11.70 8.76
CA ASN B 89 47.45 -12.69 8.02
C ASN B 89 46.73 -13.13 6.75
N GLU B 90 45.40 -13.15 6.77
CA GLU B 90 44.64 -13.30 5.53
C GLU B 90 45.00 -12.21 4.54
N ALA B 91 45.10 -10.96 5.02
CA ALA B 91 45.55 -9.86 4.19
C ALA B 91 46.98 -10.07 3.71
N ARG B 92 47.83 -10.68 4.54
CA ARG B 92 49.19 -11.00 4.11
C ARG B 92 49.18 -11.97 2.94
N GLU B 93 48.38 -13.03 3.05
CA GLU B 93 48.29 -14.00 1.95
C GLU B 93 47.73 -13.35 0.69
N GLU B 94 46.72 -12.50 0.82
CA GLU B 94 46.18 -11.82 -0.35
C GLU B 94 47.22 -10.91 -1.00
N LEU B 95 47.97 -10.18 -0.18
CA LEU B 95 49.03 -9.33 -0.73
C LEU B 95 50.11 -10.14 -1.42
N MET B 96 50.45 -11.31 -0.86
CA MET B 96 51.42 -12.18 -1.52
C MET B 96 50.89 -12.66 -2.87
N ARG B 97 49.59 -13.00 -2.93
CA ARG B 97 49.00 -13.40 -4.20
C ARG B 97 49.05 -12.28 -5.22
N MET B 98 48.79 -11.04 -4.78
CA MET B 98 48.88 -9.90 -5.69
C MET B 98 50.31 -9.69 -6.18
N LEU B 99 51.29 -9.79 -5.27
CA LEU B 99 52.68 -9.55 -5.61
C LEU B 99 53.33 -10.71 -6.36
N ALA B 100 52.66 -11.85 -6.44
CA ALA B 100 53.16 -12.97 -7.23
C ALA B 100 52.75 -12.90 -8.70
N GLU B 101 51.95 -11.90 -9.08
CA GLU B 101 51.54 -11.75 -10.46
C GLU B 101 52.70 -11.16 -11.27
N ASP B 102 53.14 -11.88 -12.29
CA ASP B 102 54.29 -11.44 -13.08
C ASP B 102 53.99 -10.14 -13.83
N GLU B 103 52.73 -9.91 -14.19
CA GLU B 103 52.37 -8.71 -14.94
C GLU B 103 52.31 -7.47 -14.05
N LEU B 104 52.48 -7.61 -12.74
CA LEU B 104 52.55 -6.49 -11.82
C LEU B 104 53.94 -6.31 -11.23
N ARG B 105 54.95 -6.92 -11.83
CA ARG B 105 56.29 -6.94 -11.23
C ARG B 105 56.93 -5.55 -11.17
N ASP B 106 56.52 -4.62 -12.03
CA ASP B 106 57.10 -3.29 -12.08
C ASP B 106 56.26 -2.23 -11.37
N ALA B 107 55.09 -2.60 -10.86
CA ALA B 107 54.23 -1.64 -10.16
C ALA B 107 54.78 -1.38 -8.77
N VAL B 108 54.64 -0.13 -8.32
CA VAL B 108 55.03 0.24 -6.96
C VAL B 108 53.90 -0.11 -6.00
N LEU B 109 54.26 -0.39 -4.75
CA LEU B 109 53.32 -0.81 -3.74
C LEU B 109 53.19 0.26 -2.65
N LEU B 110 51.96 0.69 -2.39
CA LEU B 110 51.65 1.60 -1.30
C LEU B 110 50.64 0.90 -0.39
N VAL B 111 51.03 0.68 0.86
CA VAL B 111 50.18 0.03 1.84
C VAL B 111 49.53 1.09 2.72
N PHE B 112 48.20 1.05 2.80
CA PHE B 112 47.44 1.92 3.70
C PHE B 112 47.06 1.12 4.94
N ALA B 113 47.70 1.43 6.06
CA ALA B 113 47.32 0.87 7.36
C ALA B 113 46.17 1.70 7.89
N ASN B 114 44.96 1.32 7.49
CA ASN B 114 43.78 2.15 7.68
C ASN B 114 43.20 1.95 9.09
N LYS B 115 42.28 2.85 9.45
CA LYS B 115 41.53 2.79 10.71
C LYS B 115 42.44 2.98 11.93
N GLN B 116 43.41 3.89 11.82
CA GLN B 116 44.26 4.23 12.95
C GLN B 116 43.52 4.99 14.05
N ASP B 117 42.31 5.48 13.78
CA ASP B 117 41.52 6.15 14.79
C ASP B 117 40.95 5.21 15.84
N LEU B 118 40.97 3.91 15.58
CA LEU B 118 40.42 2.95 16.53
C LEU B 118 41.43 2.64 17.64
N PRO B 119 40.98 2.44 18.87
CA PRO B 119 41.91 2.37 20.00
C PRO B 119 42.87 1.19 19.94
N ASN B 120 42.44 0.04 19.42
CA ASN B 120 43.23 -1.18 19.43
C ASN B 120 43.96 -1.41 18.11
N ALA B 121 44.06 -0.40 17.26
CA ALA B 121 44.71 -0.57 15.96
C ALA B 121 46.21 -0.62 16.12
N MET B 122 46.84 -1.57 15.43
CA MET B 122 48.29 -1.65 15.40
C MET B 122 48.86 -0.57 14.49
N ASN B 123 50.04 -0.06 14.86
CA ASN B 123 50.65 1.03 14.13
C ASN B 123 51.23 0.54 12.80
N ALA B 124 51.83 1.48 12.06
CA ALA B 124 52.38 1.15 10.75
C ALA B 124 53.51 0.13 10.84
N ALA B 125 54.31 0.18 11.92
CA ALA B 125 55.43 -0.74 12.04
C ALA B 125 54.94 -2.17 12.25
N GLU B 126 53.96 -2.37 13.14
CA GLU B 126 53.44 -3.72 13.38
C GLU B 126 52.78 -4.28 12.13
N ILE B 127 52.02 -3.46 11.41
CA ILE B 127 51.46 -3.89 10.13
C ILE B 127 52.57 -4.25 9.16
N THR B 128 53.64 -3.44 9.12
CA THR B 128 54.78 -3.74 8.26
C THR B 128 55.37 -5.11 8.59
N ASP B 129 55.39 -5.47 9.87
CA ASP B 129 55.94 -6.78 10.24
C ASP B 129 54.98 -7.91 9.88
N LYS B 130 53.68 -7.73 10.15
CA LYS B 130 52.73 -8.81 9.93
C LYS B 130 52.41 -9.04 8.46
N LEU B 131 52.61 -8.03 7.61
CA LEU B 131 52.49 -8.21 6.17
C LEU B 131 53.77 -8.74 5.53
N GLY B 132 54.89 -8.69 6.24
CA GLY B 132 56.15 -9.17 5.69
C GLY B 132 56.78 -8.25 4.68
N LEU B 133 56.53 -6.94 4.78
CA LEU B 133 57.02 -6.01 3.76
C LEU B 133 58.55 -5.97 3.72
N HIS B 134 59.21 -6.11 4.86
CA HIS B 134 60.67 -6.04 4.88
C HIS B 134 61.32 -7.25 4.23
N SER B 135 60.58 -8.34 4.05
CA SER B 135 61.10 -9.51 3.36
C SER B 135 60.95 -9.43 1.85
N LEU B 136 60.45 -8.32 1.33
CA LEU B 136 60.29 -8.16 -0.11
C LEU B 136 61.60 -7.74 -0.76
N ARG B 137 61.77 -8.15 -2.02
CA ARG B 137 62.94 -7.82 -2.80
C ARG B 137 62.52 -7.33 -4.18
N HIS B 138 63.31 -6.41 -4.73
CA HIS B 138 63.07 -5.84 -6.06
C HIS B 138 61.69 -5.22 -6.18
N ARG B 139 61.19 -4.66 -5.08
CA ARG B 139 59.86 -4.03 -5.04
C ARG B 139 59.97 -2.69 -4.34
N ASN B 140 59.61 -1.62 -5.04
CA ASN B 140 59.57 -0.29 -4.46
C ASN B 140 58.27 -0.14 -3.68
N TRP B 141 58.35 -0.14 -2.35
CA TRP B 141 57.17 -0.13 -1.51
C TRP B 141 57.29 0.93 -0.41
N TYR B 142 56.14 1.26 0.17
CA TYR B 142 56.02 2.25 1.23
C TYR B 142 54.70 2.01 1.95
N ILE B 143 54.70 2.26 3.25
CA ILE B 143 53.51 2.07 4.08
C ILE B 143 53.17 3.39 4.75
N GLN B 144 51.87 3.68 4.85
CA GLN B 144 51.38 4.95 5.40
C GLN B 144 50.20 4.67 6.30
N ALA B 145 50.31 5.10 7.56
CA ALA B 145 49.17 5.02 8.48
C ALA B 145 48.12 6.04 8.09
N THR B 146 46.87 5.61 7.98
CA THR B 146 45.79 6.48 7.51
C THR B 146 44.56 6.32 8.38
N CYS B 147 43.69 7.32 8.30
CA CYS B 147 42.32 7.26 8.81
C CYS B 147 41.42 7.79 7.71
N ALA B 148 40.70 6.88 7.05
CA ALA B 148 39.87 7.27 5.91
C ALA B 148 38.78 8.27 6.30
N THR B 149 38.23 8.13 7.51
CA THR B 149 37.17 9.02 7.95
C THR B 149 37.64 10.47 7.98
N SER B 150 38.75 10.74 8.65
CA SER B 150 39.23 12.11 8.78
C SER B 150 40.05 12.54 7.58
N GLY B 151 40.75 11.62 6.92
CA GLY B 151 41.58 11.93 5.78
C GLY B 151 43.07 11.91 6.06
N ASP B 152 43.47 11.74 7.32
CA ASP B 152 44.90 11.71 7.65
C ASP B 152 45.61 10.60 6.90
N GLY B 153 46.79 10.93 6.37
CA GLY B 153 47.64 9.96 5.71
C GLY B 153 47.37 9.74 4.23
N LEU B 154 46.17 10.04 3.75
CA LEU B 154 45.82 9.75 2.37
C LEU B 154 46.69 10.53 1.39
N TYR B 155 46.71 11.85 1.53
CA TYR B 155 47.47 12.69 0.62
C TYR B 155 48.98 12.51 0.78
N GLU B 156 49.44 11.96 1.90
CA GLU B 156 50.84 11.58 2.03
C GLU B 156 51.16 10.39 1.13
N GLY B 157 50.30 9.37 1.14
CA GLY B 157 50.46 8.27 0.21
C GLY B 157 50.38 8.73 -1.24
N LEU B 158 49.46 9.66 -1.53
CA LEU B 158 49.42 10.24 -2.86
C LEU B 158 50.69 11.00 -3.18
N ASP B 159 51.33 11.59 -2.17
CA ASP B 159 52.63 12.24 -2.39
C ASP B 159 53.69 11.22 -2.80
N TRP B 160 53.79 10.11 -2.04
CA TRP B 160 54.76 9.08 -2.38
C TRP B 160 54.52 8.51 -3.78
N LEU B 161 53.27 8.15 -4.08
CA LEU B 161 52.96 7.68 -5.42
C LEU B 161 53.31 8.72 -6.48
N SER B 162 53.06 10.00 -6.18
CA SER B 162 53.44 11.07 -7.10
C SER B 162 54.94 11.06 -7.36
N ASN B 163 55.74 10.84 -6.31
CA ASN B 163 57.19 10.80 -6.50
C ASN B 163 57.63 9.54 -7.25
N GLN B 164 56.85 8.47 -7.16
CA GLN B 164 57.23 7.24 -7.86
C GLN B 164 56.86 7.27 -9.34
N LEU B 165 56.15 8.30 -9.79
CA LEU B 165 55.74 8.40 -11.19
C LEU B 165 56.95 8.59 -12.11
N PRO C 3 36.59 21.87 16.95
CA PRO C 3 36.30 21.34 18.29
C PRO C 3 37.46 20.56 18.89
N SER C 4 37.65 20.68 20.20
CA SER C 4 38.72 19.97 20.89
C SER C 4 38.52 18.46 20.78
N ASN C 5 39.64 17.74 20.71
CA ASN C 5 39.58 16.29 20.55
C ASN C 5 38.93 15.62 21.75
N GLU C 6 39.22 16.13 22.95
CA GLU C 6 38.53 15.62 24.13
C GLU C 6 37.05 15.97 24.09
N GLU C 7 36.71 17.15 23.55
CA GLU C 7 35.31 17.51 23.37
C GLU C 7 34.62 16.57 22.39
N ARG C 8 35.28 16.26 21.27
CA ARG C 8 34.74 15.27 20.36
C ARG C 8 34.55 13.92 21.04
N LYS C 9 35.47 13.55 21.93
CA LYS C 9 35.34 12.30 22.66
C LYS C 9 34.09 12.30 23.54
N LYS C 10 33.88 13.39 24.29
CA LYS C 10 32.70 13.50 25.13
C LYS C 10 31.42 13.45 24.30
N VAL C 11 31.39 14.19 23.18
CA VAL C 11 30.19 14.25 22.36
C VAL C 11 29.87 12.88 21.77
N TYR C 12 30.90 12.21 21.22
CA TYR C 12 30.71 10.86 20.71
C TYR C 12 30.18 9.93 21.78
N GLY C 13 30.70 10.06 23.01
CA GLY C 13 30.17 9.28 24.11
C GLY C 13 28.68 9.52 24.33
N ARG C 14 28.28 10.79 24.37
CA ARG C 14 26.87 11.11 24.55
C ARG C 14 26.01 10.54 23.42
N LEU C 15 26.52 10.58 22.18
CA LEU C 15 25.78 9.99 21.07
C LEU C 15 25.61 8.49 21.26
N PHE C 16 26.66 7.82 21.75
CA PHE C 16 26.54 6.39 22.07
C PHE C 16 25.45 6.17 23.11
N GLY C 17 25.45 6.97 24.18
CA GLY C 17 24.42 6.84 25.19
C GLY C 17 23.01 7.03 24.63
N LYS C 18 22.84 8.01 23.75
CA LYS C 18 21.54 8.22 23.11
C LYS C 18 21.17 7.03 22.24
N GLN C 19 22.16 6.33 21.67
CA GLN C 19 21.86 5.10 20.95
C GLN C 19 21.45 3.98 21.90
N VAL C 20 22.00 3.95 23.11
CA VAL C 20 21.55 2.99 24.11
C VAL C 20 20.07 3.25 24.46
N LEU C 21 19.75 4.50 24.77
CA LEU C 21 18.36 4.87 25.05
C LEU C 21 17.45 4.51 23.89
N ALA C 22 17.89 4.79 22.66
CA ALA C 22 17.09 4.45 21.49
C ALA C 22 16.93 2.94 21.34
N HIS C 23 17.91 2.16 21.79
CA HIS C 23 17.79 0.71 21.73
C HIS C 23 16.74 0.20 22.71
N ILE C 24 16.81 0.66 23.96
CA ILE C 24 15.80 0.25 24.94
C ILE C 24 14.41 0.69 24.48
N HIS C 25 14.30 1.92 23.98
CA HIS C 25 13.02 2.41 23.48
C HIS C 25 12.53 1.57 22.32
N SER C 26 13.45 1.11 21.46
CA SER C 26 13.05 0.24 20.35
C SER C 26 12.50 -1.09 20.86
N ARG C 27 13.18 -1.70 21.83
CA ARG C 27 12.65 -2.92 22.43
C ARG C 27 11.27 -2.70 23.02
N CYS C 28 11.06 -1.57 23.71
CA CYS C 28 9.76 -1.33 24.34
C CYS C 28 8.68 -1.08 23.30
N GLN C 29 9.01 -0.41 22.20
CA GLN C 29 8.05 -0.23 21.12
C GLN C 29 7.69 -1.57 20.48
N ARG C 30 8.67 -2.47 20.38
CA ARG C 30 8.39 -3.79 19.80
C ARG C 30 7.43 -4.60 20.66
N ASP C 31 7.56 -4.51 21.99
CA ASP C 31 6.80 -5.33 22.92
C ASP C 31 5.71 -4.54 23.64
N ALA C 32 5.19 -3.48 23.00
CA ALA C 32 4.20 -2.64 23.67
C ALA C 32 2.94 -3.40 24.03
N ASP C 33 2.48 -4.27 23.13
CA ASP C 33 1.21 -4.96 23.35
C ASP C 33 1.30 -5.97 24.49
N ILE C 34 2.34 -6.81 24.48
CA ILE C 34 2.49 -7.81 25.54
C ILE C 34 2.78 -7.13 26.87
N ILE C 35 3.48 -6.01 26.87
CA ILE C 35 3.73 -5.27 28.10
C ILE C 35 2.43 -4.71 28.66
N ARG C 36 1.62 -4.09 27.80
CA ARG C 36 0.32 -3.58 28.24
C ARG C 36 -0.56 -4.70 28.77
N GLU C 37 -0.53 -5.86 28.11
CA GLU C 37 -1.36 -6.98 28.55
C GLU C 37 -0.90 -7.53 29.89
N LYS C 38 0.41 -7.57 30.13
CA LYS C 38 0.90 -8.01 31.42
C LYS C 38 0.56 -7.01 32.51
N ALA C 39 0.68 -5.72 32.22
CA ALA C 39 0.36 -4.69 33.21
C ALA C 39 -1.13 -4.74 33.58
N LEU C 40 -2.00 -4.76 32.57
CA LEU C 40 -3.44 -4.90 32.83
C LEU C 40 -3.75 -6.21 33.55
N ARG C 41 -2.98 -7.27 33.26
CA ARG C 41 -3.14 -8.53 33.96
C ARG C 41 -2.86 -8.36 35.46
N ARG C 42 -1.79 -7.63 35.80
CA ARG C 42 -1.49 -7.36 37.19
C ARG C 42 -2.56 -6.49 37.84
N ILE C 43 -3.06 -5.48 37.10
CA ILE C 43 -4.05 -4.57 37.65
C ILE C 43 -5.35 -5.33 37.96
N SER C 44 -5.81 -6.15 37.02
CA SER C 44 -7.01 -6.95 37.26
C SER C 44 -6.76 -8.02 38.31
N ARG C 45 -5.51 -8.47 38.46
CA ARG C 45 -5.20 -9.44 39.51
C ARG C 45 -5.32 -8.81 40.89
N GLU C 46 -4.65 -7.68 41.10
CA GLU C 46 -4.72 -7.02 42.42
C GLU C 46 -6.06 -6.34 42.67
N CYS C 47 -6.55 -5.54 41.72
CA CYS C 47 -7.77 -4.79 42.09
C CYS C 47 -9.00 -5.69 42.12
N ILE C 51 -12.81 -2.82 38.74
CA ILE C 51 -12.63 -1.38 38.39
C ILE C 51 -12.15 -1.28 36.94
N ASP C 52 -12.17 -0.08 36.36
CA ASP C 52 -11.67 0.05 34.97
C ASP C 52 -10.14 0.15 35.02
N CYS C 53 -9.49 -0.93 34.65
CA CYS C 53 -8.02 -1.00 34.72
C CYS C 53 -7.40 0.06 33.81
N ALA C 54 -7.75 0.07 32.54
CA ALA C 54 -7.04 0.99 31.64
C ALA C 54 -6.99 2.39 32.25
N LEU C 55 -8.06 2.85 32.90
CA LEU C 55 -8.00 4.19 33.54
C LEU C 55 -6.99 4.21 34.68
N LEU C 56 -6.95 3.14 35.47
CA LEU C 56 -6.02 2.99 36.59
C LEU C 56 -4.58 2.90 36.09
N LEU C 57 -4.37 2.13 35.01
CA LEU C 57 -3.04 2.05 34.42
C LEU C 57 -2.56 3.41 33.94
N ASN C 58 -3.46 4.21 33.36
CA ASN C 58 -3.09 5.55 32.92
C ASN C 58 -2.76 6.45 34.11
N LYS C 59 -3.47 6.28 35.22
CA LYS C 59 -3.16 7.04 36.41
C LYS C 59 -1.78 6.69 36.96
N MET C 60 -1.46 5.39 37.01
CA MET C 60 -0.14 4.97 37.48
C MET C 60 0.96 5.46 36.54
N VAL C 61 0.71 5.40 35.23
CA VAL C 61 1.68 5.89 34.26
C VAL C 61 1.91 7.39 34.45
N ASP C 62 0.83 8.15 34.68
CA ASP C 62 0.99 9.58 34.89
C ASP C 62 1.71 9.89 36.19
N ILE C 63 1.52 9.05 37.21
CA ILE C 63 2.22 9.27 38.49
C ILE C 63 3.71 9.00 38.31
N LEU C 64 4.06 7.89 37.66
CA LEU C 64 5.47 7.59 37.43
C LEU C 64 6.12 8.63 36.52
N GLN C 65 5.37 9.15 35.55
CA GLN C 65 5.94 10.11 34.62
C GLN C 65 6.12 11.48 35.25
N ASN C 66 5.17 11.90 36.09
CA ASN C 66 5.26 13.20 36.75
C ASN C 66 6.04 13.14 38.05
N ALA C 67 6.60 11.99 38.40
CA ALA C 67 7.40 11.87 39.61
C ALA C 67 8.70 12.65 39.47
N ARG C 68 9.26 13.05 40.60
CA ARG C 68 10.51 13.81 40.59
C ARG C 68 11.71 12.86 40.51
N LEU C 69 12.73 13.30 39.78
CA LEU C 69 13.96 12.53 39.59
C LEU C 69 15.02 13.05 40.56
N THR C 70 15.59 12.15 41.36
CA THR C 70 16.49 12.56 42.42
C THR C 70 17.84 11.84 42.29
N ILE C 71 18.89 12.52 42.75
CA ILE C 71 20.22 11.94 42.86
C ILE C 71 20.74 12.23 44.27
N ASN C 72 20.81 11.21 45.11
CA ASN C 72 21.20 11.39 46.50
C ASN C 72 22.71 11.46 46.66
N PHE C 73 23.16 12.30 47.60
CA PHE C 73 24.55 12.37 47.98
C PHE C 73 24.64 12.65 49.47
N ASN C 74 25.82 12.39 50.02
CA ASN C 74 26.11 12.49 51.45
C ASN C 74 27.04 13.68 51.66
N ALA C 75 26.49 14.79 52.11
CA ALA C 75 27.28 16.01 52.29
C ALA C 75 28.26 15.93 53.45
N ALA C 76 28.23 14.85 54.24
CA ALA C 76 29.20 14.66 55.31
C ALA C 76 30.42 13.88 54.85
N LYS C 77 30.33 13.13 53.75
CA LYS C 77 31.45 12.37 53.23
C LYS C 77 32.10 13.05 52.02
N ILE C 78 31.37 13.90 51.30
CA ILE C 78 31.92 14.64 50.18
C ILE C 78 31.63 16.12 50.36
N ASP C 79 32.53 16.95 49.85
CA ASP C 79 32.38 18.40 49.91
C ASP C 79 31.34 18.80 48.87
N PHE C 80 30.15 19.21 49.34
CA PHE C 80 29.10 19.61 48.40
C PHE C 80 29.48 20.86 47.63
N VAL C 81 30.31 21.72 48.21
CA VAL C 81 30.77 22.91 47.52
C VAL C 81 31.65 22.53 46.34
N SER C 82 32.61 21.63 46.56
CA SER C 82 33.43 21.13 45.46
C SER C 82 32.60 20.38 44.43
N LEU C 83 31.51 19.74 44.86
CA LEU C 83 30.62 19.05 43.93
C LEU C 83 29.89 20.04 43.04
N LEU C 84 29.38 21.13 43.62
CA LEU C 84 28.66 22.11 42.82
C LEU C 84 29.58 22.95 41.95
N LYS C 85 30.81 23.21 42.42
CA LYS C 85 31.74 24.04 41.65
C LYS C 85 32.29 23.32 40.43
N ASN C 86 32.15 21.99 40.37
CA ASN C 86 32.56 21.24 39.18
C ASN C 86 31.67 21.53 37.97
N LYS C 87 30.52 22.19 38.18
CA LYS C 87 29.57 22.54 37.13
C LYS C 87 28.98 21.33 36.43
N GLU C 88 29.21 20.12 36.94
CA GLU C 88 28.75 18.91 36.28
C GLU C 88 28.81 17.75 37.26
N TYR C 89 27.81 16.88 37.18
CA TYR C 89 27.76 15.66 37.98
C TYR C 89 28.32 14.50 37.16
N LEU C 90 29.19 13.71 37.77
CA LEU C 90 29.94 12.68 37.07
C LEU C 90 29.60 11.31 37.62
N ASN C 91 29.62 10.31 36.74
CA ASN C 91 29.38 8.93 37.13
C ASN C 91 30.67 8.34 37.69
N SER C 92 30.66 7.04 38.00
CA SER C 92 31.80 6.40 38.65
C SER C 92 33.00 6.24 37.72
N TYR C 93 32.83 6.39 36.41
CA TYR C 93 33.94 6.26 35.48
C TYR C 93 34.83 7.49 35.44
N ALA C 94 34.33 8.64 35.88
CA ALA C 94 35.10 9.88 35.84
C ALA C 94 35.78 10.13 37.18
N PRO C 103 36.79 3.05 41.90
CA PRO C 103 38.01 2.29 41.61
C PRO C 103 37.71 0.93 40.97
N ALA C 104 37.94 -0.15 41.72
CA ALA C 104 37.66 -1.50 41.24
C ALA C 104 36.17 -1.76 41.06
N TYR C 105 35.31 -0.82 41.48
CA TYR C 105 33.88 -0.93 41.27
C TYR C 105 33.51 -0.82 39.80
N ASN C 106 34.33 -0.14 38.99
CA ASN C 106 33.95 0.18 37.63
C ASN C 106 33.92 -1.03 36.70
N VAL C 107 34.66 -2.10 37.02
CA VAL C 107 34.66 -3.27 36.14
C VAL C 107 33.31 -3.99 36.22
N GLY C 108 32.85 -4.27 37.45
CA GLY C 108 31.54 -4.86 37.60
C GLY C 108 30.43 -3.97 37.08
N ARG C 109 30.62 -2.66 37.16
CA ARG C 109 29.66 -1.73 36.57
C ARG C 109 29.65 -1.84 35.05
N ASP C 110 30.83 -2.05 34.45
CA ASP C 110 30.90 -2.19 32.99
C ASP C 110 30.27 -3.51 32.54
N SER C 111 30.48 -4.58 33.29
CA SER C 111 29.86 -5.86 32.96
C SER C 111 28.34 -5.78 33.11
N VAL C 112 27.88 -5.24 34.25
CA VAL C 112 26.45 -5.11 34.51
C VAL C 112 25.80 -4.23 33.46
N GLU C 113 26.46 -3.13 33.08
CA GLU C 113 25.88 -2.23 32.09
C GLU C 113 25.89 -2.86 30.70
N THR C 114 26.95 -3.60 30.37
CA THR C 114 27.02 -4.25 29.06
C THR C 114 25.94 -5.30 28.91
N LYS C 115 25.74 -6.13 29.93
CA LYS C 115 24.73 -7.17 29.84
C LYS C 115 23.32 -6.63 30.00
N ALA C 116 23.15 -5.57 30.81
CA ALA C 116 21.82 -5.05 31.09
C ALA C 116 21.29 -4.21 29.94
N PHE C 117 22.12 -3.39 29.33
CA PHE C 117 21.71 -2.53 28.22
C PHE C 117 21.98 -3.14 26.86
N GLU C 118 22.50 -4.37 26.81
CA GLU C 118 22.82 -5.04 25.56
C GLU C 118 23.76 -4.19 24.70
N LEU C 119 24.82 -3.68 25.34
CA LEU C 119 25.74 -2.78 24.65
C LEU C 119 26.46 -3.48 23.50
N GLU C 120 26.59 -4.80 23.57
CA GLU C 120 27.24 -5.54 22.49
C GLU C 120 26.47 -5.45 21.18
N LYS C 121 25.16 -5.18 21.24
CA LYS C 121 24.38 -4.98 20.02
C LYS C 121 24.67 -3.63 19.36
N LEU C 122 25.49 -2.79 19.98
CA LEU C 122 25.89 -1.51 19.40
C LEU C 122 27.33 -1.52 18.92
N ALA C 123 27.96 -2.69 18.87
CA ALA C 123 29.37 -2.78 18.48
C ALA C 123 29.62 -2.28 17.08
N ASP C 124 28.62 -2.31 16.20
CA ASP C 124 28.77 -1.83 14.82
C ASP C 124 28.54 -0.33 14.69
N SER C 125 28.17 0.35 15.77
CA SER C 125 27.95 1.78 15.71
C SER C 125 29.29 2.52 15.52
N PRO C 126 29.28 3.63 14.77
CA PRO C 126 30.51 4.43 14.66
C PRO C 126 30.92 5.10 15.96
N TYR C 127 30.07 5.06 16.99
CA TYR C 127 30.40 5.59 18.30
C TYR C 127 30.70 4.52 19.32
N ALA C 128 30.68 3.25 18.92
CA ALA C 128 31.04 2.17 19.84
C ALA C 128 32.44 2.29 20.41
N PRO C 129 33.48 2.73 19.68
CA PRO C 129 34.80 2.88 20.32
C PRO C 129 34.80 3.83 21.51
N TYR C 130 33.86 4.77 21.56
CA TYR C 130 33.78 5.73 22.65
C TYR C 130 32.84 5.30 23.76
N GLY C 131 32.19 4.15 23.61
CA GLY C 131 31.31 3.61 24.64
C GLY C 131 31.75 2.26 25.15
N GLN C 132 32.90 1.79 24.67
CA GLN C 132 33.45 0.49 25.05
C GLN C 132 34.77 0.71 25.78
N THR C 133 34.91 0.07 26.95
CA THR C 133 36.12 0.23 27.74
C THR C 133 37.29 -0.55 27.18
N GLY C 134 37.03 -1.65 26.47
CA GLY C 134 38.11 -2.51 26.01
C GLY C 134 38.80 -3.29 27.11
N GLY C 135 38.07 -3.59 28.19
CA GLY C 135 38.67 -4.18 29.37
C GLY C 135 39.35 -3.13 30.23
N PHE C 136 39.71 -3.55 31.43
CA PHE C 136 40.30 -2.65 32.42
C PHE C 136 41.75 -3.03 32.71
N SER C 137 42.58 -2.00 32.92
CA SER C 137 43.99 -2.18 33.23
C SER C 137 44.15 -2.45 34.73
N VAL C 138 45.40 -2.41 35.21
CA VAL C 138 45.68 -2.74 36.60
C VAL C 138 45.10 -1.70 37.55
N ALA C 139 44.92 -0.47 37.09
CA ALA C 139 44.36 0.59 37.92
C ALA C 139 42.85 0.65 37.85
N TYR C 140 42.20 -0.41 37.34
CA TYR C 140 40.76 -0.41 37.12
C TYR C 140 40.36 0.73 36.20
N THR C 141 41.23 1.03 35.23
CA THR C 141 41.08 2.04 34.22
C THR C 141 40.98 1.39 32.84
N PRO C 142 40.10 1.91 31.97
CA PRO C 142 39.89 1.25 30.67
C PRO C 142 41.14 1.28 29.81
N ASN C 143 41.35 0.19 29.08
CA ASN C 143 42.49 0.11 28.17
C ASN C 143 42.34 1.06 26.99
N SER C 144 41.09 1.32 26.58
CA SER C 144 40.84 2.14 25.40
C SER C 144 41.04 3.62 25.71
N ARG C 145 41.88 4.27 24.91
CA ARG C 145 42.09 5.71 25.04
C ARG C 145 40.91 6.52 24.56
N THR C 146 39.97 5.91 23.82
CA THR C 146 38.83 6.64 23.29
C THR C 146 37.56 6.46 24.11
N PHE C 147 37.53 5.52 25.06
CA PHE C 147 36.36 5.37 25.91
C PHE C 147 36.09 6.64 26.68
N SER C 148 34.82 7.05 26.71
CA SER C 148 34.41 8.29 27.33
C SER C 148 33.45 8.03 28.48
N THR C 149 33.63 8.76 29.58
CA THR C 149 32.69 8.72 30.69
C THR C 149 31.27 9.05 30.22
N THR C 150 31.15 9.98 29.27
CA THR C 150 29.83 10.46 28.82
C THR C 150 29.00 9.39 28.13
N SER C 151 29.57 8.23 27.84
CA SER C 151 28.82 7.17 27.16
C SER C 151 28.01 6.31 28.12
N ARG C 152 28.25 6.41 29.42
CA ARG C 152 27.54 5.60 30.40
C ARG C 152 26.63 6.50 31.25
N PRO C 153 25.50 5.99 31.71
CA PRO C 153 24.49 6.86 32.32
C PRO C 153 24.86 7.30 33.73
N ILE C 154 24.18 8.35 34.17
CA ILE C 154 24.26 8.84 35.55
C ILE C 154 23.10 8.24 36.33
N TYR C 155 23.39 7.66 37.48
CA TYR C 155 22.40 6.88 38.21
C TYR C 155 21.57 7.77 39.14
N ALA C 156 20.25 7.61 39.06
CA ALA C 156 19.30 8.41 39.79
C ALA C 156 18.16 7.51 40.26
N ALA C 157 17.12 8.12 40.81
CA ALA C 157 15.96 7.39 41.30
C ALA C 157 14.69 8.15 40.95
N LEU C 158 13.64 7.40 40.64
CA LEU C 158 12.31 7.95 40.35
C LEU C 158 11.53 7.99 41.65
N ASP C 159 11.56 9.14 42.33
CA ASP C 159 11.01 9.27 43.67
C ASP C 159 9.53 9.62 43.59
N PHE C 160 8.73 8.60 43.25
CA PHE C 160 7.30 8.82 43.01
C PHE C 160 6.48 8.92 44.28
N LEU C 161 7.03 8.50 45.42
CA LEU C 161 6.37 8.68 46.71
C LEU C 161 6.86 9.92 47.45
N ASN C 162 7.71 10.71 46.83
CA ASN C 162 8.32 11.90 47.44
C ASN C 162 8.92 11.55 48.80
N GLY C 163 9.97 10.73 48.73
CA GLY C 163 10.67 10.26 49.92
C GLY C 163 11.15 11.38 50.82
N GLU C 164 11.21 11.09 52.12
CA GLU C 164 11.63 12.10 53.09
C GLU C 164 13.05 12.58 52.79
N ASN C 165 13.94 11.67 52.40
CA ASN C 165 15.33 11.99 52.11
C ASN C 165 15.68 11.68 50.66
N GLY C 166 14.72 11.82 49.76
CA GLY C 166 14.94 11.52 48.36
C GLY C 166 14.53 10.12 47.99
N GLY C 167 14.97 9.70 46.80
CA GLY C 167 14.58 8.42 46.26
C GLY C 167 15.54 7.29 46.60
N ALA C 168 16.75 7.62 47.04
CA ALA C 168 17.77 6.62 47.34
C ALA C 168 18.62 7.14 48.51
N SER C 169 18.01 7.22 49.68
CA SER C 169 18.67 7.77 50.86
C SER C 169 19.88 6.96 51.31
N ALA C 170 20.08 5.75 50.77
CA ALA C 170 21.26 4.97 51.11
C ALA C 170 22.54 5.69 50.72
N TYR C 171 22.51 6.49 49.66
CA TYR C 171 23.67 7.23 49.19
C TYR C 171 23.84 8.57 49.87
N GLY C 172 23.01 8.91 50.85
CA GLY C 172 23.13 10.14 51.59
C GLY C 172 21.79 10.79 51.85
N LYS C 173 21.78 11.71 52.81
CA LYS C 173 20.55 12.42 53.18
C LYS C 173 20.29 13.63 52.30
N SER C 174 21.26 14.08 51.52
CA SER C 174 21.03 15.15 50.56
C SER C 174 20.68 14.55 49.20
N PHE C 175 20.15 15.40 48.32
CA PHE C 175 19.82 14.92 46.97
C PHE C 175 19.49 16.10 46.07
N PHE C 176 19.94 16.00 44.82
CA PHE C 176 19.45 16.86 43.76
C PHE C 176 18.07 16.40 43.32
N GLU C 177 17.19 17.36 43.03
CA GLU C 177 15.99 17.11 42.27
C GLU C 177 16.18 17.74 40.89
N LEU C 178 16.22 16.90 39.86
CA LEU C 178 16.51 17.38 38.52
C LEU C 178 15.24 17.95 37.88
N ASN C 179 15.45 18.80 36.88
CA ASN C 179 14.34 19.27 36.07
C ASN C 179 13.66 18.08 35.40
N ASP C 180 12.34 18.18 35.24
CA ASP C 180 11.54 17.02 34.84
C ASP C 180 11.86 16.57 33.42
N ASN C 181 12.27 17.48 32.54
CA ASN C 181 12.58 17.10 31.17
C ASN C 181 13.67 16.03 31.11
N VAL C 182 14.57 16.02 32.10
CA VAL C 182 15.65 15.03 32.13
C VAL C 182 15.09 13.62 32.13
N LYS C 183 13.90 13.43 32.72
CA LYS C 183 13.30 12.10 32.74
C LYS C 183 13.07 11.52 31.35
N THR C 184 12.97 12.38 30.33
CA THR C 184 12.77 11.89 28.97
C THR C 184 14.03 11.25 28.39
N ASN C 185 15.19 11.44 29.01
CA ASN C 185 16.43 10.84 28.55
C ASN C 185 16.89 9.68 29.44
N CYS C 186 15.96 9.06 30.17
CA CYS C 186 16.29 8.05 31.15
C CYS C 186 15.72 6.70 30.76
N THR C 187 16.40 5.64 31.20
CA THR C 187 15.81 4.32 31.28
C THR C 187 15.44 4.04 32.74
N PHE C 188 14.50 3.14 32.94
CA PHE C 188 13.98 2.88 34.27
C PHE C 188 13.96 1.38 34.54
N SER C 189 14.29 1.02 35.79
CA SER C 189 14.34 -0.36 36.24
C SER C 189 13.69 -0.47 37.62
N PRO C 190 12.92 -1.52 37.86
CA PRO C 190 12.33 -1.71 39.20
C PRO C 190 13.32 -2.17 40.25
N PHE C 191 14.50 -2.64 39.85
CA PHE C 191 15.56 -3.00 40.77
C PHE C 191 16.86 -2.37 40.27
N ASP C 192 17.76 -2.06 41.20
CA ASP C 192 19.07 -1.56 40.80
C ASP C 192 19.79 -2.64 40.00
N ILE C 193 20.28 -2.26 38.82
CA ILE C 193 20.79 -3.25 37.87
C ILE C 193 22.05 -3.96 38.37
N TYR C 194 22.69 -3.43 39.40
CA TYR C 194 23.86 -4.06 39.98
C TYR C 194 23.51 -5.14 41.01
N GLY C 195 22.23 -5.31 41.34
CA GLY C 195 21.80 -6.20 42.39
C GLY C 195 21.34 -7.56 41.88
N HIS C 196 20.93 -8.39 42.83
CA HIS C 196 20.55 -9.77 42.54
C HIS C 196 19.17 -9.87 41.91
N ARG C 197 18.22 -9.02 42.35
CA ARG C 197 16.85 -9.16 41.91
C ARG C 197 16.64 -8.74 40.46
N PHE C 198 17.47 -7.82 39.97
CA PHE C 198 17.38 -7.45 38.56
C PHE C 198 17.79 -8.60 37.65
N GLY C 199 18.80 -9.38 38.08
CA GLY C 199 19.20 -10.56 37.34
C GLY C 199 19.71 -10.31 35.94
N LEU C 200 20.21 -9.11 35.67
CA LEU C 200 20.73 -8.74 34.36
C LEU C 200 19.67 -8.98 33.28
N ASP C 201 18.42 -8.69 33.61
CA ASP C 201 17.28 -8.93 32.73
C ASP C 201 16.95 -7.63 32.00
N THR C 202 17.34 -7.56 30.72
CA THR C 202 17.09 -6.35 29.93
C THR C 202 15.60 -6.11 29.76
N SER C 203 14.78 -7.16 29.79
CA SER C 203 13.34 -7.01 29.62
C SER C 203 12.67 -6.27 30.78
N LYS C 204 13.40 -6.00 31.86
CA LYS C 204 12.88 -5.23 32.98
C LYS C 204 13.15 -3.74 32.85
N LEU C 205 13.80 -3.31 31.77
CA LEU C 205 14.07 -1.90 31.53
C LEU C 205 12.96 -1.29 30.69
N SER C 206 12.70 -0.01 30.94
CA SER C 206 11.71 0.74 30.16
C SER C 206 12.23 2.14 29.92
N THR C 207 11.50 2.90 29.11
CA THR C 207 11.80 4.29 28.86
C THR C 207 10.71 5.16 29.47
N PHE C 208 10.89 6.48 29.34
CA PHE C 208 9.91 7.41 29.89
C PHE C 208 8.54 7.21 29.27
N TRP C 209 8.48 6.68 28.05
CA TRP C 209 7.23 6.52 27.32
C TRP C 209 6.66 5.11 27.45
N HIS C 210 7.19 4.30 28.36
CA HIS C 210 6.73 2.92 28.54
C HIS C 210 6.73 2.54 30.01
N MET C 211 6.29 3.47 30.86
CA MET C 211 6.17 3.19 32.30
C MET C 211 5.31 1.96 32.58
N GLU C 212 4.43 1.60 31.65
CA GLU C 212 3.63 0.37 31.81
C GLU C 212 4.53 -0.81 32.13
N ASN C 213 5.68 -0.92 31.44
CA ASN C 213 6.60 -2.02 31.72
C ASN C 213 7.02 -2.03 33.18
N LEU C 214 7.35 -0.85 33.73
CA LEU C 214 7.64 -0.75 35.16
C LEU C 214 6.49 -1.30 35.99
N ILE C 215 5.26 -0.89 35.64
CA ILE C 215 4.09 -1.38 36.36
C ILE C 215 3.97 -2.88 36.26
N ALA C 216 4.40 -3.46 35.12
CA ALA C 216 4.36 -4.90 34.96
C ALA C 216 5.52 -5.60 35.63
N SER C 217 6.57 -4.86 36.03
CA SER C 217 7.80 -5.48 36.49
C SER C 217 8.18 -5.14 37.92
N CYS C 218 7.56 -4.13 38.54
CA CYS C 218 7.96 -3.73 39.87
C CYS C 218 7.60 -4.80 40.89
N GLN C 219 8.25 -4.74 42.04
CA GLN C 219 8.09 -5.75 43.07
C GLN C 219 6.73 -5.61 43.75
N ASN C 220 6.21 -6.74 44.22
CA ASN C 220 4.97 -6.84 44.98
C ASN C 220 5.18 -7.70 46.21
N ASP C 221 6.21 -7.34 46.99
CA ASP C 221 6.66 -8.17 48.10
C ASP C 221 5.59 -8.26 49.18
N PHE C 222 5.55 -9.41 49.85
CA PHE C 222 4.55 -9.67 50.89
C PHE C 222 4.99 -9.17 52.26
N PHE C 223 6.18 -8.57 52.37
CA PHE C 223 6.61 -7.95 53.62
C PHE C 223 7.52 -6.78 53.29
N GLY C 224 7.59 -5.84 54.22
CA GLY C 224 8.37 -4.64 53.99
C GLY C 224 7.70 -3.70 53.00
N TYR C 225 8.52 -2.85 52.39
CA TYR C 225 8.00 -1.91 51.40
C TYR C 225 7.49 -2.65 50.18
N ASN C 226 6.31 -2.27 49.71
CA ASN C 226 5.67 -2.86 48.53
C ASN C 226 5.49 -1.76 47.50
N CYS C 227 6.23 -1.85 46.39
CA CYS C 227 6.16 -0.81 45.37
C CYS C 227 4.84 -0.84 44.62
N PHE C 228 4.39 -2.04 44.24
CA PHE C 228 3.17 -2.15 43.45
C PHE C 228 1.95 -1.62 44.21
N LYS C 229 1.76 -2.10 45.44
CA LYS C 229 0.61 -1.66 46.22
C LYS C 229 0.69 -0.16 46.54
N SER C 230 1.89 0.35 46.75
CA SER C 230 2.04 1.78 46.98
C SER C 230 1.62 2.58 45.75
N LEU C 231 2.02 2.12 44.55
CA LEU C 231 1.67 2.83 43.34
C LEU C 231 0.17 2.74 43.06
N VAL C 232 -0.44 1.59 43.38
CA VAL C 232 -1.88 1.44 43.19
C VAL C 232 -2.64 2.35 44.14
N LYS C 233 -2.24 2.38 45.42
CA LYS C 233 -2.92 3.23 46.38
C LYS C 233 -2.75 4.70 46.06
N MET C 234 -1.56 5.09 45.57
CA MET C 234 -1.37 6.47 45.15
C MET C 234 -2.20 6.78 43.90
N ALA C 235 -2.41 5.79 43.03
CA ALA C 235 -3.22 6.01 41.84
C ALA C 235 -4.68 6.25 42.19
N LYS C 236 -5.19 5.60 43.23
CA LYS C 236 -6.56 5.81 43.68
C LYS C 236 -6.70 7.06 44.55
N ASP C 237 -5.69 7.93 44.56
CA ASP C 237 -5.72 9.20 45.29
C ASP C 237 -6.00 8.98 46.78
N GLU C 238 -5.56 7.85 47.32
CA GLU C 238 -5.71 7.57 48.74
C GLU C 238 -4.54 8.15 49.52
N LYS C 239 -4.84 8.59 50.75
CA LYS C 239 -3.85 9.20 51.63
C LYS C 239 -3.17 8.11 52.44
N PHE C 240 -1.84 8.12 52.44
CA PHE C 240 -1.06 7.19 53.25
C PHE C 240 0.37 7.67 53.33
N LEU C 241 1.07 7.22 54.38
CA LEU C 241 2.48 7.49 54.55
C LEU C 241 3.31 6.39 53.91
N ALA C 242 4.37 6.77 53.22
CA ALA C 242 5.23 5.80 52.57
C ALA C 242 5.92 4.90 53.60
N HIS C 243 6.21 3.67 53.21
CA HIS C 243 6.89 2.74 54.08
C HIS C 243 8.25 3.30 54.49
N SER C 244 8.68 2.98 55.72
CA SER C 244 9.91 3.54 56.25
C SER C 244 11.15 3.03 55.52
N ASN C 245 11.04 1.94 54.76
CA ASN C 245 12.15 1.40 53.98
C ASN C 245 12.16 1.87 52.54
N TYR C 246 11.20 2.71 52.14
CA TYR C 246 11.17 3.23 50.79
C TYR C 246 12.42 4.06 50.50
N GLY C 247 13.24 3.59 49.55
CA GLY C 247 14.43 4.29 49.15
C GLY C 247 15.60 4.18 50.10
N LYS C 248 15.49 3.41 51.18
CA LYS C 248 16.55 3.34 52.17
C LYS C 248 17.59 2.27 51.85
N GLY C 249 17.18 1.14 51.28
CA GLY C 249 18.07 0.08 50.92
C GLY C 249 18.41 0.06 49.44
N TYR C 250 18.87 -1.09 48.98
CA TYR C 250 19.10 -1.34 47.57
C TYR C 250 18.02 -2.29 47.04
N GLU C 251 18.33 -3.00 45.96
CA GLU C 251 17.44 -4.01 45.36
C GLU C 251 16.13 -3.33 45.00
N GLY C 252 14.98 -3.75 45.52
CA GLY C 252 13.70 -3.25 45.10
C GLY C 252 13.13 -2.09 45.91
N ASN C 253 13.93 -1.45 46.76
CA ASN C 253 13.40 -0.37 47.59
C ASN C 253 13.15 0.91 46.81
N TYR C 254 13.77 1.07 45.64
CA TYR C 254 13.56 2.27 44.83
C TYR C 254 13.52 1.88 43.36
N ILE C 255 12.91 2.75 42.57
CA ILE C 255 12.91 2.61 41.11
C ILE C 255 14.17 3.31 40.59
N GLU C 256 15.11 2.53 40.07
CA GLU C 256 16.36 3.10 39.59
C GLU C 256 16.17 3.71 38.21
N ALA C 257 16.75 4.89 38.02
CA ALA C 257 16.72 5.60 36.75
C ALA C 257 18.15 5.78 36.25
N HIS C 258 18.29 5.73 34.92
CA HIS C 258 19.57 5.88 34.26
C HIS C 258 19.49 7.06 33.30
N ILE C 259 20.16 8.14 33.65
CA ILE C 259 20.17 9.37 32.86
C ILE C 259 21.20 9.21 31.75
N HIS C 260 20.74 9.15 30.51
CA HIS C 260 21.61 9.02 29.36
C HIS C 260 21.89 10.43 28.82
N GLY C 261 23.05 10.97 29.19
CA GLY C 261 23.39 12.34 28.91
C GLY C 261 24.07 12.96 30.11
N ASP C 262 24.51 14.21 29.99
CA ASP C 262 25.20 14.86 31.09
C ASP C 262 24.19 15.53 32.02
N VAL C 263 24.60 15.68 33.28
CA VAL C 263 23.84 16.41 34.28
C VAL C 263 24.69 17.62 34.68
N CYS C 264 24.26 18.80 34.26
CA CYS C 264 25.00 20.02 34.50
C CYS C 264 24.40 20.82 35.65
N LEU C 265 25.25 21.33 36.52
CA LEU C 265 24.83 22.14 37.64
C LEU C 265 25.13 23.61 37.34
N PHE C 266 24.13 24.47 37.43
CA PHE C 266 22.79 24.11 37.90
C PHE C 266 21.78 24.12 36.75
N ARG C 267 22.29 23.92 35.52
CA ARG C 267 21.43 24.01 34.34
C ARG C 267 20.30 22.99 34.41
N ASP C 268 20.59 21.75 34.79
CA ASP C 268 19.62 20.67 34.82
C ASP C 268 19.07 20.42 36.23
N ILE C 269 19.25 21.37 37.15
CA ILE C 269 18.91 21.17 38.55
C ILE C 269 17.73 22.07 38.91
N LYS C 270 16.65 21.45 39.37
CA LYS C 270 15.51 22.19 39.90
C LYS C 270 15.78 22.64 41.34
N HIS C 271 16.07 21.69 42.23
CA HIS C 271 16.38 21.98 43.62
C HIS C 271 17.58 21.16 44.07
N VAL C 272 18.27 21.66 45.08
CA VAL C 272 19.30 20.93 45.80
C VAL C 272 18.88 20.90 47.27
N TYR C 273 18.43 19.75 47.74
CA TYR C 273 18.03 19.58 49.13
C TYR C 273 19.26 19.22 49.95
N LEU C 274 19.79 20.20 50.70
CA LEU C 274 20.95 20.00 51.55
C LEU C 274 20.47 19.62 52.95
N SER C 275 21.01 18.53 53.47
CA SER C 275 20.70 18.10 54.83
C SER C 275 21.47 18.94 55.84
N LEU C 276 20.74 19.48 56.83
CA LEU C 276 21.40 20.23 57.90
C LEU C 276 22.10 19.29 58.89
N GLN C 277 21.51 18.13 59.16
CA GLN C 277 22.10 17.20 60.11
C GLN C 277 23.34 16.53 59.54
N GLU C 278 23.22 15.95 58.35
CA GLU C 278 24.31 15.20 57.72
C GLU C 278 25.07 16.14 56.79
N ASN C 279 26.05 16.85 57.35
CA ASN C 279 26.80 17.83 56.58
C ASN C 279 28.13 18.11 57.27
N SER C 280 29.14 18.35 56.44
CA SER C 280 30.47 18.72 56.93
C SER C 280 30.62 20.23 57.14
N TYR C 281 29.57 21.00 56.87
CA TYR C 281 29.57 22.44 57.07
C TYR C 281 28.64 22.80 58.22
N SER C 282 28.87 23.98 58.80
CA SER C 282 28.08 24.41 59.92
C SER C 282 26.75 25.01 59.45
N LYS C 283 25.87 25.26 60.42
CA LYS C 283 24.57 25.84 60.08
C LYS C 283 24.73 27.23 59.47
N SER C 284 25.58 28.05 60.09
CA SER C 284 25.83 29.40 59.56
C SER C 284 26.31 29.32 58.12
N GLN C 285 27.30 28.46 57.87
CA GLN C 285 27.86 28.34 56.52
C GLN C 285 26.83 27.84 55.54
N LEU C 286 26.00 26.88 55.96
CA LEU C 286 24.99 26.35 55.05
C LEU C 286 23.96 27.41 54.68
N TYR C 287 23.50 28.19 55.65
CA TYR C 287 22.58 29.28 55.35
C TYR C 287 23.22 30.32 54.43
N ASP C 288 24.50 30.63 54.67
CA ASP C 288 25.20 31.59 53.81
C ASP C 288 25.32 31.07 52.38
N TYR C 289 25.63 29.78 52.22
CA TYR C 289 25.72 29.21 50.87
C TYR C 289 24.38 29.21 50.18
N ALA C 290 23.31 28.84 50.89
CA ALA C 290 21.98 28.84 50.28
C ALA C 290 21.59 30.25 49.83
N LYS C 291 21.82 31.25 50.68
CA LYS C 291 21.50 32.62 50.31
C LYS C 291 22.33 33.09 49.12
N GLN C 292 23.63 32.79 49.13
CA GLN C 292 24.52 33.24 48.06
C GLN C 292 24.14 32.61 46.72
N ILE C 293 24.07 31.28 46.68
CA ILE C 293 23.74 30.59 45.43
C ILE C 293 22.35 30.98 44.94
N ASN C 294 21.37 31.00 45.85
CA ASN C 294 20.00 31.30 45.44
C ASN C 294 19.88 32.72 44.92
N GLN C 295 20.57 33.68 45.54
CA GLN C 295 20.55 35.04 45.02
C GLN C 295 21.28 35.15 43.68
N ALA C 296 22.35 34.37 43.50
CA ALA C 296 23.07 34.41 42.23
C ALA C 296 22.25 33.82 41.09
N LEU C 297 21.46 32.78 41.38
CA LEU C 297 20.64 32.13 40.37
C LEU C 297 19.26 32.76 40.23
N ASN C 298 18.86 33.63 41.15
CA ASN C 298 17.51 34.21 41.19
C ASN C 298 16.44 33.12 41.25
N ARG C 299 16.75 32.01 41.92
CA ARG C 299 15.81 30.91 42.12
C ARG C 299 15.96 30.40 43.54
N ASP C 300 14.94 29.67 44.00
CA ASP C 300 15.02 28.96 45.27
C ASP C 300 15.51 27.53 45.03
N CYS C 301 16.74 27.44 44.53
CA CYS C 301 17.33 26.16 44.18
C CYS C 301 17.78 25.40 45.43
N ILE C 302 18.65 26.03 46.22
CA ILE C 302 19.15 25.39 47.44
C ILE C 302 18.07 25.47 48.51
N ILE C 303 17.66 24.32 49.02
CA ILE C 303 16.66 24.23 50.08
C ILE C 303 17.28 23.44 51.23
N LEU C 304 17.42 24.09 52.38
CA LEU C 304 17.93 23.43 53.58
C LEU C 304 16.78 22.77 54.34
N TYR C 305 17.06 21.59 54.89
CA TYR C 305 16.05 20.84 55.63
C TYR C 305 16.70 19.83 56.58
N ARG D 3 32.50 34.00 28.60
CA ARG D 3 31.57 34.41 27.57
C ARG D 3 30.11 34.43 28.03
N PRO D 4 29.32 35.30 27.40
CA PRO D 4 27.88 35.32 27.65
C PRO D 4 27.16 34.21 26.89
N GLU D 5 26.16 33.62 27.55
CA GLU D 5 25.41 32.52 26.96
C GLU D 5 24.01 32.96 26.55
N MET D 6 23.51 32.31 25.50
CA MET D 6 22.15 32.48 25.01
C MET D 6 21.47 31.13 24.97
N ARG D 7 20.31 31.02 25.60
CA ARG D 7 19.60 29.75 25.68
C ARG D 7 18.64 29.62 24.50
N ILE D 8 18.76 28.50 23.80
CA ILE D 8 18.04 28.26 22.54
C ILE D 8 17.30 26.94 22.65
N LEU D 9 16.01 26.96 22.37
CA LEU D 9 15.21 25.75 22.19
C LEU D 9 15.01 25.55 20.69
N MET D 10 15.55 24.44 20.18
CA MET D 10 15.38 24.08 18.78
C MET D 10 14.28 23.05 18.67
N VAL D 11 13.16 23.42 18.05
CA VAL D 11 11.99 22.60 17.93
C VAL D 11 11.60 22.49 16.46
N GLY D 12 10.52 21.77 16.21
CA GLY D 12 10.07 21.51 14.86
C GLY D 12 9.64 20.06 14.70
N LEU D 13 8.99 19.75 13.58
CA LEU D 13 8.55 18.38 13.33
C LEU D 13 9.74 17.45 13.24
N ASP D 14 9.51 16.17 13.54
CA ASP D 14 10.55 15.18 13.39
C ASP D 14 10.97 15.06 11.92
N ALA D 15 12.22 14.66 11.72
CA ALA D 15 12.86 14.52 10.41
C ALA D 15 13.10 15.85 9.71
N ALA D 16 12.88 16.98 10.39
CA ALA D 16 13.17 18.27 9.78
C ALA D 16 14.67 18.52 9.68
N GLY D 17 15.47 17.89 10.52
CA GLY D 17 16.91 18.06 10.52
C GLY D 17 17.48 18.72 11.75
N LYS D 18 16.80 18.68 12.89
CA LYS D 18 17.25 19.39 14.09
C LYS D 18 18.57 18.82 14.61
N THR D 19 18.61 17.51 14.84
CA THR D 19 19.81 16.90 15.40
C THR D 19 21.02 17.09 14.48
N THR D 20 20.82 16.93 13.18
CA THR D 20 21.89 17.14 12.21
C THR D 20 22.44 18.57 12.29
N ILE D 21 21.54 19.55 12.49
CA ILE D 21 21.98 20.94 12.63
C ILE D 21 22.79 21.11 13.92
N LEU D 22 22.26 20.56 15.03
CA LEU D 22 22.94 20.71 16.31
C LEU D 22 24.35 20.15 16.27
N TYR D 23 24.52 18.93 15.77
CA TYR D 23 25.83 18.31 15.79
C TYR D 23 26.68 18.69 14.59
N LYS D 24 26.11 19.31 13.57
CA LYS D 24 26.92 19.98 12.56
C LYS D 24 27.53 21.25 13.11
N LEU D 25 26.78 22.00 13.91
CA LEU D 25 27.33 23.16 14.60
C LEU D 25 28.34 22.76 15.66
N LYS D 26 28.09 21.63 16.35
CA LYS D 26 28.94 21.24 17.48
C LYS D 26 30.19 20.52 17.02
N LEU D 27 30.07 19.61 16.05
CA LEU D 27 31.19 18.79 15.61
C LEU D 27 31.74 19.16 14.24
N GLY D 28 30.92 19.75 13.37
CA GLY D 28 31.30 19.91 11.98
C GLY D 28 31.12 18.68 11.13
N GLU D 29 30.43 17.66 11.64
CA GLU D 29 30.21 16.41 10.94
C GLU D 29 28.72 16.18 10.72
N ILE D 30 28.41 15.17 9.93
CA ILE D 30 27.04 14.72 9.68
C ILE D 30 26.87 13.41 10.45
N VAL D 31 26.24 13.49 11.61
CA VAL D 31 26.13 12.34 12.50
C VAL D 31 25.11 11.34 11.94
N THR D 32 25.28 10.08 12.35
CA THR D 32 24.32 9.04 12.00
C THR D 32 22.96 9.35 12.60
N THR D 33 21.90 8.95 11.89
CA THR D 33 20.54 9.20 12.35
C THR D 33 20.28 8.46 13.66
N ILE D 34 20.20 9.20 14.76
CA ILE D 34 19.90 8.65 16.07
C ILE D 34 18.51 9.14 16.48
N PRO D 35 17.54 8.26 16.67
CA PRO D 35 16.21 8.70 17.15
C PRO D 35 16.33 9.53 18.42
N THR D 36 15.70 10.70 18.42
CA THR D 36 15.71 11.59 19.57
C THR D 36 14.56 11.18 20.48
N ILE D 37 14.82 10.20 21.34
CA ILE D 37 13.79 9.69 22.24
C ILE D 37 13.39 10.76 23.25
N GLY D 38 14.36 11.48 23.79
CA GLY D 38 14.07 12.58 24.69
C GLY D 38 14.53 13.90 24.12
N PHE D 39 15.82 14.20 24.27
CA PHE D 39 16.37 15.47 23.77
C PHE D 39 17.88 15.38 23.75
N ASN D 40 18.48 16.32 23.02
CA ASN D 40 19.91 16.57 23.06
C ASN D 40 20.13 17.99 23.57
N VAL D 41 21.36 18.28 24.00
CA VAL D 41 21.72 19.62 24.43
C VAL D 41 23.21 19.81 24.26
N GLU D 42 23.62 20.86 23.57
CA GLU D 42 25.03 21.08 23.32
C GLU D 42 25.34 22.57 23.39
N THR D 43 26.58 22.88 23.75
CA THR D 43 27.09 24.25 23.80
C THR D 43 27.95 24.50 22.56
N VAL D 44 27.62 25.57 21.84
CA VAL D 44 28.34 25.96 20.63
C VAL D 44 28.91 27.34 20.85
N GLU D 45 30.24 27.47 20.74
CA GLU D 45 30.92 28.75 20.89
C GLU D 45 31.03 29.43 19.53
N TYR D 46 30.42 30.60 19.41
CA TYR D 46 30.40 31.33 18.15
C TYR D 46 30.36 32.82 18.43
N LYS D 47 31.32 33.55 17.86
CA LYS D 47 31.41 35.01 17.97
C LYS D 47 31.34 35.47 19.43
N ASN D 48 32.19 34.86 20.26
CA ASN D 48 32.30 35.17 21.69
C ASN D 48 30.98 34.97 22.42
N ILE D 49 30.07 34.17 21.86
CA ILE D 49 28.80 33.84 22.51
C ILE D 49 28.74 32.33 22.69
N SER D 50 28.25 31.89 23.84
CA SER D 50 28.16 30.47 24.16
C SER D 50 26.69 30.05 24.07
N PHE D 51 26.30 29.57 22.90
CA PHE D 51 24.93 29.13 22.69
C PHE D 51 24.67 27.80 23.40
N THR D 52 23.64 27.76 24.22
CA THR D 52 23.17 26.52 24.83
C THR D 52 21.93 26.07 24.05
N VAL D 53 22.08 25.03 23.25
CA VAL D 53 21.05 24.63 22.29
C VAL D 53 20.43 23.32 22.75
N TRP D 54 19.12 23.35 22.95
CA TRP D 54 18.32 22.16 23.25
C TRP D 54 17.67 21.67 21.97
N ASP D 55 18.01 20.44 21.57
CA ASP D 55 17.38 19.75 20.44
C ASP D 55 16.27 18.88 21.01
N VAL D 56 15.04 19.39 20.99
CA VAL D 56 13.90 18.71 21.60
C VAL D 56 13.29 17.76 20.58
N GLY D 57 13.20 16.48 20.96
CA GLY D 57 12.68 15.47 20.05
C GLY D 57 11.23 15.72 19.66
N GLY D 58 10.40 16.01 20.66
CA GLY D 58 8.99 16.25 20.40
C GLY D 58 8.24 16.78 21.60
N LEU D 59 7.89 18.07 21.57
CA LEU D 59 7.14 18.72 22.63
C LEU D 59 5.65 18.45 22.56
N ASP D 60 5.23 17.42 21.82
CA ASP D 60 3.80 17.20 21.62
C ASP D 60 3.10 16.82 22.92
N LYS D 61 3.60 15.79 23.61
CA LYS D 61 2.96 15.25 24.81
C LYS D 61 3.67 15.62 26.10
N ILE D 62 4.66 16.52 26.05
CA ILE D 62 5.45 16.86 27.24
C ILE D 62 5.64 18.36 27.35
N ARG D 63 4.61 19.14 27.01
CA ARG D 63 4.70 20.59 27.18
C ARG D 63 4.92 21.03 28.63
N PRO D 64 4.26 20.46 29.64
CA PRO D 64 4.56 20.86 31.03
C PRO D 64 6.00 20.59 31.43
N LEU D 65 6.66 19.58 30.87
CA LEU D 65 8.01 19.24 31.30
C LEU D 65 9.04 20.28 30.87
N TRP D 66 8.73 21.09 29.86
CA TRP D 66 9.69 22.06 29.33
C TRP D 66 9.33 23.51 29.67
N ARG D 67 8.22 23.75 30.36
CA ARG D 67 7.84 25.12 30.67
C ARG D 67 8.82 25.79 31.63
N HIS D 68 9.51 24.98 32.45
CA HIS D 68 10.48 25.52 33.40
C HIS D 68 11.51 26.40 32.70
N TYR D 69 11.96 25.99 31.51
CA TYR D 69 12.95 26.76 30.77
C TYR D 69 12.34 27.92 29.99
N PHE D 70 11.04 27.91 29.76
CA PHE D 70 10.42 28.87 28.84
C PHE D 70 10.68 30.31 29.26
N GLN D 71 10.67 30.58 30.56
CA GLN D 71 10.88 31.95 31.03
C GLN D 71 12.26 32.47 30.65
N ASN D 72 13.27 31.60 30.62
CA ASN D 72 14.63 32.01 30.31
C ASN D 72 15.08 31.59 28.92
N THR D 73 14.17 31.11 28.09
CA THR D 73 14.49 30.77 26.70
C THR D 73 14.61 32.06 25.90
N GLN D 74 15.84 32.40 25.50
CA GLN D 74 16.05 33.63 24.76
C GLN D 74 15.78 33.46 23.27
N GLY D 75 16.03 32.26 22.72
CA GLY D 75 15.78 32.04 21.32
C GLY D 75 15.13 30.72 20.98
N LEU D 76 14.10 30.77 20.12
CA LEU D 76 13.47 29.58 19.57
C LEU D 76 13.92 29.42 18.12
N ILE D 77 14.44 28.24 17.78
CA ILE D 77 14.77 27.90 16.41
C ILE D 77 13.78 26.84 15.94
N PHE D 78 12.94 27.19 14.98
CA PHE D 78 11.96 26.26 14.43
C PHE D 78 12.49 25.74 13.09
N VAL D 79 12.78 24.44 13.04
CA VAL D 79 13.36 23.82 11.85
C VAL D 79 12.25 23.15 11.06
N VAL D 80 12.19 23.41 9.75
CA VAL D 80 11.16 22.85 8.88
C VAL D 80 11.82 22.16 7.71
N ASP D 81 11.24 21.03 7.29
CA ASP D 81 11.66 20.32 6.09
C ASP D 81 11.04 21.01 4.89
N SER D 82 11.84 21.81 4.18
CA SER D 82 11.33 22.57 3.04
C SER D 82 10.92 21.67 1.88
N ASN D 83 11.35 20.41 1.87
CA ASN D 83 10.96 19.47 0.84
C ASN D 83 9.67 18.72 1.16
N ASP D 84 9.20 18.81 2.41
CA ASP D 84 8.04 18.05 2.87
C ASP D 84 6.80 18.93 2.77
N ARG D 85 6.23 19.00 1.56
CA ARG D 85 5.03 19.79 1.34
C ARG D 85 3.81 19.18 2.01
N GLU D 86 3.82 17.85 2.21
CA GLU D 86 2.68 17.19 2.84
C GLU D 86 2.55 17.53 4.33
N ARG D 87 3.61 18.01 4.97
CA ARG D 87 3.61 18.26 6.41
C ARG D 87 3.92 19.71 6.77
N VAL D 88 3.96 20.62 5.79
CA VAL D 88 4.35 21.99 6.10
C VAL D 88 3.26 22.71 6.90
N ASN D 89 1.99 22.38 6.66
CA ASN D 89 0.92 22.98 7.45
C ASN D 89 0.84 22.39 8.85
N GLU D 90 1.16 21.10 8.99
CA GLU D 90 1.36 20.53 10.32
C GLU D 90 2.44 21.29 11.07
N ALA D 91 3.56 21.61 10.39
CA ALA D 91 4.59 22.43 11.01
C ALA D 91 4.07 23.82 11.34
N ARG D 92 3.15 24.35 10.53
CA ARG D 92 2.54 25.64 10.86
C ARG D 92 1.75 25.54 12.17
N GLU D 93 0.97 24.48 12.33
CA GLU D 93 0.20 24.31 13.56
C GLU D 93 1.13 24.16 14.76
N GLU D 94 2.21 23.40 14.61
CA GLU D 94 3.16 23.25 15.71
C GLU D 94 3.80 24.58 16.08
N LEU D 95 4.17 25.37 15.07
CA LEU D 95 4.75 26.69 15.33
C LEU D 95 3.75 27.60 16.02
N MET D 96 2.47 27.52 15.62
CA MET D 96 1.44 28.29 16.30
C MET D 96 1.31 27.90 17.76
N ARG D 97 1.37 26.59 18.04
CA ARG D 97 1.32 26.14 19.43
C ARG D 97 2.51 26.64 20.22
N MET D 98 3.71 26.66 19.62
CA MET D 98 4.88 27.19 20.31
C MET D 98 4.73 28.68 20.58
N LEU D 99 4.24 29.45 19.60
CA LEU D 99 4.11 30.89 19.75
C LEU D 99 2.91 31.30 20.58
N ALA D 100 2.02 30.36 20.92
CA ALA D 100 0.89 30.66 21.80
C ALA D 100 1.26 30.52 23.29
N GLU D 101 2.48 30.11 23.59
CA GLU D 101 2.92 29.97 24.98
C GLU D 101 3.24 31.36 25.54
N ASP D 102 2.53 31.74 26.61
CA ASP D 102 2.72 33.07 27.18
C ASP D 102 4.12 33.26 27.75
N GLU D 103 4.73 32.19 28.22
CA GLU D 103 6.06 32.27 28.82
C GLU D 103 7.16 32.39 27.77
N LEU D 104 6.83 32.31 26.49
CA LEU D 104 7.78 32.50 25.39
C LEU D 104 7.51 33.79 24.62
N ARG D 105 6.73 34.71 25.20
CA ARG D 105 6.29 35.90 24.46
C ARG D 105 7.44 36.82 24.10
N ASP D 106 8.54 36.78 24.84
CA ASP D 106 9.68 37.66 24.59
C ASP D 106 10.82 36.99 23.84
N ALA D 107 10.71 35.70 23.56
CA ALA D 107 11.77 35.00 22.84
C ALA D 107 11.73 35.35 21.36
N VAL D 108 12.91 35.44 20.75
CA VAL D 108 13.01 35.69 19.32
C VAL D 108 12.85 34.37 18.57
N LEU D 109 12.33 34.46 17.34
CA LEU D 109 12.07 33.28 16.52
C LEU D 109 12.99 33.28 15.31
N LEU D 110 13.72 32.19 15.12
CA LEU D 110 14.54 31.96 13.94
C LEU D 110 14.07 30.68 13.27
N VAL D 111 13.58 30.80 12.03
CA VAL D 111 13.08 29.66 11.28
C VAL D 111 14.17 29.19 10.33
N PHE D 112 14.50 27.90 10.40
CA PHE D 112 15.42 27.26 9.48
C PHE D 112 14.61 26.52 8.42
N ALA D 113 14.60 27.04 7.20
CA ALA D 113 14.01 26.35 6.05
C ALA D 113 15.05 25.35 5.55
N ASN D 114 15.07 24.17 6.16
CA ASN D 114 16.14 23.22 5.97
C ASN D 114 15.93 22.40 4.70
N LYS D 115 16.99 21.69 4.30
CA LYS D 115 16.98 20.76 3.17
C LYS D 115 16.77 21.50 1.85
N GLN D 116 17.40 22.68 1.71
CA GLN D 116 17.36 23.42 0.45
C GLN D 116 18.16 22.73 -0.65
N ASP D 117 18.98 21.73 -0.31
CA ASP D 117 19.73 20.99 -1.32
C ASP D 117 18.85 20.05 -2.13
N LEU D 118 17.62 19.80 -1.70
CA LEU D 118 16.73 18.89 -2.42
C LEU D 118 16.07 19.62 -3.60
N PRO D 119 15.86 18.93 -4.72
CA PRO D 119 15.43 19.64 -5.94
C PRO D 119 14.06 20.27 -5.83
N ASN D 120 13.13 19.66 -5.10
CA ASN D 120 11.75 20.13 -5.04
C ASN D 120 11.46 20.94 -3.78
N ALA D 121 12.50 21.40 -3.08
CA ALA D 121 12.31 22.15 -1.86
C ALA D 121 11.86 23.58 -2.17
N MET D 122 10.86 24.04 -1.43
CA MET D 122 10.41 25.42 -1.56
C MET D 122 11.40 26.35 -0.88
N ASN D 123 11.56 27.54 -1.46
CA ASN D 123 12.55 28.49 -0.96
C ASN D 123 12.07 29.14 0.34
N ALA D 124 12.89 30.05 0.87
CA ALA D 124 12.58 30.70 2.14
C ALA D 124 11.31 31.53 2.07
N ALA D 125 11.03 32.14 0.92
CA ALA D 125 9.84 32.98 0.80
C ALA D 125 8.56 32.14 0.88
N GLU D 126 8.52 31.03 0.14
CA GLU D 126 7.34 30.17 0.17
C GLU D 126 7.11 29.59 1.57
N ILE D 127 8.18 29.17 2.23
CA ILE D 127 8.06 28.71 3.62
C ILE D 127 7.53 29.83 4.50
N THR D 128 8.03 31.06 4.29
CA THR D 128 7.54 32.21 5.05
C THR D 128 6.04 32.39 4.85
N ASP D 129 5.55 32.12 3.65
CA ASP D 129 4.12 32.25 3.39
C ASP D 129 3.32 31.12 4.03
N LYS D 130 3.81 29.89 3.92
CA LYS D 130 3.05 28.75 4.41
C LYS D 130 3.08 28.64 5.94
N LEU D 131 4.07 29.21 6.60
CA LEU D 131 4.08 29.28 8.06
C LEU D 131 3.31 30.48 8.60
N GLY D 132 2.97 31.45 7.76
CA GLY D 132 2.25 32.62 8.21
C GLY D 132 3.07 33.61 8.98
N LEU D 133 4.39 33.67 8.70
CA LEU D 133 5.28 34.52 9.49
C LEU D 133 4.94 36.00 9.33
N HIS D 134 4.49 36.42 8.15
CA HIS D 134 4.19 37.82 7.94
C HIS D 134 2.93 38.27 8.68
N SER D 135 2.10 37.34 9.11
CA SER D 135 0.92 37.65 9.91
C SER D 135 1.22 37.75 11.40
N LEU D 136 2.49 37.62 11.79
CA LEU D 136 2.86 37.70 13.20
C LEU D 136 2.97 39.15 13.64
N ARG D 137 2.71 39.39 14.93
CA ARG D 137 2.81 40.71 15.52
C ARG D 137 3.56 40.60 16.84
N HIS D 138 4.30 41.67 17.17
CA HIS D 138 5.06 41.77 18.41
C HIS D 138 6.03 40.60 18.58
N ARG D 139 6.57 40.10 17.47
CA ARG D 139 7.51 38.99 17.49
C ARG D 139 8.67 39.32 16.59
N ASN D 140 9.88 39.35 17.15
CA ASN D 140 11.09 39.55 16.35
C ASN D 140 11.49 38.23 15.72
N TRP D 141 11.30 38.10 14.42
CA TRP D 141 11.52 36.83 13.73
C TRP D 141 12.37 37.04 12.47
N TYR D 142 12.92 35.93 11.99
CA TYR D 142 13.79 35.91 10.82
C TYR D 142 13.83 34.49 10.29
N ILE D 143 13.91 34.34 8.98
CA ILE D 143 13.94 33.04 8.33
C ILE D 143 15.23 32.94 7.51
N GLN D 144 15.83 31.76 7.52
CA GLN D 144 17.12 31.52 6.85
C GLN D 144 17.05 30.18 6.14
N ALA D 145 17.28 30.20 4.82
CA ALA D 145 17.39 28.96 4.06
C ALA D 145 18.70 28.25 4.43
N THR D 146 18.61 26.97 4.75
CA THR D 146 19.78 26.24 5.22
C THR D 146 19.86 24.87 4.54
N CYS D 147 21.06 24.30 4.59
CA CYS D 147 21.30 22.90 4.27
C CYS D 147 22.17 22.33 5.39
N ALA D 148 21.56 21.52 6.25
CA ALA D 148 22.26 21.01 7.44
C ALA D 148 23.47 20.18 7.04
N THR D 149 23.37 19.44 5.94
CA THR D 149 24.47 18.57 5.50
C THR D 149 25.74 19.39 5.21
N SER D 150 25.61 20.40 4.36
CA SER D 150 26.78 21.18 3.98
C SER D 150 27.13 22.26 5.00
N GLY D 151 26.13 22.79 5.69
CA GLY D 151 26.34 23.84 6.67
C GLY D 151 25.89 25.21 6.22
N ASP D 152 25.48 25.37 4.97
CA ASP D 152 25.03 26.66 4.46
C ASP D 152 23.85 27.18 5.29
N GLY D 153 23.90 28.46 5.64
CA GLY D 153 22.82 29.12 6.32
C GLY D 153 22.86 29.02 7.84
N LEU D 154 23.54 28.02 8.39
CA LEU D 154 23.53 27.80 9.84
C LEU D 154 24.17 28.98 10.56
N TYR D 155 25.42 29.30 10.21
CA TYR D 155 26.13 30.38 10.89
C TYR D 155 25.53 31.74 10.59
N GLU D 156 24.76 31.87 9.50
CA GLU D 156 24.01 33.10 9.26
C GLU D 156 22.90 33.27 10.28
N GLY D 157 22.14 32.19 10.51
CA GLY D 157 21.15 32.23 11.58
C GLY D 157 21.77 32.49 12.94
N LEU D 158 22.92 31.89 13.20
CA LEU D 158 23.64 32.18 14.43
C LEU D 158 24.08 33.65 14.48
N ASP D 159 24.37 34.25 13.32
CA ASP D 159 24.70 35.67 13.28
C ASP D 159 23.50 36.52 13.68
N TRP D 160 22.33 36.23 13.09
CA TRP D 160 21.13 36.98 13.45
C TRP D 160 20.82 36.84 14.93
N LEU D 161 20.86 35.60 15.45
CA LEU D 161 20.65 35.40 16.88
C LEU D 161 21.66 36.19 17.70
N SER D 162 22.91 36.24 17.25
CA SER D 162 23.92 37.04 17.93
C SER D 162 23.52 38.51 17.99
N ASN D 163 22.98 39.03 16.89
CA ASN D 163 22.56 40.43 16.86
C ASN D 163 21.33 40.67 17.72
N GLN D 164 20.49 39.65 17.93
CA GLN D 164 19.29 39.84 18.75
C GLN D 164 19.57 39.78 20.24
N LEU D 165 20.79 39.47 20.66
CA LEU D 165 21.12 39.39 22.08
C LEU D 165 21.02 40.76 22.75
N PRO E 3 -4.03 -14.22 -6.83
CA PRO E 3 -3.66 -13.66 -8.14
C PRO E 3 -2.79 -12.42 -8.02
N SER E 4 -1.82 -12.28 -8.94
CA SER E 4 -0.95 -11.11 -8.96
C SER E 4 -1.76 -9.84 -9.18
N ASN E 5 -1.30 -8.75 -8.56
CA ASN E 5 -2.03 -7.49 -8.64
C ASN E 5 -2.08 -6.97 -10.07
N GLU E 6 -1.00 -7.14 -10.83
CA GLU E 6 -1.04 -6.79 -12.24
C GLU E 6 -2.00 -7.69 -13.00
N GLU E 7 -2.04 -8.98 -12.61
CA GLU E 7 -3.01 -9.89 -13.21
C GLU E 7 -4.44 -9.47 -12.89
N ARG E 8 -4.70 -9.10 -11.63
CA ARG E 8 -6.02 -8.56 -11.29
C ARG E 8 -6.33 -7.32 -12.13
N LYS E 9 -5.33 -6.50 -12.39
CA LYS E 9 -5.54 -5.32 -13.23
C LYS E 9 -5.97 -5.72 -14.64
N LYS E 10 -5.28 -6.70 -15.22
CA LYS E 10 -5.65 -7.17 -16.56
C LYS E 10 -7.06 -7.74 -16.58
N VAL E 11 -7.40 -8.56 -15.58
CA VAL E 11 -8.71 -9.20 -15.54
C VAL E 11 -9.81 -8.16 -15.39
N TYR E 12 -9.62 -7.21 -14.46
CA TYR E 12 -10.59 -6.13 -14.31
C TYR E 12 -10.77 -5.35 -15.61
N GLY E 13 -9.66 -5.12 -16.33
CA GLY E 13 -9.78 -4.49 -17.64
C GLY E 13 -10.66 -5.28 -18.59
N ARG E 14 -10.43 -6.60 -18.66
CA ARG E 14 -11.25 -7.44 -19.54
C ARG E 14 -12.71 -7.39 -19.13
N LEU E 15 -13.00 -7.38 -17.83
CA LEU E 15 -14.39 -7.28 -17.38
C LEU E 15 -15.01 -5.95 -17.81
N PHE E 16 -14.23 -4.86 -17.74
CA PHE E 16 -14.70 -3.58 -18.25
C PHE E 16 -15.05 -3.68 -19.73
N GLY E 17 -14.16 -4.30 -20.52
CA GLY E 17 -14.44 -4.47 -21.94
C GLY E 17 -15.72 -5.26 -22.18
N LYS E 18 -15.93 -6.34 -21.41
CA LYS E 18 -17.17 -7.10 -21.55
C LYS E 18 -18.39 -6.26 -21.17
N GLN E 19 -18.23 -5.31 -20.25
CA GLN E 19 -19.32 -4.39 -19.97
C GLN E 19 -19.57 -3.43 -21.12
N VAL E 20 -18.51 -3.03 -21.83
CA VAL E 20 -18.69 -2.23 -23.05
C VAL E 20 -19.50 -3.00 -24.08
N LEU E 21 -19.08 -4.24 -24.36
CA LEU E 21 -19.80 -5.08 -25.30
C LEU E 21 -21.25 -5.26 -24.89
N ALA E 22 -21.49 -5.50 -23.59
CA ALA E 22 -22.86 -5.65 -23.11
C ALA E 22 -23.66 -4.36 -23.27
N HIS E 23 -22.99 -3.21 -23.18
CA HIS E 23 -23.69 -1.95 -23.38
C HIS E 23 -24.13 -1.78 -24.83
N ILE E 24 -23.22 -2.03 -25.78
CA ILE E 24 -23.59 -1.93 -27.19
C ILE E 24 -24.70 -2.94 -27.51
N HIS E 25 -24.57 -4.17 -27.01
CA HIS E 25 -25.60 -5.17 -27.25
C HIS E 25 -26.94 -4.74 -26.66
N SER E 26 -26.92 -4.08 -25.51
CA SER E 26 -28.17 -3.57 -24.93
C SER E 26 -28.78 -2.51 -25.83
N ARG E 27 -27.95 -1.60 -26.35
CA ARG E 27 -28.43 -0.60 -27.30
C ARG E 27 -29.09 -1.27 -28.50
N CYS E 28 -28.49 -2.35 -29.02
CA CYS E 28 -29.05 -3.01 -30.20
C CYS E 28 -30.33 -3.75 -29.86
N GLN E 29 -30.41 -4.35 -28.67
CA GLN E 29 -31.65 -5.00 -28.25
C GLN E 29 -32.78 -4.00 -28.11
N ARG E 30 -32.47 -2.78 -27.64
CA ARG E 30 -33.50 -1.77 -27.50
C ARG E 30 -34.07 -1.33 -28.85
N ASP E 31 -33.20 -1.24 -29.87
CA ASP E 31 -33.58 -0.70 -31.17
C ASP E 31 -33.68 -1.78 -32.25
N ALA E 32 -34.01 -3.01 -31.86
CA ALA E 32 -34.04 -4.11 -32.82
C ALA E 32 -35.09 -3.88 -33.91
N ASP E 33 -36.27 -3.38 -33.52
CA ASP E 33 -37.36 -3.24 -34.48
C ASP E 33 -37.08 -2.14 -35.50
N ILE E 34 -36.66 -0.97 -35.03
CA ILE E 34 -36.37 0.13 -35.95
C ILE E 34 -35.17 -0.19 -36.83
N ILE E 35 -34.19 -0.94 -36.30
CA ILE E 35 -33.05 -1.35 -37.10
C ILE E 35 -33.48 -2.30 -38.20
N ARG E 36 -34.28 -3.32 -37.85
CA ARG E 36 -34.77 -4.23 -38.87
C ARG E 36 -35.61 -3.51 -39.91
N GLU E 37 -36.41 -2.53 -39.48
CA GLU E 37 -37.26 -1.80 -40.43
C GLU E 37 -36.41 -0.95 -41.37
N LYS E 38 -35.34 -0.33 -40.85
CA LYS E 38 -34.47 0.45 -41.73
C LYS E 38 -33.72 -0.46 -42.71
N ALA E 39 -33.24 -1.62 -42.23
CA ALA E 39 -32.52 -2.53 -43.10
C ALA E 39 -33.43 -3.06 -44.21
N LEU E 40 -34.62 -3.54 -43.85
CA LEU E 40 -35.58 -3.99 -44.86
C LEU E 40 -35.98 -2.85 -45.79
N ARG E 41 -36.04 -1.62 -45.27
CA ARG E 41 -36.32 -0.47 -46.12
C ARG E 41 -35.23 -0.29 -47.17
N ARG E 42 -33.96 -0.45 -46.76
CA ARG E 42 -32.87 -0.36 -47.73
C ARG E 42 -32.93 -1.50 -48.74
N ILE E 43 -33.27 -2.71 -48.27
CA ILE E 43 -33.31 -3.87 -49.17
C ILE E 43 -34.39 -3.67 -50.23
N SER E 44 -35.58 -3.23 -49.80
CA SER E 44 -36.65 -2.97 -50.75
C SER E 44 -36.34 -1.77 -51.63
N ARG E 45 -35.52 -0.83 -51.13
CA ARG E 45 -35.09 0.29 -51.96
C ARG E 45 -34.18 -0.18 -53.09
N GLU E 46 -33.25 -1.09 -52.79
CA GLU E 46 -32.34 -1.58 -53.83
C GLU E 46 -33.05 -2.53 -54.79
N CYS E 47 -33.42 -3.68 -54.26
CA CYS E 47 -33.95 -4.70 -55.17
C CYS E 47 -35.31 -4.29 -55.77
N ILE E 51 -38.49 -8.71 -54.58
CA ILE E 51 -37.88 -9.98 -54.09
C ILE E 51 -38.26 -10.16 -52.62
N ASP E 52 -38.09 -11.37 -52.07
CA ASP E 52 -38.44 -11.53 -50.63
C ASP E 52 -37.31 -10.91 -49.82
N CYS E 53 -37.62 -9.85 -49.10
CA CYS E 53 -36.59 -9.12 -48.34
C CYS E 53 -36.15 -9.91 -47.12
N ALA E 54 -37.08 -10.39 -46.32
CA ALA E 54 -36.69 -11.08 -45.10
C ALA E 54 -35.63 -12.15 -45.39
N LEU E 55 -35.82 -12.92 -46.44
CA LEU E 55 -34.86 -13.97 -46.78
C LEU E 55 -33.53 -13.38 -47.24
N LEU E 56 -33.58 -12.31 -48.04
CA LEU E 56 -32.35 -11.66 -48.47
C LEU E 56 -31.61 -11.05 -47.29
N LEU E 57 -32.34 -10.42 -46.37
CA LEU E 57 -31.72 -9.87 -45.16
C LEU E 57 -31.08 -10.98 -44.34
N ASN E 58 -31.74 -12.13 -44.24
CA ASN E 58 -31.17 -13.25 -43.49
C ASN E 58 -29.93 -13.80 -44.17
N LYS E 59 -29.91 -13.79 -45.51
CA LYS E 59 -28.72 -14.23 -46.23
C LYS E 59 -27.55 -13.29 -45.98
N MET E 60 -27.80 -11.97 -46.02
CA MET E 60 -26.75 -11.00 -45.75
C MET E 60 -26.25 -11.11 -44.31
N VAL E 61 -27.17 -11.32 -43.37
CA VAL E 61 -26.78 -11.50 -41.97
C VAL E 61 -25.91 -12.74 -41.81
N ASP E 62 -26.28 -13.83 -42.48
CA ASP E 62 -25.48 -15.05 -42.39
C ASP E 62 -24.11 -14.87 -43.04
N ILE E 63 -24.03 -14.06 -44.10
CA ILE E 63 -22.75 -13.80 -44.74
C ILE E 63 -21.84 -12.99 -43.80
N LEU E 64 -22.39 -11.93 -43.20
CA LEU E 64 -21.61 -11.14 -42.26
C LEU E 64 -21.21 -11.95 -41.03
N GLN E 65 -22.07 -12.87 -40.59
CA GLN E 65 -21.77 -13.66 -39.39
C GLN E 65 -20.73 -14.74 -39.67
N ASN E 66 -20.79 -15.38 -40.84
CA ASN E 66 -19.85 -16.42 -41.19
C ASN E 66 -18.57 -15.88 -41.83
N ALA E 67 -18.44 -14.56 -41.93
CA ALA E 67 -17.24 -13.95 -42.49
C ALA E 67 -16.05 -14.17 -41.58
N ARG E 68 -14.85 -14.15 -42.17
CA ARG E 68 -13.63 -14.34 -41.39
C ARG E 68 -13.19 -13.02 -40.77
N LEU E 69 -12.64 -13.12 -39.57
CA LEU E 69 -12.14 -11.96 -38.81
C LEU E 69 -10.63 -11.89 -38.98
N THR E 70 -10.13 -10.74 -39.44
CA THR E 70 -8.72 -10.61 -39.79
C THR E 70 -8.09 -9.44 -39.04
N ILE E 71 -6.79 -9.57 -38.77
CA ILE E 71 -5.98 -8.49 -38.20
C ILE E 71 -4.73 -8.38 -39.05
N ASN E 72 -4.63 -7.29 -39.83
CA ASN E 72 -3.53 -7.13 -40.75
C ASN E 72 -2.30 -6.56 -40.05
N PHE E 73 -1.13 -7.02 -40.48
CA PHE E 73 0.15 -6.46 -40.05
C PHE E 73 1.13 -6.49 -41.22
N ASN E 74 2.20 -5.71 -41.08
CA ASN E 74 3.20 -5.50 -42.12
C ASN E 74 4.49 -6.19 -41.66
N ALA E 75 4.76 -7.36 -42.22
CA ALA E 75 5.94 -8.13 -41.84
C ALA E 75 7.25 -7.50 -42.31
N ALA E 76 7.18 -6.43 -43.11
CA ALA E 76 8.39 -5.72 -43.52
C ALA E 76 8.75 -4.58 -42.60
N LYS E 77 7.80 -4.09 -41.80
CA LYS E 77 8.06 -3.00 -40.87
C LYS E 77 8.21 -3.49 -39.43
N ILE E 78 7.64 -4.64 -39.08
CA ILE E 78 7.79 -5.22 -37.75
C ILE E 78 8.24 -6.67 -37.90
N ASP E 79 9.00 -7.14 -36.92
CA ASP E 79 9.47 -8.53 -36.91
C ASP E 79 8.30 -9.43 -36.53
N PHE E 80 7.80 -10.21 -37.49
CA PHE E 80 6.67 -11.08 -37.20
C PHE E 80 7.03 -12.17 -36.21
N VAL E 81 8.31 -12.56 -36.16
CA VAL E 81 8.74 -13.57 -35.19
C VAL E 81 8.61 -13.04 -33.78
N SER E 82 9.09 -11.80 -33.56
CA SER E 82 8.91 -11.17 -32.25
C SER E 82 7.44 -10.95 -31.92
N LEU E 83 6.63 -10.79 -32.98
CA LEU E 83 5.16 -10.57 -32.82
C LEU E 83 4.51 -11.87 -32.32
N LEU E 84 4.93 -13.02 -32.86
CA LEU E 84 4.36 -14.30 -32.48
C LEU E 84 4.93 -14.79 -31.15
N LYS E 85 6.19 -14.48 -30.85
CA LYS E 85 6.80 -14.96 -29.61
C LYS E 85 6.26 -14.23 -28.38
N ASN E 86 5.59 -13.09 -28.55
CA ASN E 86 4.95 -12.42 -27.43
C ASN E 86 3.78 -13.21 -26.85
N LYS E 87 3.31 -14.23 -27.55
CA LYS E 87 2.19 -15.08 -27.14
C LYS E 87 0.88 -14.31 -27.00
N GLU E 88 0.83 -13.05 -27.46
CA GLU E 88 -0.36 -12.24 -27.29
C GLU E 88 -0.27 -11.04 -28.22
N TYR E 89 -1.40 -10.67 -28.81
CA TYR E 89 -1.51 -9.49 -29.66
C TYR E 89 -2.02 -8.33 -28.82
N LEU E 90 -1.36 -7.18 -28.95
CA LEU E 90 -1.62 -6.03 -28.10
C LEU E 90 -2.11 -4.85 -28.92
N ASN E 91 -2.98 -4.05 -28.31
CA ASN E 91 -3.49 -2.84 -28.95
C ASN E 91 -2.48 -1.71 -28.79
N SER E 92 -2.85 -0.50 -29.21
CA SER E 92 -1.92 0.62 -29.22
C SER E 92 -1.58 1.13 -27.82
N TYR E 93 -2.36 0.75 -26.81
CA TYR E 93 -2.09 1.22 -25.45
C TYR E 93 -0.94 0.47 -24.79
N ALA E 94 -0.58 -0.70 -25.29
CA ALA E 94 0.50 -1.50 -24.70
C ALA E 94 1.82 -1.25 -25.42
N PRO E 103 3.23 7.25 -29.82
CA PRO E 103 2.48 7.20 -28.56
C PRO E 103 1.38 8.28 -28.48
N ALA E 104 1.60 9.42 -29.13
CA ALA E 104 0.60 10.49 -29.12
C ALA E 104 -0.68 10.12 -29.86
N TYR E 105 -0.69 8.98 -30.55
CA TYR E 105 -1.91 8.48 -31.18
C TYR E 105 -2.95 8.04 -30.14
N ASN E 106 -2.50 7.65 -28.95
CA ASN E 106 -3.38 7.04 -27.96
C ASN E 106 -4.39 8.02 -27.36
N VAL E 107 -4.10 9.32 -27.36
CA VAL E 107 -5.04 10.27 -26.79
C VAL E 107 -6.27 10.40 -27.66
N GLY E 108 -6.08 10.61 -28.96
CA GLY E 108 -7.21 10.63 -29.87
C GLY E 108 -7.94 9.32 -29.92
N ARG E 109 -7.23 8.21 -29.71
CA ARG E 109 -7.89 6.91 -29.62
C ARG E 109 -8.75 6.81 -28.36
N ASP E 110 -8.30 7.40 -27.26
CA ASP E 110 -9.08 7.38 -26.03
C ASP E 110 -10.32 8.26 -26.16
N SER E 111 -10.18 9.42 -26.81
CA SER E 111 -11.35 10.28 -27.03
C SER E 111 -12.35 9.62 -27.97
N VAL E 112 -11.85 9.08 -29.09
CA VAL E 112 -12.72 8.42 -30.06
C VAL E 112 -13.42 7.22 -29.43
N GLU E 113 -12.69 6.45 -28.62
CA GLU E 113 -13.29 5.28 -27.98
C GLU E 113 -14.30 5.69 -26.91
N THR E 114 -14.00 6.76 -26.17
CA THR E 114 -14.91 7.22 -25.13
C THR E 114 -16.23 7.71 -25.73
N LYS E 115 -16.16 8.50 -26.80
CA LYS E 115 -17.38 9.00 -27.41
C LYS E 115 -18.10 7.95 -28.24
N ALA E 116 -17.36 7.02 -28.84
CA ALA E 116 -17.97 6.03 -29.73
C ALA E 116 -18.65 4.92 -28.95
N PHE E 117 -18.04 4.45 -27.87
CA PHE E 117 -18.59 3.36 -27.07
C PHE E 117 -19.39 3.87 -25.88
N GLU E 118 -19.52 5.18 -25.71
CA GLU E 118 -20.25 5.78 -24.58
C GLU E 118 -19.67 5.29 -23.26
N LEU E 119 -18.34 5.33 -23.15
CA LEU E 119 -17.66 4.81 -21.96
C LEU E 119 -18.04 5.58 -20.71
N GLU E 120 -18.44 6.85 -20.85
CA GLU E 120 -18.83 7.63 -19.69
C GLU E 120 -20.06 7.07 -19.00
N LYS E 121 -20.90 6.31 -19.72
CA LYS E 121 -22.03 5.64 -19.10
C LYS E 121 -21.62 4.47 -18.22
N LEU E 122 -20.35 4.10 -18.21
CA LEU E 122 -19.84 3.03 -17.35
C LEU E 122 -18.99 3.57 -16.19
N ALA E 123 -19.01 4.88 -15.96
CA ALA E 123 -18.16 5.47 -14.92
C ALA E 123 -18.50 4.95 -13.54
N ASP E 124 -19.72 4.49 -13.32
CA ASP E 124 -20.14 3.97 -12.02
C ASP E 124 -19.81 2.51 -11.82
N SER E 125 -19.24 1.84 -12.82
CA SER E 125 -18.89 0.44 -12.69
C SER E 125 -17.71 0.28 -11.73
N PRO E 126 -17.69 -0.82 -10.96
CA PRO E 126 -16.51 -1.09 -10.12
C PRO E 126 -15.26 -1.41 -10.91
N TYR E 127 -15.36 -1.58 -12.23
CA TYR E 127 -14.21 -1.80 -13.09
C TYR E 127 -13.86 -0.57 -13.93
N ALA E 128 -14.59 0.53 -13.75
CA ALA E 128 -14.26 1.77 -14.44
C ALA E 128 -12.85 2.28 -14.15
N PRO E 129 -12.31 2.20 -12.93
CA PRO E 129 -10.93 2.66 -12.71
C PRO E 129 -9.90 1.96 -13.59
N TYR E 130 -10.19 0.73 -14.04
CA TYR E 130 -9.28 -0.03 -14.87
C TYR E 130 -9.56 0.14 -16.36
N GLY E 131 -10.57 0.91 -16.73
CA GLY E 131 -10.88 1.19 -18.11
C GLY E 131 -10.82 2.67 -18.44
N GLN E 132 -10.40 3.48 -17.48
CA GLN E 132 -10.30 4.92 -17.65
C GLN E 132 -8.83 5.33 -17.56
N THR E 133 -8.38 6.12 -18.54
CA THR E 133 -6.99 6.55 -18.56
C THR E 133 -6.70 7.65 -17.55
N GLY E 134 -7.71 8.46 -17.20
CA GLY E 134 -7.47 9.59 -16.32
C GLY E 134 -6.69 10.71 -16.98
N GLY E 135 -6.80 10.85 -18.30
CA GLY E 135 -5.97 11.77 -19.04
C GLY E 135 -4.58 11.21 -19.29
N PHE E 136 -3.84 11.89 -20.16
CA PHE E 136 -2.52 11.44 -20.57
C PHE E 136 -1.44 12.39 -20.08
N SER E 137 -0.30 11.83 -19.72
CA SER E 137 0.85 12.60 -19.25
C SER E 137 1.64 13.12 -20.44
N VAL E 138 2.84 13.67 -20.18
CA VAL E 138 3.62 14.28 -21.23
C VAL E 138 4.14 13.24 -22.22
N ALA E 139 4.30 11.99 -21.79
CA ALA E 139 4.77 10.92 -22.66
C ALA E 139 3.64 10.22 -23.39
N TYR E 140 2.44 10.84 -23.42
CA TYR E 140 1.26 10.21 -24.01
C TYR E 140 0.95 8.89 -23.31
N THR E 141 1.20 8.86 -22.00
CA THR E 141 0.95 7.74 -21.12
C THR E 141 -0.13 8.09 -20.12
N PRO E 142 -1.04 7.17 -19.81
CA PRO E 142 -2.16 7.51 -18.92
C PRO E 142 -1.69 7.88 -17.52
N ASN E 143 -2.37 8.86 -16.93
CA ASN E 143 -2.05 9.27 -15.56
C ASN E 143 -2.43 8.19 -14.56
N SER E 144 -3.47 7.41 -14.84
CA SER E 144 -3.97 6.43 -13.90
C SER E 144 -3.07 5.20 -13.87
N ARG E 145 -2.60 4.83 -12.67
CA ARG E 145 -1.80 3.63 -12.51
C ARG E 145 -2.61 2.35 -12.63
N THR E 146 -3.94 2.43 -12.55
CA THR E 146 -4.78 1.24 -12.61
C THR E 146 -5.38 1.00 -13.99
N PHE E 147 -5.27 1.95 -14.91
CA PHE E 147 -5.77 1.74 -16.25
C PHE E 147 -5.07 0.56 -16.90
N SER E 148 -5.85 -0.30 -17.55
CA SER E 148 -5.33 -1.52 -18.15
C SER E 148 -5.55 -1.50 -19.65
N THR E 149 -4.53 -1.97 -20.38
CA THR E 149 -4.65 -2.17 -21.81
C THR E 149 -5.81 -3.09 -22.16
N THR E 150 -6.05 -4.11 -21.32
CA THR E 150 -7.07 -5.11 -21.59
C THR E 150 -8.49 -4.56 -21.60
N SER E 151 -8.69 -3.30 -21.18
CA SER E 151 -10.02 -2.71 -21.16
C SER E 151 -10.45 -2.14 -22.50
N ARG E 152 -9.51 -1.96 -23.43
CA ARG E 152 -9.83 -1.41 -24.73
C ARG E 152 -9.68 -2.48 -25.82
N PRO E 153 -10.47 -2.40 -26.89
CA PRO E 153 -10.54 -3.52 -27.84
C PRO E 153 -9.32 -3.60 -28.75
N ILE E 154 -9.17 -4.77 -29.36
CA ILE E 154 -8.18 -5.00 -30.41
C ILE E 154 -8.86 -4.83 -31.76
N TYR E 155 -8.25 -4.04 -32.64
CA TYR E 155 -8.89 -3.63 -33.87
C TYR E 155 -8.67 -4.66 -34.97
N ALA E 156 -9.75 -5.05 -35.64
CA ALA E 156 -9.74 -6.08 -36.66
C ALA E 156 -10.69 -5.65 -37.78
N ALA E 157 -10.92 -6.56 -38.72
CA ALA E 157 -11.81 -6.30 -39.85
C ALA E 157 -12.63 -7.54 -40.14
N LEU E 158 -13.89 -7.32 -40.55
CA LEU E 158 -14.79 -8.39 -40.95
C LEU E 158 -14.66 -8.56 -42.46
N ASP E 159 -13.81 -9.50 -42.87
CA ASP E 159 -13.42 -9.66 -44.26
C ASP E 159 -14.43 -10.59 -44.96
N PHE E 160 -15.60 -10.04 -45.25
CA PHE E 160 -16.69 -10.87 -45.79
C PHE E 160 -16.54 -11.15 -47.28
N LEU E 161 -15.69 -10.43 -48.00
CA LEU E 161 -15.40 -10.72 -49.39
C LEU E 161 -14.13 -11.55 -49.56
N ASN E 162 -13.53 -11.99 -48.46
CA ASN E 162 -12.26 -12.74 -48.48
C ASN E 162 -11.22 -12.02 -49.34
N GLY E 163 -10.83 -10.85 -48.85
CA GLY E 163 -9.85 -10.02 -49.53
C GLY E 163 -8.56 -10.73 -49.83
N GLU E 164 -7.89 -10.34 -50.92
CA GLU E 164 -6.64 -10.97 -51.30
C GLU E 164 -5.59 -10.80 -50.20
N ASN E 165 -5.55 -9.63 -49.56
CA ASN E 165 -4.57 -9.33 -48.52
C ASN E 165 -5.24 -9.07 -47.18
N GLY E 166 -6.37 -9.72 -46.92
CA GLY E 166 -7.09 -9.52 -45.68
C GLY E 166 -8.17 -8.47 -45.79
N GLY E 167 -8.66 -8.06 -44.63
CA GLY E 167 -9.75 -7.11 -44.56
C GLY E 167 -9.31 -5.66 -44.47
N ALA E 168 -8.05 -5.43 -44.12
CA ALA E 168 -7.53 -4.07 -43.96
C ALA E 168 -6.06 -4.06 -44.36
N SER E 169 -5.81 -4.26 -45.66
CA SER E 169 -4.46 -4.36 -46.19
C SER E 169 -3.66 -3.07 -46.03
N ALA E 170 -4.30 -1.96 -45.66
CA ALA E 170 -3.56 -0.72 -45.41
C ALA E 170 -2.54 -0.89 -44.30
N TYR E 171 -2.82 -1.76 -43.33
CA TYR E 171 -1.92 -2.01 -42.22
C TYR E 171 -0.89 -3.08 -42.52
N GLY E 172 -0.85 -3.59 -43.73
CA GLY E 172 0.14 -4.58 -44.13
C GLY E 172 -0.46 -5.68 -44.98
N LYS E 173 0.42 -6.40 -45.68
CA LYS E 173 0.01 -7.51 -46.54
C LYS E 173 -0.16 -8.81 -45.78
N SER E 174 0.35 -8.92 -44.55
CA SER E 174 0.10 -10.10 -43.75
C SER E 174 -1.13 -9.88 -42.88
N PHE E 175 -1.66 -10.98 -42.34
CA PHE E 175 -2.82 -10.84 -41.46
C PHE E 175 -3.08 -12.15 -40.73
N PHE E 176 -3.48 -12.04 -39.47
CA PHE E 176 -4.09 -13.15 -38.75
C PHE E 176 -5.53 -13.33 -39.19
N GLU E 177 -5.95 -14.58 -39.31
CA GLU E 177 -7.37 -14.93 -39.36
C GLU E 177 -7.69 -15.59 -38.03
N LEU E 178 -8.54 -14.94 -37.23
CA LEU E 178 -8.84 -15.44 -35.90
C LEU E 178 -9.90 -16.54 -35.97
N ASN E 179 -9.94 -17.35 -34.91
CA ASN E 179 -11.01 -18.32 -34.78
C ASN E 179 -12.36 -17.62 -34.76
N ASP E 180 -13.37 -18.29 -35.32
CA ASP E 180 -14.65 -17.62 -35.57
C ASP E 180 -15.37 -17.25 -34.29
N ASN E 181 -15.17 -18.00 -33.20
CA ASN E 181 -15.84 -17.70 -31.94
C ASN E 181 -15.50 -16.29 -31.47
N VAL E 182 -14.31 -15.78 -31.83
CA VAL E 182 -13.90 -14.44 -31.42
C VAL E 182 -14.91 -13.40 -31.91
N LYS E 183 -15.57 -13.65 -33.04
CA LYS E 183 -16.56 -12.70 -33.55
C LYS E 183 -17.68 -12.45 -32.56
N THR E 184 -17.95 -13.39 -31.65
CA THR E 184 -19.01 -13.19 -30.68
C THR E 184 -18.65 -12.18 -29.60
N ASN E 185 -17.36 -11.80 -29.48
CA ASN E 185 -16.93 -10.80 -28.52
C ASN E 185 -16.59 -9.46 -29.17
N CYS E 186 -17.14 -9.20 -30.35
CA CYS E 186 -16.77 -8.02 -31.12
C CYS E 186 -17.96 -7.07 -31.26
N THR E 187 -17.64 -5.79 -31.37
CA THR E 187 -18.56 -4.82 -31.93
C THR E 187 -18.15 -4.53 -33.38
N PHE E 188 -19.10 -4.06 -34.18
CA PHE E 188 -18.86 -3.87 -35.59
C PHE E 188 -19.33 -2.49 -36.01
N SER E 189 -18.57 -1.88 -36.93
CA SER E 189 -18.82 -0.56 -37.45
C SER E 189 -18.61 -0.55 -38.96
N PRO E 190 -19.48 0.13 -39.71
CA PRO E 190 -19.27 0.22 -41.17
C PRO E 190 -18.16 1.17 -41.57
N PHE E 191 -17.69 2.01 -40.66
CA PHE E 191 -16.55 2.88 -40.88
C PHE E 191 -15.62 2.77 -39.69
N ASP E 192 -14.32 2.96 -39.93
CA ASP E 192 -13.38 2.98 -38.82
C ASP E 192 -13.69 4.16 -37.91
N ILE E 193 -13.84 3.88 -36.61
CA ILE E 193 -14.35 4.88 -35.68
C ILE E 193 -13.43 6.07 -35.51
N TYR E 194 -12.18 5.97 -35.95
CA TYR E 194 -11.24 7.08 -35.88
C TYR E 194 -11.38 8.04 -37.06
N GLY E 195 -12.22 7.72 -38.05
CA GLY E 195 -12.32 8.51 -39.26
C GLY E 195 -13.49 9.49 -39.25
N HIS E 196 -13.61 10.21 -40.36
CA HIS E 196 -14.61 11.26 -40.48
C HIS E 196 -16.01 10.70 -40.74
N ARG E 197 -16.11 9.62 -41.52
CA ARG E 197 -17.42 9.14 -41.93
C ARG E 197 -18.18 8.47 -40.79
N PHE E 198 -17.47 7.91 -39.81
CA PHE E 198 -18.14 7.36 -38.64
C PHE E 198 -18.83 8.45 -37.83
N GLY E 199 -18.19 9.62 -37.72
CA GLY E 199 -18.78 10.77 -37.05
C GLY E 199 -19.06 10.57 -35.58
N LEU E 200 -18.34 9.65 -34.93
CA LEU E 200 -18.51 9.38 -33.50
C LEU E 200 -19.97 9.03 -33.17
N ASP E 201 -20.60 8.30 -34.08
CA ASP E 201 -22.02 7.95 -33.98
C ASP E 201 -22.13 6.56 -33.37
N THR E 202 -22.51 6.50 -32.09
CA THR E 202 -22.65 5.22 -31.40
C THR E 202 -23.74 4.37 -32.04
N SER E 203 -24.74 4.99 -32.66
CA SER E 203 -25.84 4.24 -33.27
C SER E 203 -25.40 3.45 -34.49
N LYS E 204 -24.17 3.64 -34.97
CA LYS E 204 -23.64 2.86 -36.09
C LYS E 204 -22.91 1.60 -35.66
N LEU E 205 -22.85 1.32 -34.36
CA LEU E 205 -22.20 0.13 -33.85
C LEU E 205 -23.22 -0.99 -33.67
N SER E 206 -22.77 -2.23 -33.87
CA SER E 206 -23.62 -3.39 -33.66
C SER E 206 -22.80 -4.49 -32.99
N THR E 207 -23.47 -5.56 -32.60
CA THR E 207 -22.83 -6.74 -32.06
C THR E 207 -22.96 -7.90 -33.04
N PHE E 208 -22.38 -9.04 -32.66
CA PHE E 208 -22.43 -10.21 -33.53
C PHE E 208 -23.86 -10.66 -33.81
N TRP E 209 -24.79 -10.34 -32.91
CA TRP E 209 -26.17 -10.78 -33.01
C TRP E 209 -27.08 -9.71 -33.61
N HIS E 210 -26.52 -8.65 -34.19
CA HIS E 210 -27.31 -7.57 -34.77
C HIS E 210 -26.65 -7.04 -36.04
N MET E 211 -26.15 -7.96 -36.87
CA MET E 211 -25.58 -7.57 -38.16
C MET E 211 -26.54 -6.76 -39.01
N GLU E 212 -27.85 -6.88 -38.76
CA GLU E 212 -28.83 -6.07 -39.46
C GLU E 212 -28.47 -4.58 -39.40
N ASN E 213 -28.02 -4.11 -38.22
CA ASN E 213 -27.62 -2.72 -38.11
C ASN E 213 -26.54 -2.37 -39.11
N LEU E 214 -25.53 -3.23 -39.25
CA LEU E 214 -24.51 -3.05 -40.28
C LEU E 214 -25.13 -2.90 -41.65
N ILE E 215 -26.08 -3.78 -41.97
CA ILE E 215 -26.75 -3.73 -43.27
C ILE E 215 -27.49 -2.40 -43.43
N ALA E 216 -28.01 -1.86 -42.33
CA ALA E 216 -28.69 -0.57 -42.38
C ALA E 216 -27.72 0.61 -42.40
N SER E 217 -26.45 0.40 -42.07
CA SER E 217 -25.53 1.51 -41.85
C SER E 217 -24.33 1.52 -42.80
N CYS E 218 -24.06 0.43 -43.53
CA CYS E 218 -22.88 0.39 -44.36
C CYS E 218 -23.01 1.34 -45.56
N GLN E 219 -21.87 1.67 -46.15
CA GLN E 219 -21.85 2.65 -47.23
C GLN E 219 -22.42 2.06 -48.51
N ASN E 220 -23.00 2.94 -49.33
CA ASN E 220 -23.55 2.62 -50.64
C ASN E 220 -23.06 3.65 -51.65
N ASP E 221 -21.75 3.84 -51.69
CA ASP E 221 -21.15 4.92 -52.47
C ASP E 221 -21.37 4.72 -53.96
N PHE E 222 -21.50 5.83 -54.67
CA PHE E 222 -21.76 5.82 -56.10
C PHE E 222 -20.49 5.72 -56.94
N PHE E 223 -19.33 5.64 -56.32
CA PHE E 223 -18.09 5.40 -57.04
C PHE E 223 -17.13 4.63 -56.14
N GLY E 224 -16.21 3.92 -56.78
CA GLY E 224 -15.29 3.09 -56.01
C GLY E 224 -15.98 1.86 -55.45
N TYR E 225 -15.38 1.33 -54.38
CA TYR E 225 -15.93 0.15 -53.71
C TYR E 225 -17.27 0.48 -53.07
N ASN E 226 -18.25 -0.40 -53.29
CA ASN E 226 -19.59 -0.26 -52.74
C ASN E 226 -19.86 -1.46 -51.83
N CYS E 227 -19.97 -1.21 -50.53
CA CYS E 227 -20.15 -2.30 -49.58
C CYS E 227 -21.54 -2.90 -49.68
N PHE E 228 -22.57 -2.05 -49.77
CA PHE E 228 -23.94 -2.53 -49.79
C PHE E 228 -24.21 -3.41 -51.01
N LYS E 229 -23.88 -2.90 -52.20
CA LYS E 229 -24.12 -3.67 -53.42
C LYS E 229 -23.30 -4.95 -53.45
N SER E 230 -22.08 -4.91 -52.89
CA SER E 230 -21.29 -6.13 -52.80
C SER E 230 -21.96 -7.15 -51.91
N LEU E 231 -22.52 -6.72 -50.78
CA LEU E 231 -23.17 -7.66 -49.87
C LEU E 231 -24.46 -8.21 -50.45
N VAL E 232 -25.24 -7.39 -51.17
CA VAL E 232 -26.46 -7.90 -51.79
C VAL E 232 -26.13 -8.86 -52.92
N LYS E 233 -25.13 -8.53 -53.76
CA LYS E 233 -24.77 -9.43 -54.85
C LYS E 233 -24.21 -10.74 -54.32
N MET E 234 -23.44 -10.69 -53.23
CA MET E 234 -22.97 -11.92 -52.61
C MET E 234 -24.11 -12.71 -52.00
N ALA E 235 -25.14 -12.02 -51.49
CA ALA E 235 -26.30 -12.71 -50.94
C ALA E 235 -27.11 -13.43 -52.01
N LYS E 236 -27.18 -12.87 -53.21
CA LYS E 236 -27.87 -13.52 -54.32
C LYS E 236 -27.04 -14.60 -55.00
N ASP E 237 -25.94 -15.03 -54.38
CA ASP E 237 -25.09 -16.10 -54.91
C ASP E 237 -24.57 -15.77 -56.30
N GLU E 238 -24.41 -14.49 -56.61
CA GLU E 238 -23.85 -14.07 -57.89
C GLU E 238 -22.34 -14.03 -57.80
N LYS E 239 -21.68 -14.39 -58.91
CA LYS E 239 -20.23 -14.43 -58.97
C LYS E 239 -19.69 -13.07 -59.43
N PHE E 240 -18.73 -12.55 -58.68
CA PHE E 240 -18.07 -11.30 -59.03
C PHE E 240 -16.76 -11.20 -58.29
N LEU E 241 -15.86 -10.38 -58.84
CA LEU E 241 -14.58 -10.10 -58.18
C LEU E 241 -14.73 -8.84 -57.32
N ALA E 242 -14.14 -8.89 -56.13
CA ALA E 242 -14.22 -7.74 -55.22
C ALA E 242 -13.51 -6.54 -55.83
N HIS E 243 -14.00 -5.35 -55.47
CA HIS E 243 -13.37 -4.12 -55.93
C HIS E 243 -11.93 -4.04 -55.46
N SER E 244 -11.08 -3.42 -56.28
CA SER E 244 -9.65 -3.36 -55.98
C SER E 244 -9.34 -2.50 -54.77
N ASN E 245 -10.27 -1.65 -54.34
CA ASN E 245 -10.09 -0.81 -53.16
C ASN E 245 -10.70 -1.41 -51.90
N TYR E 246 -11.29 -2.60 -52.01
CA TYR E 246 -11.86 -3.26 -50.84
C TYR E 246 -10.78 -3.53 -49.80
N GLY E 247 -10.90 -2.89 -48.64
CA GLY E 247 -9.96 -3.08 -47.56
C GLY E 247 -8.62 -2.39 -47.71
N LYS E 248 -8.41 -1.63 -48.77
CA LYS E 248 -7.10 -1.04 -49.04
C LYS E 248 -6.93 0.32 -48.37
N GLY E 249 -8.00 1.11 -48.27
CA GLY E 249 -7.96 2.41 -47.64
C GLY E 249 -8.51 2.38 -46.22
N TYR E 250 -8.88 3.56 -45.73
CA TYR E 250 -9.56 3.70 -44.46
C TYR E 250 -11.03 4.02 -44.71
N GLU E 251 -11.67 4.65 -43.72
CA GLU E 251 -13.06 5.12 -43.83
C GLU E 251 -13.95 3.92 -44.16
N GLY E 252 -14.69 3.92 -45.26
CA GLY E 252 -15.67 2.89 -45.55
C GLY E 252 -15.22 1.72 -46.38
N ASN E 253 -13.92 1.55 -46.61
CA ASN E 253 -13.47 0.45 -47.47
C ASN E 253 -13.56 -0.89 -46.78
N TYR E 254 -13.64 -0.93 -45.45
CA TYR E 254 -13.75 -2.18 -44.73
C TYR E 254 -14.70 -2.02 -43.55
N ILE E 255 -15.24 -3.15 -43.10
CA ILE E 255 -16.07 -3.20 -41.90
C ILE E 255 -15.15 -3.41 -40.71
N GLU E 256 -15.04 -2.39 -39.85
CA GLU E 256 -14.15 -2.47 -38.70
C GLU E 256 -14.77 -3.29 -37.59
N ALA E 257 -13.96 -4.13 -36.97
CA ALA E 257 -14.38 -4.95 -35.83
C ALA E 257 -13.54 -4.59 -34.61
N HIS E 258 -14.17 -4.65 -33.44
CA HIS E 258 -13.53 -4.33 -32.17
C HIS E 258 -13.65 -5.55 -31.27
N ILE E 259 -12.52 -6.22 -31.06
CA ILE E 259 -12.47 -7.42 -30.23
C ILE E 259 -12.35 -7.00 -28.77
N HIS E 260 -13.39 -7.29 -27.99
CA HIS E 260 -13.39 -6.96 -26.56
C HIS E 260 -12.90 -8.19 -25.81
N GLY E 261 -11.62 -8.17 -25.44
CA GLY E 261 -10.95 -9.31 -24.85
C GLY E 261 -9.55 -9.45 -25.42
N ASP E 262 -8.80 -10.42 -24.92
CA ASP E 262 -7.43 -10.62 -25.37
C ASP E 262 -7.38 -11.52 -26.59
N VAL E 263 -6.33 -11.36 -27.38
CA VAL E 263 -6.03 -12.22 -28.51
C VAL E 263 -4.72 -12.93 -28.22
N CYS E 264 -4.79 -14.22 -27.94
CA CYS E 264 -3.61 -15.01 -27.58
C CYS E 264 -3.15 -15.83 -28.78
N LEU E 265 -1.83 -15.85 -28.99
CA LEU E 265 -1.24 -16.62 -30.07
C LEU E 265 -0.61 -17.88 -29.49
N PHE E 266 -0.99 -19.05 -30.02
CA PHE E 266 -1.88 -19.16 -31.17
C PHE E 266 -3.26 -19.69 -30.77
N ARG E 267 -3.64 -19.47 -29.50
CA ARG E 267 -4.89 -20.02 -28.98
C ARG E 267 -6.10 -19.53 -29.77
N ASP E 268 -6.15 -18.23 -30.06
CA ASP E 268 -7.28 -17.62 -30.75
C ASP E 268 -7.03 -17.44 -32.25
N ILE E 269 -6.02 -18.12 -32.79
CA ILE E 269 -5.60 -17.90 -34.18
C ILE E 269 -5.93 -19.14 -34.99
N LYS E 270 -6.72 -18.95 -36.05
CA LYS E 270 -6.97 -20.00 -37.02
C LYS E 270 -5.80 -20.12 -38.00
N HIS E 271 -5.48 -19.04 -38.69
CA HIS E 271 -4.38 -19.01 -39.63
C HIS E 271 -3.59 -17.72 -39.45
N VAL E 272 -2.32 -17.77 -39.86
CA VAL E 272 -1.47 -16.59 -40.00
C VAL E 272 -1.00 -16.56 -41.45
N TYR E 273 -1.56 -15.64 -42.24
CA TYR E 273 -1.18 -15.48 -43.64
C TYR E 273 0.02 -14.54 -43.70
N LEU E 274 1.20 -15.11 -43.92
CA LEU E 274 2.43 -14.35 -44.03
C LEU E 274 2.68 -14.00 -45.50
N SER E 275 2.92 -12.72 -45.76
CA SER E 275 3.24 -12.28 -47.11
C SER E 275 4.69 -12.59 -47.43
N LEU E 276 4.93 -13.25 -48.57
CA LEU E 276 6.30 -13.49 -49.02
C LEU E 276 6.91 -12.23 -49.60
N GLN E 277 6.10 -11.41 -50.28
CA GLN E 277 6.62 -10.20 -50.91
C GLN E 277 6.97 -9.16 -49.85
N GLU E 278 6.02 -8.85 -48.96
CA GLU E 278 6.23 -7.84 -47.93
C GLU E 278 6.70 -8.55 -46.66
N ASN E 279 8.00 -8.81 -46.60
CA ASN E 279 8.57 -9.55 -45.48
C ASN E 279 10.07 -9.29 -45.43
N SER E 280 10.60 -9.24 -44.21
CA SER E 280 12.02 -9.10 -43.97
C SER E 280 12.75 -10.44 -43.95
N TYR E 281 12.05 -11.56 -44.13
CA TYR E 281 12.65 -12.87 -44.15
C TYR E 281 12.60 -13.48 -45.55
N SER E 282 13.51 -14.42 -45.78
CA SER E 282 13.66 -15.11 -47.06
C SER E 282 12.72 -16.31 -47.18
N LYS E 283 12.72 -16.93 -48.35
CA LYS E 283 11.90 -18.13 -48.57
C LYS E 283 12.30 -19.27 -47.65
N SER E 284 13.61 -19.53 -47.55
CA SER E 284 14.09 -20.61 -46.68
C SER E 284 13.66 -20.38 -45.24
N GLN E 285 13.86 -19.16 -44.73
CA GLN E 285 13.52 -18.87 -43.34
C GLN E 285 12.02 -18.94 -43.11
N LEU E 286 11.22 -18.41 -44.05
CA LEU E 286 9.77 -18.45 -43.89
C LEU E 286 9.24 -19.88 -43.95
N TYR E 287 9.77 -20.70 -44.87
CA TYR E 287 9.37 -22.11 -44.92
C TYR E 287 9.73 -22.81 -43.62
N ASP E 288 10.92 -22.52 -43.08
CA ASP E 288 11.36 -23.16 -41.85
C ASP E 288 10.49 -22.74 -40.67
N TYR E 289 10.11 -21.46 -40.59
CA TYR E 289 9.24 -21.00 -39.52
C TYR E 289 7.84 -21.60 -39.64
N ALA E 290 7.28 -21.63 -40.86
CA ALA E 290 5.95 -22.20 -41.05
C ALA E 290 5.93 -23.68 -40.69
N LYS E 291 6.92 -24.44 -41.16
CA LYS E 291 6.98 -25.86 -40.84
C LYS E 291 7.20 -26.09 -39.35
N GLN E 292 8.07 -25.30 -38.73
CA GLN E 292 8.37 -25.47 -37.31
C GLN E 292 7.14 -25.18 -36.46
N ILE E 293 6.52 -24.01 -36.65
CA ILE E 293 5.33 -23.64 -35.88
C ILE E 293 4.19 -24.62 -36.14
N ASN E 294 3.97 -24.95 -37.41
CA ASN E 294 2.87 -25.84 -37.76
C ASN E 294 3.06 -27.23 -37.16
N GLN E 295 4.30 -27.73 -37.15
CA GLN E 295 4.56 -29.02 -36.51
C GLN E 295 4.37 -28.94 -35.02
N ALA E 296 4.71 -27.80 -34.40
CA ALA E 296 4.51 -27.68 -32.97
C ALA E 296 3.03 -27.62 -32.61
N LEU E 297 2.22 -26.97 -33.44
CA LEU E 297 0.80 -26.84 -33.20
C LEU E 297 -0.02 -28.01 -33.76
N ASN E 298 0.58 -28.84 -34.62
CA ASN E 298 -0.14 -29.92 -35.31
C ASN E 298 -1.32 -29.37 -36.12
N ARG E 299 -1.17 -28.16 -36.64
CA ARG E 299 -2.17 -27.53 -37.49
C ARG E 299 -1.47 -26.82 -38.64
N ASP E 300 -2.23 -26.50 -39.68
CA ASP E 300 -1.73 -25.66 -40.76
C ASP E 300 -2.05 -24.19 -40.46
N CYS E 301 -1.46 -23.70 -39.38
CA CYS E 301 -1.72 -22.34 -38.91
C CYS E 301 -0.99 -21.31 -39.77
N ILE E 302 0.33 -21.44 -39.87
CA ILE E 302 1.11 -20.51 -40.67
C ILE E 302 0.94 -20.88 -42.14
N ILE E 303 0.45 -19.93 -42.93
CA ILE E 303 0.24 -20.13 -44.37
C ILE E 303 0.98 -19.03 -45.10
N LEU E 304 1.96 -19.42 -45.93
CA LEU E 304 2.69 -18.48 -46.75
C LEU E 304 1.94 -18.26 -48.06
N TYR E 305 2.00 -17.02 -48.56
CA TYR E 305 1.32 -16.67 -49.80
C TYR E 305 1.94 -15.42 -50.42
N ARG F 3 4.75 -25.95 -17.98
CA ARG F 3 3.60 -26.48 -17.26
C ARG F 3 2.65 -27.20 -18.22
N PRO F 4 1.95 -28.22 -17.72
CA PRO F 4 0.91 -28.86 -18.54
C PRO F 4 -0.39 -28.07 -18.47
N GLU F 5 -1.06 -27.94 -19.61
CA GLU F 5 -2.31 -27.23 -19.70
C GLU F 5 -3.44 -28.20 -20.03
N MET F 6 -4.64 -27.91 -19.52
CA MET F 6 -5.83 -28.66 -19.83
C MET F 6 -6.90 -27.70 -20.33
N ARG F 7 -7.45 -27.99 -21.50
CA ARG F 7 -8.44 -27.12 -22.11
C ARG F 7 -9.84 -27.53 -21.67
N ILE F 8 -10.60 -26.56 -21.16
CA ILE F 8 -11.89 -26.81 -20.53
C ILE F 8 -12.92 -25.90 -21.18
N LEU F 9 -14.01 -26.49 -21.66
CA LEU F 9 -15.19 -25.73 -22.08
C LEU F 9 -16.23 -25.82 -20.97
N MET F 10 -16.57 -24.67 -20.38
CA MET F 10 -17.59 -24.59 -19.35
C MET F 10 -18.89 -24.11 -20.00
N VAL F 11 -19.88 -24.99 -20.04
CA VAL F 11 -21.14 -24.74 -20.70
C VAL F 11 -22.27 -24.97 -19.70
N GLY F 12 -23.50 -24.78 -20.16
CA GLY F 12 -24.68 -24.88 -19.33
C GLY F 12 -25.66 -23.77 -19.59
N LEU F 13 -26.87 -23.92 -19.07
CA LEU F 13 -27.90 -22.90 -19.24
C LEU F 13 -27.46 -21.57 -18.65
N ASP F 14 -28.02 -20.48 -19.16
CA ASP F 14 -27.76 -19.17 -18.60
C ASP F 14 -28.27 -19.11 -17.17
N ALA F 15 -27.63 -18.26 -16.36
CA ALA F 15 -27.90 -18.04 -14.95
C ALA F 15 -27.55 -19.25 -14.09
N ALA F 16 -26.89 -20.26 -14.65
CA ALA F 16 -26.45 -21.40 -13.85
C ALA F 16 -25.29 -21.04 -12.93
N GLY F 17 -24.51 -20.03 -13.28
CA GLY F 17 -23.38 -19.59 -12.48
C GLY F 17 -22.02 -19.79 -13.11
N LYS F 18 -21.93 -19.88 -14.44
CA LYS F 18 -20.65 -20.18 -15.08
C LYS F 18 -19.62 -19.07 -14.85
N THR F 19 -20.00 -17.83 -15.17
CA THR F 19 -19.07 -16.71 -15.04
C THR F 19 -18.61 -16.53 -13.60
N THR F 20 -19.56 -16.64 -12.65
CA THR F 20 -19.20 -16.54 -11.24
C THR F 20 -18.18 -17.59 -10.85
N ILE F 21 -18.31 -18.81 -11.38
CA ILE F 21 -17.35 -19.87 -11.09
C ILE F 21 -15.99 -19.52 -11.70
N LEU F 22 -15.99 -19.09 -12.97
CA LEU F 22 -14.73 -18.78 -13.65
C LEU F 22 -13.95 -17.71 -12.91
N TYR F 23 -14.60 -16.60 -12.55
CA TYR F 23 -13.88 -15.50 -11.93
C TYR F 23 -13.74 -15.65 -10.41
N LYS F 24 -14.48 -16.59 -9.80
CA LYS F 24 -14.16 -16.98 -8.43
C LYS F 24 -12.88 -17.81 -8.40
N LEU F 25 -12.71 -18.70 -9.38
CA LEU F 25 -11.46 -19.44 -9.50
C LEU F 25 -10.30 -18.53 -9.91
N LYS F 26 -10.57 -17.55 -10.77
CA LYS F 26 -9.50 -16.72 -11.31
C LYS F 26 -9.10 -15.60 -10.36
N LEU F 27 -10.07 -14.93 -9.73
CA LEU F 27 -9.80 -13.79 -8.88
C LEU F 27 -9.98 -14.06 -7.40
N GLY F 28 -10.81 -15.04 -7.03
CA GLY F 28 -11.19 -15.18 -5.64
C GLY F 28 -12.29 -14.24 -5.20
N GLU F 29 -12.94 -13.56 -6.14
CA GLU F 29 -13.99 -12.60 -5.87
C GLU F 29 -15.29 -13.04 -6.51
N ILE F 30 -16.36 -12.34 -6.16
CA ILE F 30 -17.67 -12.52 -6.77
C ILE F 30 -17.90 -11.31 -7.65
N VAL F 31 -17.70 -11.46 -8.97
CA VAL F 31 -17.76 -10.32 -9.86
C VAL F 31 -19.23 -9.91 -10.06
N THR F 32 -19.43 -8.65 -10.40
CA THR F 32 -20.75 -8.15 -10.71
C THR F 32 -21.30 -8.87 -11.94
N THR F 33 -22.62 -9.06 -11.97
CA THR F 33 -23.26 -9.75 -13.09
C THR F 33 -23.04 -9.00 -14.39
N ILE F 34 -22.20 -9.55 -15.26
CA ILE F 34 -21.94 -9.01 -16.58
C ILE F 34 -22.53 -9.97 -17.61
N PRO F 35 -23.51 -9.54 -18.41
CA PRO F 35 -24.05 -10.42 -19.45
C PRO F 35 -22.95 -10.98 -20.34
N THR F 36 -22.97 -12.30 -20.52
CA THR F 36 -22.00 -12.98 -21.37
C THR F 36 -22.53 -12.94 -22.80
N ILE F 37 -22.25 -11.84 -23.49
CA ILE F 37 -22.72 -11.68 -24.86
C ILE F 37 -22.05 -12.69 -25.78
N GLY F 38 -20.75 -12.89 -25.62
CA GLY F 38 -20.04 -13.91 -26.37
C GLY F 38 -19.49 -14.98 -25.47
N PHE F 39 -18.33 -14.72 -24.86
CA PHE F 39 -17.69 -15.70 -23.98
C PHE F 39 -16.62 -14.99 -23.16
N ASN F 40 -16.19 -15.68 -22.11
CA ASN F 40 -15.00 -15.31 -21.36
C ASN F 40 -13.99 -16.45 -21.49
N VAL F 41 -12.73 -16.16 -21.16
CA VAL F 41 -11.70 -17.19 -21.16
C VAL F 41 -10.59 -16.77 -20.20
N GLU F 42 -10.25 -17.65 -19.27
CA GLU F 42 -9.24 -17.32 -18.28
C GLU F 42 -8.38 -18.54 -18.00
N THR F 43 -7.13 -18.29 -17.61
CA THR F 43 -6.19 -19.34 -17.22
C THR F 43 -6.10 -19.38 -15.71
N VAL F 44 -6.30 -20.57 -15.14
CA VAL F 44 -6.26 -20.80 -13.70
C VAL F 44 -5.14 -21.80 -13.42
N GLU F 45 -4.17 -21.40 -12.61
CA GLU F 45 -3.06 -22.27 -12.24
C GLU F 45 -3.44 -23.01 -10.96
N TYR F 46 -3.50 -24.33 -11.04
CA TYR F 46 -3.89 -25.17 -9.91
C TYR F 46 -3.16 -26.49 -9.99
N LYS F 47 -2.46 -26.85 -8.91
CA LYS F 47 -1.73 -28.11 -8.82
C LYS F 47 -0.81 -28.31 -10.02
N ASN F 48 0.00 -27.28 -10.31
CA ASN F 48 0.96 -27.29 -11.41
C ASN F 48 0.30 -27.54 -12.76
N ILE F 49 -0.99 -27.27 -12.88
CA ILE F 49 -1.71 -27.40 -14.14
C ILE F 49 -2.28 -26.04 -14.51
N SER F 50 -2.21 -25.70 -15.80
CA SER F 50 -2.70 -24.43 -16.31
C SER F 50 -4.01 -24.68 -17.04
N PHE F 51 -5.12 -24.56 -16.33
CA PHE F 51 -6.42 -24.74 -16.94
C PHE F 51 -6.77 -23.54 -17.80
N THR F 52 -7.11 -23.79 -19.06
CA THR F 52 -7.63 -22.77 -19.96
C THR F 52 -9.13 -22.97 -20.03
N VAL F 53 -9.88 -22.08 -19.38
CA VAL F 53 -11.32 -22.26 -19.17
C VAL F 53 -12.06 -21.27 -20.04
N TRP F 54 -12.92 -21.79 -20.91
CA TRP F 54 -13.83 -21.00 -21.73
C TRP F 54 -15.21 -20.98 -21.08
N ASP F 55 -15.66 -19.78 -20.71
CA ASP F 55 -17.02 -19.58 -20.20
C ASP F 55 -17.87 -19.16 -21.39
N VAL F 56 -18.55 -20.13 -21.99
CA VAL F 56 -19.33 -19.90 -23.21
C VAL F 56 -20.74 -19.47 -22.83
N GLY F 57 -21.16 -18.32 -23.34
CA GLY F 57 -22.48 -17.79 -22.99
C GLY F 57 -23.62 -18.67 -23.49
N GLY F 58 -23.56 -19.09 -24.75
CA GLY F 58 -24.62 -19.91 -25.31
C GLY F 58 -24.34 -20.48 -26.68
N LEU F 59 -24.10 -21.79 -26.74
CA LEU F 59 -23.85 -22.51 -27.99
C LEU F 59 -25.12 -22.86 -28.75
N ASP F 60 -26.25 -22.19 -28.48
CA ASP F 60 -27.51 -22.60 -29.08
C ASP F 60 -27.48 -22.46 -30.61
N LYS F 61 -27.15 -21.27 -31.10
CA LYS F 61 -27.17 -20.98 -32.53
C LYS F 61 -25.77 -20.87 -33.14
N ILE F 62 -24.72 -21.21 -32.39
CA ILE F 62 -23.36 -21.00 -32.87
C ILE F 62 -22.50 -22.23 -32.59
N ARG F 63 -23.07 -23.42 -32.74
CA ARG F 63 -22.27 -24.63 -32.61
C ARG F 63 -21.13 -24.71 -33.62
N PRO F 64 -21.32 -24.34 -34.91
CA PRO F 64 -20.16 -24.37 -35.83
C PRO F 64 -19.01 -23.48 -35.40
N LEU F 65 -19.29 -22.39 -34.68
CA LEU F 65 -18.23 -21.45 -34.32
C LEU F 65 -17.25 -22.01 -33.30
N TRP F 66 -17.66 -23.03 -32.53
CA TRP F 66 -16.83 -23.58 -31.48
C TRP F 66 -16.28 -24.97 -31.78
N ARG F 67 -16.59 -25.54 -32.94
CA ARG F 67 -16.13 -26.89 -33.25
C ARG F 67 -14.61 -26.95 -33.40
N HIS F 68 -13.98 -25.82 -33.78
CA HIS F 68 -12.53 -25.79 -33.93
C HIS F 68 -11.81 -26.28 -32.68
N TYR F 69 -12.34 -25.93 -31.51
CA TYR F 69 -11.71 -26.34 -30.24
C TYR F 69 -12.10 -27.75 -29.82
N PHE F 70 -13.20 -28.29 -30.38
CA PHE F 70 -13.76 -29.53 -29.86
C PHE F 70 -12.75 -30.67 -29.89
N GLN F 71 -11.93 -30.75 -30.93
CA GLN F 71 -10.96 -31.84 -31.04
C GLN F 71 -9.95 -31.81 -29.90
N ASN F 72 -9.60 -30.63 -29.40
CA ASN F 72 -8.59 -30.51 -28.35
C ASN F 72 -9.20 -30.13 -27.00
N THR F 73 -10.54 -30.20 -26.88
CA THR F 73 -11.19 -29.96 -25.60
C THR F 73 -11.01 -31.19 -24.72
N GLN F 74 -10.19 -31.05 -23.67
CA GLN F 74 -9.94 -32.17 -22.78
C GLN F 74 -11.04 -32.33 -21.73
N GLY F 75 -11.64 -31.23 -21.31
CA GLY F 75 -12.69 -31.31 -20.30
C GLY F 75 -13.89 -30.44 -20.54
N LEU F 76 -15.08 -31.00 -20.37
CA LEU F 76 -16.33 -30.27 -20.39
C LEU F 76 -16.84 -30.11 -18.96
N ILE F 77 -17.12 -28.88 -18.55
CA ILE F 77 -17.75 -28.62 -17.26
C ILE F 77 -19.16 -28.12 -17.56
N PHE F 78 -20.16 -28.91 -17.16
CA PHE F 78 -21.57 -28.53 -17.35
C PHE F 78 -22.12 -28.02 -16.03
N VAL F 79 -22.47 -26.73 -15.99
CA VAL F 79 -22.96 -26.09 -14.78
C VAL F 79 -24.47 -26.04 -14.81
N VAL F 80 -25.12 -26.48 -13.72
CA VAL F 80 -26.56 -26.50 -13.63
C VAL F 80 -27.00 -25.75 -12.38
N ASP F 81 -28.11 -25.02 -12.50
CA ASP F 81 -28.74 -24.35 -11.36
C ASP F 81 -29.56 -25.39 -10.62
N SER F 82 -29.04 -25.88 -9.49
CA SER F 82 -29.72 -26.93 -8.73
C SER F 82 -31.03 -26.44 -8.11
N ASN F 83 -31.22 -25.13 -8.02
CA ASN F 83 -32.45 -24.56 -7.48
C ASN F 83 -33.53 -24.36 -8.54
N ASP F 84 -33.18 -24.47 -9.82
CA ASP F 84 -34.11 -24.18 -10.92
C ASP F 84 -34.70 -25.50 -11.41
N ARG F 85 -35.74 -25.96 -10.69
CA ARG F 85 -36.40 -27.20 -11.06
C ARG F 85 -37.19 -27.06 -12.36
N GLU F 86 -37.63 -25.84 -12.68
CA GLU F 86 -38.39 -25.63 -13.91
C GLU F 86 -37.55 -25.78 -15.17
N ARG F 87 -36.22 -25.70 -15.04
CA ARG F 87 -35.34 -25.71 -16.20
C ARG F 87 -34.31 -26.84 -16.16
N VAL F 88 -34.44 -27.79 -15.24
CA VAL F 88 -33.42 -28.83 -15.11
C VAL F 88 -33.49 -29.81 -16.28
N ASN F 89 -34.69 -30.07 -16.81
CA ASN F 89 -34.79 -30.95 -17.96
C ASN F 89 -34.33 -30.27 -19.24
N GLU F 90 -34.54 -28.95 -19.35
CA GLU F 90 -33.90 -28.18 -20.42
C GLU F 90 -32.39 -28.34 -20.36
N ALA F 91 -31.82 -28.26 -19.15
CA ALA F 91 -30.39 -28.50 -18.98
C ALA F 91 -30.02 -29.93 -19.38
N ARG F 92 -30.91 -30.89 -19.12
CA ARG F 92 -30.66 -32.26 -19.55
C ARG F 92 -30.57 -32.34 -21.07
N GLU F 93 -31.51 -31.69 -21.77
CA GLU F 93 -31.49 -31.70 -23.23
C GLU F 93 -30.23 -31.03 -23.77
N GLU F 94 -29.84 -29.91 -23.16
CA GLU F 94 -28.62 -29.23 -23.61
C GLU F 94 -27.38 -30.12 -23.40
N LEU F 95 -27.31 -30.79 -22.25
CA LEU F 95 -26.20 -31.70 -21.99
C LEU F 95 -26.19 -32.85 -22.98
N MET F 96 -27.38 -33.36 -23.34
CA MET F 96 -27.45 -34.40 -24.35
C MET F 96 -26.92 -33.90 -25.70
N ARG F 97 -27.27 -32.67 -26.07
CA ARG F 97 -26.75 -32.10 -27.31
C ARG F 97 -25.23 -31.98 -27.26
N MET F 98 -24.68 -31.57 -26.11
CA MET F 98 -23.22 -31.49 -25.99
C MET F 98 -22.59 -32.87 -26.11
N LEU F 99 -23.17 -33.88 -25.46
CA LEU F 99 -22.60 -35.22 -25.47
C LEU F 99 -22.85 -35.97 -26.78
N ALA F 100 -23.69 -35.44 -27.66
CA ALA F 100 -23.90 -36.02 -28.98
C ALA F 100 -22.89 -35.53 -30.01
N GLU F 101 -22.01 -34.60 -29.63
CA GLU F 101 -21.00 -34.08 -30.55
C GLU F 101 -19.88 -35.11 -30.69
N ASP F 102 -19.65 -35.56 -31.92
CA ASP F 102 -18.64 -36.61 -32.16
C ASP F 102 -17.24 -36.12 -31.83
N GLU F 103 -16.98 -34.82 -32.00
CA GLU F 103 -15.65 -34.28 -31.73
C GLU F 103 -15.36 -34.09 -30.25
N LEU F 104 -16.35 -34.31 -29.38
CA LEU F 104 -16.17 -34.25 -27.94
C LEU F 104 -16.30 -35.63 -27.28
N ARG F 105 -16.22 -36.69 -28.08
CA ARG F 105 -16.49 -38.03 -27.56
C ARG F 105 -15.47 -38.50 -26.52
N ASP F 106 -14.25 -37.96 -26.54
CA ASP F 106 -13.20 -38.38 -25.64
C ASP F 106 -13.00 -37.43 -24.46
N ALA F 107 -13.72 -36.31 -24.42
CA ALA F 107 -13.58 -35.37 -23.32
C ALA F 107 -14.27 -35.90 -22.07
N VAL F 108 -13.69 -35.58 -20.91
CA VAL F 108 -14.28 -35.97 -19.64
C VAL F 108 -15.35 -34.96 -19.26
N LEU F 109 -16.34 -35.41 -18.50
CA LEU F 109 -17.48 -34.59 -18.12
C LEU F 109 -17.46 -34.35 -16.61
N LEU F 110 -17.48 -33.09 -16.21
CA LEU F 110 -17.61 -32.69 -14.81
C LEU F 110 -18.85 -31.81 -14.69
N VAL F 111 -19.82 -32.27 -13.90
CA VAL F 111 -21.06 -31.56 -13.70
C VAL F 111 -20.98 -30.80 -12.37
N PHE F 112 -21.25 -29.49 -12.43
CA PHE F 112 -21.33 -28.66 -11.24
C PHE F 112 -22.81 -28.47 -10.90
N ALA F 113 -23.26 -29.11 -9.82
CA ALA F 113 -24.59 -28.87 -9.28
C ALA F 113 -24.51 -27.63 -8.41
N ASN F 114 -24.66 -26.47 -9.06
CA ASN F 114 -24.35 -25.20 -8.44
C ASN F 114 -25.52 -24.70 -7.58
N LYS F 115 -25.23 -23.67 -6.78
CA LYS F 115 -26.22 -23.00 -5.94
C LYS F 115 -26.78 -23.91 -4.85
N GLN F 116 -25.91 -24.74 -4.26
CA GLN F 116 -26.31 -25.58 -3.15
C GLN F 116 -26.61 -24.79 -1.89
N ASP F 117 -26.25 -23.50 -1.85
CA ASP F 117 -26.56 -22.65 -0.71
C ASP F 117 -28.04 -22.28 -0.63
N LEU F 118 -28.79 -22.50 -1.69
CA LEU F 118 -30.20 -22.12 -1.66
C LEU F 118 -31.02 -23.21 -0.96
N PRO F 119 -32.04 -22.84 -0.20
CA PRO F 119 -32.72 -23.82 0.65
C PRO F 119 -33.43 -24.92 -0.11
N ASN F 120 -33.95 -24.63 -1.30
CA ASN F 120 -34.74 -25.59 -2.08
C ASN F 120 -33.91 -26.26 -3.17
N ALA F 121 -32.59 -26.22 -3.06
CA ALA F 121 -31.72 -26.77 -4.08
C ALA F 121 -31.70 -28.30 -4.04
N MET F 122 -31.74 -28.92 -5.21
CA MET F 122 -31.61 -30.36 -5.30
C MET F 122 -30.17 -30.77 -5.05
N ASN F 123 -29.99 -31.91 -4.38
CA ASN F 123 -28.64 -32.35 -4.05
C ASN F 123 -27.95 -32.93 -5.29
N ALA F 124 -26.70 -33.37 -5.11
CA ALA F 124 -25.93 -33.89 -6.23
C ALA F 124 -26.56 -35.17 -6.79
N ALA F 125 -27.14 -36.00 -5.93
CA ALA F 125 -27.75 -37.25 -6.38
C ALA F 125 -28.99 -36.98 -7.23
N GLU F 126 -29.85 -36.07 -6.77
CA GLU F 126 -31.06 -35.75 -7.52
C GLU F 126 -30.71 -35.13 -8.87
N ILE F 127 -29.71 -34.25 -8.90
CA ILE F 127 -29.23 -33.70 -10.17
C ILE F 127 -28.72 -34.81 -11.06
N THR F 128 -27.98 -35.77 -10.48
CA THR F 128 -27.49 -36.91 -11.25
C THR F 128 -28.65 -37.68 -11.88
N ASP F 129 -29.77 -37.78 -11.16
CA ASP F 129 -30.93 -38.47 -11.71
C ASP F 129 -31.62 -37.66 -12.80
N LYS F 130 -31.77 -36.35 -12.59
CA LYS F 130 -32.51 -35.52 -13.53
C LYS F 130 -31.72 -35.26 -14.82
N LEU F 131 -30.39 -35.33 -14.77
CA LEU F 131 -29.58 -35.22 -15.97
C LEU F 131 -29.39 -36.55 -16.69
N GLY F 132 -29.68 -37.67 -16.03
CA GLY F 132 -29.51 -38.97 -16.65
C GLY F 132 -28.08 -39.43 -16.74
N LEU F 133 -27.22 -38.98 -15.81
CA LEU F 133 -25.80 -39.30 -15.90
C LEU F 133 -25.53 -40.79 -15.77
N HIS F 134 -26.32 -41.51 -14.97
CA HIS F 134 -26.09 -42.93 -14.78
C HIS F 134 -26.44 -43.75 -16.02
N SER F 135 -27.19 -43.17 -16.96
CA SER F 135 -27.50 -43.84 -18.21
C SER F 135 -26.43 -43.63 -19.27
N LEU F 136 -25.34 -42.95 -18.94
CA LEU F 136 -24.26 -42.72 -19.89
C LEU F 136 -23.35 -43.94 -19.99
N ARG F 137 -22.77 -44.13 -21.16
CA ARG F 137 -21.84 -45.22 -21.42
C ARG F 137 -20.62 -44.68 -22.16
N HIS F 138 -19.47 -45.29 -21.89
CA HIS F 138 -18.20 -44.91 -22.52
C HIS F 138 -17.87 -43.43 -22.30
N ARG F 139 -18.27 -42.89 -21.16
CA ARG F 139 -18.03 -41.49 -20.82
C ARG F 139 -17.52 -41.41 -19.39
N ASN F 140 -16.32 -40.87 -19.21
CA ASN F 140 -15.77 -40.65 -17.88
C ASN F 140 -16.36 -39.37 -17.31
N TRP F 141 -17.25 -39.50 -16.33
CA TRP F 141 -17.96 -38.35 -15.79
C TRP F 141 -17.92 -38.36 -14.26
N TYR F 142 -18.23 -37.19 -13.70
CA TYR F 142 -18.22 -36.98 -12.26
C TYR F 142 -19.07 -35.74 -11.97
N ILE F 143 -19.77 -35.76 -10.84
CA ILE F 143 -20.63 -34.66 -10.44
C ILE F 143 -20.16 -34.14 -9.08
N GLN F 144 -20.20 -32.82 -8.91
CA GLN F 144 -19.71 -32.18 -7.70
C GLN F 144 -20.70 -31.09 -7.28
N ALA F 145 -21.21 -31.20 -6.05
CA ALA F 145 -22.04 -30.13 -5.50
C ALA F 145 -21.18 -28.92 -5.18
N THR F 146 -21.61 -27.74 -5.65
CA THR F 146 -20.81 -26.54 -5.49
C THR F 146 -21.69 -25.38 -5.04
N CYS F 147 -21.03 -24.36 -4.50
CA CYS F 147 -21.60 -23.04 -4.27
C CYS F 147 -20.60 -22.03 -4.82
N ALA F 148 -20.91 -21.44 -5.97
CA ALA F 148 -19.96 -20.56 -6.64
C ALA F 148 -19.61 -19.35 -5.78
N THR F 149 -20.58 -18.85 -5.01
CA THR F 149 -20.34 -17.67 -4.19
C THR F 149 -19.25 -17.92 -3.16
N SER F 150 -19.36 -18.99 -2.39
CA SER F 150 -18.40 -19.26 -1.33
C SER F 150 -17.16 -19.99 -1.85
N GLY F 151 -17.30 -20.79 -2.90
CA GLY F 151 -16.20 -21.53 -3.46
C GLY F 151 -16.21 -23.02 -3.15
N ASP F 152 -17.13 -23.48 -2.31
CA ASP F 152 -17.19 -24.91 -1.98
C ASP F 152 -17.40 -25.74 -3.24
N GLY F 153 -16.65 -26.83 -3.34
CA GLY F 153 -16.79 -27.78 -4.43
C GLY F 153 -15.99 -27.47 -5.68
N LEU F 154 -15.61 -26.20 -5.89
CA LEU F 154 -14.92 -25.82 -7.12
C LEU F 154 -13.56 -26.52 -7.23
N TYR F 155 -12.72 -26.34 -6.22
CA TYR F 155 -11.39 -26.94 -6.25
C TYR F 155 -11.44 -28.46 -6.16
N GLU F 156 -12.54 -29.02 -5.65
CA GLU F 156 -12.71 -30.47 -5.72
C GLU F 156 -12.91 -30.93 -7.15
N GLY F 157 -13.76 -30.23 -7.90
CA GLY F 157 -13.90 -30.52 -9.33
C GLY F 157 -12.59 -30.34 -10.07
N LEU F 158 -11.84 -29.30 -9.73
CA LEU F 158 -10.51 -29.13 -10.32
C LEU F 158 -9.58 -30.26 -9.93
N ASP F 159 -9.76 -30.84 -8.74
CA ASP F 159 -8.97 -32.01 -8.35
C ASP F 159 -9.30 -33.21 -9.23
N TRP F 160 -10.59 -33.48 -9.42
CA TRP F 160 -10.99 -34.60 -10.27
C TRP F 160 -10.46 -34.41 -11.69
N LEU F 161 -10.66 -33.20 -12.25
CA LEU F 161 -10.12 -32.93 -13.58
C LEU F 161 -8.61 -33.13 -13.62
N SER F 162 -7.91 -32.72 -12.56
CA SER F 162 -6.47 -32.95 -12.48
C SER F 162 -6.15 -34.44 -12.56
N ASN F 163 -6.95 -35.28 -11.89
CA ASN F 163 -6.71 -36.71 -11.96
C ASN F 163 -7.05 -37.28 -13.33
N GLN F 164 -7.95 -36.63 -14.07
CA GLN F 164 -8.32 -37.11 -15.40
C GLN F 164 -7.32 -36.73 -16.49
N LEU F 165 -6.28 -35.97 -16.16
CA LEU F 165 -5.30 -35.55 -17.16
C LEU F 165 -4.54 -36.75 -17.74
N PRO G 3 -17.32 -15.48 11.05
CA PRO G 3 -18.64 -15.37 11.67
C PRO G 3 -19.43 -16.67 11.64
N SER G 4 -20.19 -16.94 12.71
CA SER G 4 -21.01 -18.13 12.77
C SER G 4 -22.06 -18.13 11.66
N ASN G 5 -22.38 -19.32 11.15
CA ASN G 5 -23.32 -19.44 10.04
C ASN G 5 -24.70 -18.94 10.43
N GLU G 6 -25.13 -19.23 11.67
CA GLU G 6 -26.40 -18.69 12.14
C GLU G 6 -26.32 -17.17 12.26
N GLU G 7 -25.17 -16.64 12.67
CA GLU G 7 -24.98 -15.20 12.72
C GLU G 7 -25.07 -14.58 11.33
N ARG G 8 -24.42 -15.21 10.35
CA ARG G 8 -24.55 -14.76 8.96
C ARG G 8 -26.00 -14.80 8.51
N LYS G 9 -26.75 -15.82 8.95
CA LYS G 9 -28.16 -15.90 8.62
C LYS G 9 -28.92 -14.69 9.17
N LYS G 10 -28.68 -14.35 10.45
CA LYS G 10 -29.33 -13.19 11.04
C LYS G 10 -28.97 -11.91 10.30
N VAL G 11 -27.68 -11.73 9.99
CA VAL G 11 -27.24 -10.50 9.34
C VAL G 11 -27.85 -10.38 7.94
N TYR G 12 -27.82 -11.46 7.16
CA TYR G 12 -28.47 -11.45 5.86
C TYR G 12 -29.95 -11.11 5.97
N GLY G 13 -30.61 -11.65 7.00
CA GLY G 13 -32.00 -11.27 7.24
C GLY G 13 -32.16 -9.78 7.44
N ARG G 14 -31.32 -9.19 8.29
CA ARG G 14 -31.40 -7.75 8.53
C ARG G 14 -31.17 -6.96 7.24
N LEU G 15 -30.23 -7.41 6.40
CA LEU G 15 -30.02 -6.74 5.13
C LEU G 15 -31.26 -6.81 4.24
N PHE G 16 -31.93 -7.97 4.23
CA PHE G 16 -33.20 -8.07 3.51
C PHE G 16 -34.21 -7.06 4.04
N GLY G 17 -34.34 -6.97 5.36
CA GLY G 17 -35.25 -5.98 5.93
C GLY G 17 -34.92 -4.56 5.52
N LYS G 18 -33.63 -4.22 5.52
CA LYS G 18 -33.22 -2.89 5.07
C LYS G 18 -33.55 -2.67 3.60
N GLN G 19 -33.53 -3.75 2.80
CA GLN G 19 -33.97 -3.62 1.41
C GLN G 19 -35.47 -3.41 1.31
N VAL G 20 -36.24 -3.99 2.22
CA VAL G 20 -37.69 -3.72 2.28
C VAL G 20 -37.92 -2.25 2.57
N LEU G 21 -37.27 -1.74 3.63
CA LEU G 21 -37.39 -0.32 3.96
C LEU G 21 -36.98 0.55 2.79
N ALA G 22 -35.88 0.20 2.12
CA ALA G 22 -35.43 0.97 0.96
C ALA G 22 -36.44 0.92 -0.18
N HIS G 23 -37.19 -0.19 -0.30
CA HIS G 23 -38.21 -0.28 -1.33
C HIS G 23 -39.37 0.66 -1.04
N ILE G 24 -39.88 0.64 0.20
CA ILE G 24 -40.96 1.54 0.55
C ILE G 24 -40.51 2.99 0.40
N HIS G 25 -39.30 3.29 0.85
CA HIS G 25 -38.77 4.65 0.71
C HIS G 25 -38.64 5.05 -0.75
N SER G 26 -38.27 4.10 -1.62
CA SER G 26 -38.18 4.42 -3.04
C SER G 26 -39.55 4.75 -3.61
N ARG G 27 -40.58 3.95 -3.27
CA ARG G 27 -41.93 4.29 -3.70
C ARG G 27 -42.35 5.68 -3.21
N CYS G 28 -42.02 6.02 -1.96
CA CYS G 28 -42.43 7.31 -1.44
C CYS G 28 -41.70 8.45 -2.11
N GLN G 29 -40.41 8.26 -2.44
CA GLN G 29 -39.68 9.27 -3.19
C GLN G 29 -40.28 9.44 -4.58
N ARG G 30 -40.75 8.35 -5.19
CA ARG G 30 -41.34 8.43 -6.52
C ARG G 30 -42.63 9.26 -6.50
N ASP G 31 -43.44 9.11 -5.45
CA ASP G 31 -44.77 9.72 -5.40
C ASP G 31 -44.82 10.90 -4.43
N ALA G 32 -43.70 11.60 -4.24
CA ALA G 32 -43.66 12.69 -3.28
C ALA G 32 -44.63 13.81 -3.64
N ASP G 33 -44.71 14.15 -4.94
CA ASP G 33 -45.51 15.30 -5.35
C ASP G 33 -47.01 15.01 -5.20
N ILE G 34 -47.47 13.85 -5.68
CA ILE G 34 -48.88 13.53 -5.57
C ILE G 34 -49.28 13.32 -4.12
N ILE G 35 -48.36 12.80 -3.29
CA ILE G 35 -48.65 12.63 -1.86
C ILE G 35 -48.80 13.99 -1.20
N ARG G 36 -47.88 14.91 -1.48
CA ARG G 36 -47.99 16.25 -0.92
C ARG G 36 -49.27 16.93 -1.38
N GLU G 37 -49.66 16.74 -2.64
CA GLU G 37 -50.87 17.36 -3.15
C GLU G 37 -52.12 16.80 -2.49
N LYS G 38 -52.14 15.48 -2.24
CA LYS G 38 -53.29 14.89 -1.55
C LYS G 38 -53.36 15.36 -0.10
N ALA G 39 -52.20 15.43 0.57
CA ALA G 39 -52.18 15.88 1.96
C ALA G 39 -52.65 17.33 2.06
N LEU G 40 -52.09 18.21 1.23
CA LEU G 40 -52.55 19.60 1.21
C LEU G 40 -54.02 19.69 0.83
N ARG G 41 -54.50 18.78 -0.02
CA ARG G 41 -55.93 18.73 -0.33
C ARG G 41 -56.76 18.45 0.91
N ARG G 42 -56.31 17.50 1.74
CA ARG G 42 -57.03 17.23 2.99
C ARG G 42 -56.94 18.40 3.96
N ILE G 43 -55.77 19.04 4.04
CA ILE G 43 -55.58 20.14 4.99
C ILE G 43 -56.48 21.32 4.61
N SER G 44 -56.50 21.68 3.32
CA SER G 44 -57.37 22.76 2.86
C SER G 44 -58.84 22.34 2.93
N ARG G 45 -59.12 21.04 2.84
CA ARG G 45 -60.49 20.57 3.00
C ARG G 45 -60.98 20.76 4.43
N GLU G 46 -60.14 20.46 5.42
CA GLU G 46 -60.54 20.61 6.81
C GLU G 46 -60.56 22.09 7.21
N CYS G 47 -59.46 22.80 6.97
CA CYS G 47 -59.34 24.20 7.35
C CYS G 47 -59.75 25.05 6.15
N ILE G 51 -55.90 30.61 6.07
CA ILE G 51 -55.42 29.38 6.77
C ILE G 51 -54.19 28.86 6.04
N ASP G 52 -52.99 29.05 6.59
CA ASP G 52 -51.77 28.55 5.91
C ASP G 52 -51.75 27.03 6.03
N CYS G 53 -51.41 26.35 4.96
CA CYS G 53 -51.39 24.87 4.99
C CYS G 53 -49.94 24.41 5.06
N ALA G 54 -49.20 24.71 4.02
CA ALA G 54 -47.83 24.21 4.06
C ALA G 54 -47.28 24.20 5.47
N LEU G 55 -47.50 25.29 6.22
CA LEU G 55 -46.99 25.36 7.58
C LEU G 55 -47.68 24.36 8.50
N LEU G 56 -49.01 24.21 8.35
CA LEU G 56 -49.73 23.24 9.15
C LEU G 56 -49.28 21.82 8.82
N LEU G 57 -49.08 21.53 7.53
CA LEU G 57 -48.57 20.23 7.13
C LEU G 57 -47.19 19.98 7.73
N ASN G 58 -46.35 21.01 7.79
CA ASN G 58 -45.03 20.84 8.40
C ASN G 58 -45.14 20.61 9.90
N LYS G 59 -46.12 21.24 10.55
CA LYS G 59 -46.34 21.00 11.98
C LYS G 59 -46.78 19.56 12.22
N MET G 60 -47.71 19.06 11.40
CA MET G 60 -48.16 17.67 11.56
C MET G 60 -47.03 16.69 11.28
N VAL G 61 -46.20 16.97 10.26
CA VAL G 61 -45.06 16.10 9.96
C VAL G 61 -44.09 16.09 11.13
N ASP G 62 -43.82 17.26 11.72
CA ASP G 62 -42.91 17.31 12.85
C ASP G 62 -43.48 16.60 14.07
N ILE G 63 -44.80 16.63 14.25
CA ILE G 63 -45.42 15.93 15.37
C ILE G 63 -45.31 14.43 15.18
N LEU G 64 -45.61 13.94 13.97
CA LEU G 64 -45.47 12.51 13.69
C LEU G 64 -44.02 12.06 13.79
N GLN G 65 -43.07 12.91 13.41
CA GLN G 65 -41.67 12.52 13.44
C GLN G 65 -41.12 12.51 14.85
N ASN G 66 -41.53 13.48 15.68
CA ASN G 66 -41.05 13.56 17.06
C ASN G 66 -41.88 12.70 18.02
N ALA G 67 -42.86 11.97 17.51
CA ALA G 67 -43.68 11.11 18.37
C ALA G 67 -42.85 9.95 18.91
N ARG G 68 -43.26 9.43 20.06
CA ARG G 68 -42.56 8.32 20.69
C ARG G 68 -43.01 6.99 20.09
N LEU G 69 -42.04 6.07 19.97
CA LEU G 69 -42.29 4.75 19.41
C LEU G 69 -42.45 3.76 20.56
N THR G 70 -43.57 3.04 20.59
CA THR G 70 -43.89 2.19 21.73
C THR G 70 -44.16 0.75 21.27
N ILE G 71 -43.87 -0.20 22.15
CA ILE G 71 -44.19 -1.60 21.95
C ILE G 71 -44.88 -2.10 23.21
N ASN G 72 -46.18 -2.36 23.12
CA ASN G 72 -46.93 -2.77 24.30
C ASN G 72 -46.78 -4.26 24.57
N PHE G 73 -46.76 -4.61 25.85
CA PHE G 73 -46.78 -6.00 26.28
C PHE G 73 -47.58 -6.10 27.59
N ASN G 74 -47.98 -7.33 27.90
CA ASN G 74 -48.84 -7.63 29.04
C ASN G 74 -48.02 -8.40 30.06
N ALA G 75 -47.59 -7.70 31.11
CA ALA G 75 -46.75 -8.29 32.14
C ALA G 75 -47.48 -9.31 33.01
N ALA G 76 -48.79 -9.49 32.84
CA ALA G 76 -49.52 -10.49 33.59
C ALA G 76 -49.59 -11.83 32.87
N LYS G 77 -49.40 -11.85 31.55
CA LYS G 77 -49.40 -13.09 30.79
C LYS G 77 -48.01 -13.57 30.40
N ILE G 78 -47.03 -12.68 30.35
CA ILE G 78 -45.65 -13.06 30.06
C ILE G 78 -44.74 -12.51 31.16
N ASP G 79 -43.66 -13.25 31.43
CA ASP G 79 -42.68 -12.85 32.43
C ASP G 79 -41.82 -11.73 31.87
N PHE G 80 -41.99 -10.51 32.37
CA PHE G 80 -41.21 -9.39 31.87
C PHE G 80 -39.72 -9.56 32.20
N VAL G 81 -39.41 -10.28 33.28
CA VAL G 81 -38.00 -10.53 33.61
C VAL G 81 -37.36 -11.42 32.56
N SER G 82 -38.04 -12.51 32.18
CA SER G 82 -37.54 -13.34 31.09
C SER G 82 -37.50 -12.58 29.77
N LEU G 83 -38.40 -11.60 29.61
CA LEU G 83 -38.40 -10.78 28.40
C LEU G 83 -37.16 -9.89 28.34
N LEU G 84 -36.80 -9.25 29.46
CA LEU G 84 -35.64 -8.38 29.49
C LEU G 84 -34.32 -9.15 29.50
N LYS G 85 -34.30 -10.34 30.11
CA LYS G 85 -33.06 -11.11 30.19
C LYS G 85 -32.68 -11.73 28.85
N ASN G 86 -33.62 -11.80 27.90
CA ASN G 86 -33.28 -12.26 26.56
C ASN G 86 -32.35 -11.28 25.83
N LYS G 87 -32.21 -10.07 26.34
CA LYS G 87 -31.36 -9.02 25.77
C LYS G 87 -31.83 -8.57 24.38
N GLU G 88 -33.00 -9.03 23.95
CA GLU G 88 -33.47 -8.72 22.60
C GLU G 88 -34.97 -9.02 22.53
N TYR G 89 -35.69 -8.17 21.81
CA TYR G 89 -37.12 -8.35 21.57
C TYR G 89 -37.32 -9.05 20.24
N LEU G 90 -38.19 -10.06 20.22
CA LEU G 90 -38.37 -10.93 19.07
C LEU G 90 -39.79 -10.81 18.54
N ASN G 91 -39.92 -10.96 17.22
CA ASN G 91 -41.23 -10.93 16.58
C ASN G 91 -41.87 -12.32 16.70
N SER G 92 -43.03 -12.51 16.05
CA SER G 92 -43.78 -13.75 16.19
C SER G 92 -43.11 -14.94 15.50
N TYR G 93 -42.13 -14.70 14.62
CA TYR G 93 -41.46 -15.80 13.94
C TYR G 93 -40.45 -16.51 14.83
N ALA G 94 -39.99 -15.89 15.90
CA ALA G 94 -39.02 -16.49 16.79
C ALA G 94 -39.70 -17.13 17.99
N PRO G 103 -48.36 -20.04 16.60
CA PRO G 103 -47.61 -20.68 15.51
C PRO G 103 -48.35 -20.64 14.17
N ALA G 104 -49.61 -21.08 14.15
CA ALA G 104 -50.41 -21.02 12.93
C ALA G 104 -50.79 -19.60 12.56
N TYR G 105 -50.57 -18.63 13.46
CA TYR G 105 -50.84 -17.24 13.14
C TYR G 105 -49.80 -16.70 12.16
N ASN G 106 -48.60 -17.30 12.14
CA ASN G 106 -47.49 -16.77 11.36
C ASN G 106 -47.69 -16.93 9.86
N VAL G 107 -48.53 -17.87 9.42
CA VAL G 107 -48.74 -18.03 7.97
C VAL G 107 -49.48 -16.83 7.41
N GLY G 108 -50.58 -16.46 8.06
CA GLY G 108 -51.29 -15.25 7.67
C GLY G 108 -50.43 -14.00 7.82
N ARG G 109 -49.52 -14.00 8.79
CA ARG G 109 -48.58 -12.88 8.92
C ARG G 109 -47.62 -12.84 7.74
N ASP G 110 -47.19 -14.00 7.24
CA ASP G 110 -46.29 -14.03 6.09
C ASP G 110 -47.02 -13.60 4.82
N SER G 111 -48.29 -13.99 4.67
CA SER G 111 -49.06 -13.55 3.52
C SER G 111 -49.31 -12.04 3.58
N VAL G 112 -49.74 -11.54 4.74
CA VAL G 112 -50.01 -10.11 4.91
C VAL G 112 -48.74 -9.31 4.67
N GLU G 113 -47.59 -9.78 5.18
CA GLU G 113 -46.34 -9.05 5.00
C GLU G 113 -45.88 -9.11 3.54
N THR G 114 -46.06 -10.25 2.89
CA THR G 114 -45.65 -10.37 1.48
C THR G 114 -46.47 -9.44 0.59
N LYS G 115 -47.80 -9.41 0.78
CA LYS G 115 -48.62 -8.55 -0.06
C LYS G 115 -48.50 -7.08 0.32
N ALA G 116 -48.28 -6.78 1.60
CA ALA G 116 -48.24 -5.40 2.05
C ALA G 116 -46.92 -4.71 1.71
N PHE G 117 -45.81 -5.41 1.86
CA PHE G 117 -44.49 -4.85 1.61
C PHE G 117 -43.97 -5.16 0.21
N GLU G 118 -44.76 -5.85 -0.62
CA GLU G 118 -44.35 -6.22 -1.97
C GLU G 118 -43.03 -7.00 -1.95
N LEU G 119 -42.96 -7.99 -1.05
CA LEU G 119 -41.72 -8.75 -0.88
C LEU G 119 -41.34 -9.50 -2.15
N GLU G 120 -42.30 -9.84 -3.00
CA GLU G 120 -42.00 -10.55 -4.24
C GLU G 120 -41.14 -9.71 -5.18
N LYS G 121 -41.17 -8.39 -5.06
CA LYS G 121 -40.29 -7.54 -5.86
C LYS G 121 -38.84 -7.63 -5.42
N LEU G 122 -38.54 -8.33 -4.32
CA LEU G 122 -37.18 -8.53 -3.86
C LEU G 122 -36.68 -9.96 -4.09
N ALA G 123 -37.41 -10.75 -4.87
CA ALA G 123 -37.05 -12.15 -5.08
C ALA G 123 -35.69 -12.31 -5.75
N ASP G 124 -35.23 -11.30 -6.50
CA ASP G 124 -33.93 -11.36 -7.17
C ASP G 124 -32.78 -10.92 -6.27
N SER G 125 -33.07 -10.48 -5.06
CA SER G 125 -32.02 -10.04 -4.16
C SER G 125 -31.19 -11.23 -3.69
N PRO G 126 -29.87 -11.05 -3.50
CA PRO G 126 -29.06 -12.13 -2.90
C PRO G 126 -29.41 -12.42 -1.45
N TYR G 127 -30.26 -11.61 -0.83
CA TYR G 127 -30.72 -11.84 0.53
C TYR G 127 -32.15 -12.34 0.57
N ALA G 128 -32.79 -12.53 -0.59
CA ALA G 128 -34.13 -13.10 -0.63
C ALA G 128 -34.23 -14.50 0.00
N PRO G 129 -33.25 -15.40 -0.15
CA PRO G 129 -33.39 -16.71 0.53
C PRO G 129 -33.53 -16.58 2.04
N TYR G 130 -33.03 -15.50 2.63
CA TYR G 130 -33.10 -15.29 4.07
C TYR G 130 -34.29 -14.45 4.48
N GLY G 131 -35.11 -14.00 3.53
CA GLY G 131 -36.30 -13.24 3.82
C GLY G 131 -37.56 -13.90 3.28
N GLN G 132 -37.42 -15.10 2.73
CA GLN G 132 -38.53 -15.86 2.19
C GLN G 132 -38.71 -17.13 3.02
N THR G 133 -39.95 -17.38 3.44
CA THR G 133 -40.22 -18.57 4.25
C THR G 133 -40.24 -19.84 3.40
N GLY G 134 -40.56 -19.72 2.11
CA GLY G 134 -40.72 -20.90 1.29
C GLY G 134 -41.98 -21.68 1.59
N GLY G 135 -43.00 -21.00 2.11
CA GLY G 135 -44.19 -21.67 2.60
C GLY G 135 -43.97 -22.27 3.97
N PHE G 136 -45.08 -22.71 4.57
CA PHE G 136 -45.06 -23.28 5.91
C PHE G 136 -45.41 -24.75 5.85
N SER G 137 -44.77 -25.54 6.71
CA SER G 137 -45.02 -26.97 6.77
C SER G 137 -46.26 -27.22 7.62
N VAL G 138 -46.52 -28.50 7.93
CA VAL G 138 -47.73 -28.85 8.66
C VAL G 138 -47.69 -28.31 10.09
N ALA G 139 -46.51 -28.08 10.64
CA ALA G 139 -46.37 -27.55 11.99
C ALA G 139 -46.36 -26.03 12.03
N TYR G 140 -46.81 -25.38 10.96
CA TYR G 140 -46.77 -23.92 10.84
C TYR G 140 -45.35 -23.40 11.00
N THR G 141 -44.39 -24.17 10.50
CA THR G 141 -42.97 -23.81 10.50
C THR G 141 -42.46 -23.64 9.08
N PRO G 142 -41.63 -22.64 8.83
CA PRO G 142 -41.18 -22.39 7.45
C PRO G 142 -40.36 -23.55 6.91
N ASN G 143 -40.58 -23.85 5.63
CA ASN G 143 -39.84 -24.94 4.97
C ASN G 143 -38.37 -24.58 4.78
N SER G 144 -38.07 -23.30 4.60
CA SER G 144 -36.71 -22.89 4.26
C SER G 144 -35.81 -22.92 5.50
N ARG G 145 -34.69 -23.64 5.38
CA ARG G 145 -33.70 -23.67 6.46
C ARG G 145 -32.92 -22.37 6.57
N THR G 146 -32.99 -21.52 5.54
CA THR G 146 -32.25 -20.27 5.52
C THR G 146 -33.09 -19.05 5.91
N PHE G 147 -34.41 -19.19 5.97
CA PHE G 147 -35.26 -18.07 6.39
C PHE G 147 -34.89 -17.61 7.79
N SER G 148 -34.79 -16.29 7.97
CA SER G 148 -34.37 -15.69 9.22
C SER G 148 -35.48 -14.82 9.79
N THR G 149 -35.69 -14.95 11.11
CA THR G 149 -36.60 -14.06 11.82
C THR G 149 -36.23 -12.59 11.60
N THR G 150 -34.93 -12.30 11.52
CA THR G 150 -34.43 -10.93 11.41
C THR G 150 -34.83 -10.24 10.12
N SER G 151 -35.40 -10.96 9.14
CA SER G 151 -35.80 -10.33 7.89
C SER G 151 -37.18 -9.69 7.96
N ARG G 152 -37.96 -9.98 8.99
CA ARG G 152 -39.29 -9.42 9.13
C ARG G 152 -39.33 -8.43 10.29
N PRO G 153 -40.17 -7.40 10.20
CA PRO G 153 -40.08 -6.30 11.16
C PRO G 153 -40.66 -6.66 12.53
N ILE G 154 -40.29 -5.83 13.52
CA ILE G 154 -40.86 -5.88 14.85
C ILE G 154 -41.98 -4.85 14.92
N TYR G 155 -43.14 -5.26 15.40
CA TYR G 155 -44.33 -4.43 15.33
C TYR G 155 -44.42 -3.49 16.52
N ALA G 156 -44.66 -2.21 16.24
CA ALA G 156 -44.69 -1.16 17.24
C ALA G 156 -45.81 -0.18 16.87
N ALA G 157 -45.89 0.93 17.60
CA ALA G 157 -46.90 1.95 17.35
C ALA G 157 -46.28 3.32 17.50
N LEU G 158 -46.74 4.26 16.67
CA LEU G 158 -46.31 5.65 16.73
C LEU G 158 -47.29 6.39 17.62
N ASP G 159 -46.94 6.54 18.90
CA ASP G 159 -47.86 7.07 19.91
C ASP G 159 -47.74 8.58 19.94
N PHE G 160 -48.35 9.23 18.93
CA PHE G 160 -48.19 10.67 18.77
C PHE G 160 -49.10 11.47 19.70
N LEU G 161 -50.11 10.84 20.30
CA LEU G 161 -50.94 11.51 21.30
C LEU G 161 -50.50 11.19 22.72
N ASN G 162 -49.39 10.47 22.88
CA ASN G 162 -48.87 10.05 24.19
C ASN G 162 -49.98 9.39 25.02
N GLY G 163 -50.41 8.23 24.53
CA GLY G 163 -51.45 7.45 25.17
C GLY G 163 -51.14 7.12 26.61
N GLU G 164 -52.19 6.98 27.42
CA GLU G 164 -52.01 6.67 28.84
C GLU G 164 -51.26 5.35 29.03
N ASN G 165 -51.56 4.35 28.20
CA ASN G 165 -50.95 3.04 28.29
C ASN G 165 -50.18 2.70 27.02
N GLY G 166 -49.62 3.70 26.34
CA GLY G 166 -48.89 3.47 25.13
C GLY G 166 -49.73 3.64 23.88
N GLY G 167 -49.18 3.17 22.76
CA GLY G 167 -49.81 3.33 21.48
C GLY G 167 -50.72 2.19 21.06
N ALA G 168 -50.60 1.04 21.73
CA ALA G 168 -51.39 -0.14 21.38
C ALA G 168 -51.69 -0.93 22.66
N SER G 169 -52.50 -0.35 23.54
CA SER G 169 -52.80 -0.94 24.83
C SER G 169 -53.54 -2.27 24.72
N ALA G 170 -54.03 -2.64 23.55
CA ALA G 170 -54.67 -3.94 23.38
C ALA G 170 -53.72 -5.09 23.68
N TYR G 171 -52.42 -4.89 23.42
CA TYR G 171 -51.42 -5.92 23.66
C TYR G 171 -50.87 -5.90 25.07
N GLY G 172 -51.40 -5.07 25.95
CA GLY G 172 -50.99 -5.04 27.34
C GLY G 172 -50.87 -3.60 27.85
N LYS G 173 -50.88 -3.48 29.18
CA LYS G 173 -50.76 -2.17 29.81
C LYS G 173 -49.31 -1.71 29.96
N SER G 174 -48.34 -2.60 29.79
CA SER G 174 -46.95 -2.18 29.80
C SER G 174 -46.50 -1.88 28.37
N PHE G 175 -45.37 -1.19 28.25
CA PHE G 175 -44.84 -0.91 26.93
C PHE G 175 -43.42 -0.37 27.02
N PHE G 176 -42.59 -0.79 26.07
CA PHE G 176 -41.30 -0.14 25.84
C PHE G 176 -41.53 1.17 25.09
N GLU G 177 -40.75 2.19 25.46
CA GLU G 177 -40.57 3.37 24.64
C GLU G 177 -39.16 3.30 24.07
N LEU G 178 -39.05 3.16 22.76
CA LEU G 178 -37.76 2.97 22.13
C LEU G 178 -37.05 4.31 21.94
N ASN G 179 -35.72 4.24 21.79
CA ASN G 179 -34.96 5.41 21.42
C ASN G 179 -35.46 5.94 20.07
N ASP G 180 -35.42 7.26 19.92
CA ASP G 180 -36.09 7.90 18.79
C ASP G 180 -35.42 7.56 17.46
N ASN G 181 -34.11 7.29 17.47
CA ASN G 181 -33.41 6.95 16.22
C ASN G 181 -34.02 5.73 15.56
N VAL G 182 -34.60 4.82 16.34
CA VAL G 182 -35.22 3.61 15.79
C VAL G 182 -36.30 3.97 14.78
N LYS G 183 -36.96 5.12 14.97
CA LYS G 183 -38.01 5.53 14.05
C LYS G 183 -37.49 5.71 12.61
N THR G 184 -36.19 5.95 12.45
CA THR G 184 -35.65 6.10 11.09
C THR G 184 -35.57 4.78 10.35
N ASN G 185 -35.73 3.64 11.03
CA ASN G 185 -35.71 2.34 10.40
C ASN G 185 -37.10 1.72 10.30
N CYS G 186 -38.16 2.53 10.32
CA CYS G 186 -39.52 2.03 10.39
C CYS G 186 -40.30 2.39 9.14
N THR G 187 -41.27 1.54 8.81
CA THR G 187 -42.36 1.92 7.93
C THR G 187 -43.59 2.20 8.79
N PHE G 188 -44.51 2.99 8.25
CA PHE G 188 -45.66 3.44 9.01
C PHE G 188 -46.93 3.24 8.19
N SER G 189 -48.00 2.84 8.89
CA SER G 189 -49.29 2.58 8.28
C SER G 189 -50.38 3.20 9.15
N PRO G 190 -51.40 3.82 8.53
CA PRO G 190 -52.52 4.37 9.31
C PRO G 190 -53.48 3.30 9.82
N PHE G 191 -53.40 2.09 9.31
CA PHE G 191 -54.20 0.97 9.79
C PHE G 191 -53.30 -0.23 10.00
N ASP G 192 -53.68 -1.09 10.94
CA ASP G 192 -52.95 -2.32 11.17
C ASP G 192 -53.04 -3.19 9.91
N ILE G 193 -51.87 -3.60 9.39
CA ILE G 193 -51.81 -4.25 8.10
C ILE G 193 -52.47 -5.61 8.08
N TYR G 194 -52.75 -6.19 9.25
CA TYR G 194 -53.45 -7.46 9.33
C TYR G 194 -54.96 -7.31 9.29
N GLY G 195 -55.47 -6.07 9.31
CA GLY G 195 -56.89 -5.82 9.42
C GLY G 195 -57.55 -5.53 8.08
N HIS G 196 -58.86 -5.28 8.15
CA HIS G 196 -59.66 -5.06 6.96
C HIS G 196 -59.46 -3.68 6.36
N ARG G 197 -59.27 -2.67 7.20
CA ARG G 197 -59.23 -1.29 6.71
C ARG G 197 -57.95 -0.99 5.95
N PHE G 198 -56.85 -1.67 6.27
CA PHE G 198 -55.62 -1.50 5.50
C PHE G 198 -55.80 -2.03 4.08
N GLY G 199 -56.51 -3.15 3.93
CA GLY G 199 -56.80 -3.68 2.62
C GLY G 199 -55.60 -4.12 1.82
N LEU G 200 -54.49 -4.45 2.49
CA LEU G 200 -53.26 -4.88 1.82
C LEU G 200 -52.81 -3.86 0.77
N ASP G 201 -52.97 -2.58 1.11
CA ASP G 201 -52.68 -1.47 0.20
C ASP G 201 -51.28 -0.96 0.51
N THR G 202 -50.31 -1.32 -0.33
CA THR G 202 -48.93 -0.88 -0.12
C THR G 202 -48.82 0.65 -0.21
N SER G 203 -49.71 1.29 -0.98
CA SER G 203 -49.66 2.74 -1.13
C SER G 203 -50.00 3.49 0.15
N LYS G 204 -50.46 2.79 1.18
CA LYS G 204 -50.73 3.40 2.48
C LYS G 204 -49.53 3.37 3.42
N LEU G 205 -48.41 2.82 2.98
CA LEU G 205 -47.20 2.76 3.79
C LEU G 205 -46.32 3.96 3.50
N SER G 206 -45.61 4.42 4.53
CA SER G 206 -44.65 5.52 4.37
C SER G 206 -43.42 5.22 5.20
N THR G 207 -42.40 6.06 5.03
CA THR G 207 -41.18 5.97 5.82
C THR G 207 -41.08 7.18 6.75
N PHE G 208 -40.02 7.21 7.55
CA PHE G 208 -39.83 8.30 8.50
C PHE G 208 -39.73 9.65 7.79
N TRP G 209 -39.30 9.65 6.54
CA TRP G 209 -39.09 10.87 5.78
C TRP G 209 -40.27 11.21 4.87
N HIS G 210 -41.41 10.55 5.04
CA HIS G 210 -42.57 10.80 4.20
C HIS G 210 -43.86 10.70 5.01
N MET G 211 -43.85 11.26 6.23
CA MET G 211 -45.03 11.28 7.07
C MET G 211 -46.22 11.94 6.38
N GLU G 212 -45.98 12.78 5.37
CA GLU G 212 -47.07 13.36 4.59
C GLU G 212 -48.04 12.28 4.12
N ASN G 213 -47.50 11.15 3.65
CA ASN G 213 -48.38 10.06 3.20
C ASN G 213 -49.33 9.64 4.30
N LEU G 214 -48.81 9.48 5.53
CA LEU G 214 -49.68 9.18 6.67
C LEU G 214 -50.77 10.23 6.80
N ILE G 215 -50.40 11.51 6.72
CA ILE G 215 -51.37 12.58 6.83
C ILE G 215 -52.39 12.49 5.71
N ALA G 216 -51.98 12.02 4.53
CA ALA G 216 -52.91 11.85 3.42
C ALA G 216 -53.74 10.58 3.54
N SER G 217 -53.35 9.64 4.40
CA SER G 217 -53.97 8.33 4.43
C SER G 217 -54.66 7.96 5.73
N CYS G 218 -54.43 8.70 6.81
CA CYS G 218 -55.00 8.32 8.10
C CYS G 218 -56.51 8.51 8.10
N GLN G 219 -57.17 7.84 9.04
CA GLN G 219 -58.63 7.84 9.09
C GLN G 219 -59.16 9.18 9.60
N ASN G 220 -60.36 9.52 9.15
CA ASN G 220 -61.10 10.71 9.55
C ASN G 220 -62.53 10.33 9.91
N ASP G 221 -62.67 9.35 10.80
CA ASP G 221 -63.97 8.76 11.08
C ASP G 221 -64.90 9.78 11.74
N PHE G 222 -66.19 9.64 11.45
CA PHE G 222 -67.20 10.56 11.97
C PHE G 222 -67.72 10.17 13.35
N PHE G 223 -67.22 9.08 13.92
CA PHE G 223 -67.56 8.72 15.30
C PHE G 223 -66.38 7.99 15.92
N GLY G 224 -66.31 8.03 17.24
CA GLY G 224 -65.19 7.43 17.92
C GLY G 224 -63.92 8.25 17.74
N TYR G 225 -62.78 7.57 17.91
CA TYR G 225 -61.49 8.22 17.76
C TYR G 225 -61.27 8.65 16.31
N ASN G 226 -60.83 9.89 16.13
CA ASN G 226 -60.55 10.46 14.82
C ASN G 226 -59.07 10.84 14.77
N CYS G 227 -58.31 10.13 13.94
CA CYS G 227 -56.87 10.37 13.89
C CYS G 227 -56.54 11.70 13.22
N PHE G 228 -57.21 12.01 12.11
CA PHE G 228 -56.91 13.23 11.36
C PHE G 228 -57.19 14.47 12.20
N LYS G 229 -58.39 14.57 12.77
CA LYS G 229 -58.74 15.74 13.58
C LYS G 229 -57.85 15.85 14.81
N SER G 230 -57.47 14.72 15.40
CA SER G 230 -56.55 14.75 16.54
C SER G 230 -55.20 15.33 16.13
N LEU G 231 -54.69 14.91 14.97
CA LEU G 231 -53.39 15.42 14.52
C LEU G 231 -53.48 16.90 14.14
N VAL G 232 -54.61 17.33 13.59
CA VAL G 232 -54.77 18.73 13.23
C VAL G 232 -54.85 19.60 14.49
N LYS G 233 -55.62 19.16 15.49
CA LYS G 233 -55.73 19.93 16.72
C LYS G 233 -54.41 19.96 17.48
N MET G 234 -53.67 18.84 17.47
CA MET G 234 -52.35 18.86 18.10
C MET G 234 -51.38 19.75 17.33
N ALA G 235 -51.55 19.85 16.01
CA ALA G 235 -50.70 20.72 15.21
C ALA G 235 -50.94 22.19 15.53
N LYS G 236 -52.17 22.54 15.86
CA LYS G 236 -52.53 23.89 16.28
C LYS G 236 -52.16 24.16 17.73
N ASP G 237 -51.32 23.30 18.31
CA ASP G 237 -50.83 23.43 19.68
C ASP G 237 -51.97 23.46 20.70
N GLU G 238 -53.06 22.78 20.38
CA GLU G 238 -54.18 22.64 21.31
C GLU G 238 -53.95 21.43 22.21
N LYS G 239 -54.11 21.62 23.51
CA LYS G 239 -53.90 20.58 24.49
C LYS G 239 -55.25 19.91 24.79
N PHE G 240 -55.26 18.58 24.80
CA PHE G 240 -56.51 17.83 24.90
C PHE G 240 -56.20 16.38 25.23
N LEU G 241 -57.21 15.68 25.73
CA LEU G 241 -57.10 14.26 26.00
C LEU G 241 -57.48 13.44 24.78
N ALA G 242 -56.68 12.42 24.51
CA ALA G 242 -56.95 11.53 23.39
C ALA G 242 -58.26 10.77 23.63
N HIS G 243 -58.93 10.42 22.54
CA HIS G 243 -60.15 9.63 22.64
C HIS G 243 -59.88 8.34 23.41
N SER G 244 -60.90 7.88 24.13
CA SER G 244 -60.72 6.72 24.99
C SER G 244 -60.44 5.45 24.19
N ASN G 245 -60.72 5.45 22.89
CA ASN G 245 -60.44 4.31 22.03
C ASN G 245 -59.10 4.43 21.31
N TYR G 246 -58.37 5.52 21.53
CA TYR G 246 -57.05 5.70 20.91
C TYR G 246 -56.09 4.60 21.36
N GLY G 247 -55.67 3.77 20.42
CA GLY G 247 -54.72 2.72 20.71
C GLY G 247 -55.29 1.51 21.43
N LYS G 248 -56.60 1.49 21.70
CA LYS G 248 -57.18 0.40 22.48
C LYS G 248 -57.61 -0.78 21.63
N GLY G 249 -58.10 -0.54 20.41
CA GLY G 249 -58.52 -1.59 19.51
C GLY G 249 -57.46 -1.91 18.47
N TYR G 250 -57.91 -2.53 17.38
CA TYR G 250 -57.10 -2.79 16.22
C TYR G 250 -57.51 -1.84 15.10
N GLU G 251 -57.24 -2.23 13.85
CA GLU G 251 -57.67 -1.49 12.66
C GLU G 251 -57.08 -0.08 12.73
N GLY G 252 -57.90 0.97 12.70
CA GLY G 252 -57.44 2.34 12.61
C GLY G 252 -57.27 3.09 13.92
N ASN G 253 -57.29 2.40 15.06
CA ASN G 253 -57.19 3.10 16.34
C ASN G 253 -55.78 3.60 16.62
N TYR G 254 -54.76 3.06 15.96
CA TYR G 254 -53.39 3.49 16.18
C TYR G 254 -52.65 3.51 14.85
N ILE G 255 -51.56 4.28 14.82
CA ILE G 255 -50.65 4.30 13.68
C ILE G 255 -49.64 3.18 13.89
N GLU G 256 -49.72 2.14 13.07
CA GLU G 256 -48.84 1.00 13.22
C GLU G 256 -47.46 1.31 12.64
N ALA G 257 -46.42 0.90 13.36
CA ALA G 257 -45.06 1.06 12.92
C ALA G 257 -44.40 -0.30 12.77
N HIS G 258 -43.53 -0.43 11.78
CA HIS G 258 -42.81 -1.67 11.50
C HIS G 258 -41.33 -1.37 11.57
N ILE G 259 -40.69 -1.87 12.62
CA ILE G 259 -39.26 -1.65 12.86
C ILE G 259 -38.48 -2.66 12.04
N HIS G 260 -37.74 -2.17 11.05
CA HIS G 260 -36.91 -3.03 10.21
C HIS G 260 -35.51 -3.06 10.80
N GLY G 261 -35.22 -4.13 11.54
CA GLY G 261 -33.99 -4.23 12.30
C GLY G 261 -34.25 -4.84 13.66
N ASP G 262 -33.20 -5.04 14.44
CA ASP G 262 -33.34 -5.66 15.76
C ASP G 262 -33.64 -4.61 16.82
N VAL G 263 -34.30 -5.05 17.89
CA VAL G 263 -34.55 -4.22 19.07
C VAL G 263 -33.83 -4.90 20.22
N CYS G 264 -32.74 -4.29 20.69
CA CYS G 264 -31.92 -4.85 21.75
C CYS G 264 -32.23 -4.18 23.07
N LEU G 265 -32.34 -4.98 24.13
CA LEU G 265 -32.60 -4.47 25.47
C LEU G 265 -31.30 -4.53 26.28
N PHE G 266 -30.88 -3.40 26.85
CA PHE G 266 -31.65 -2.16 26.82
C PHE G 266 -31.02 -1.13 25.89
N ARG G 267 -30.25 -1.62 24.91
CA ARG G 267 -29.51 -0.73 24.02
C ARG G 267 -30.44 0.22 23.27
N ASP G 268 -31.55 -0.30 22.74
CA ASP G 268 -32.49 0.49 21.94
C ASP G 268 -33.69 0.98 22.75
N ILE G 269 -33.61 0.93 24.08
CA ILE G 269 -34.74 1.21 24.94
C ILE G 269 -34.49 2.50 25.69
N LYS G 270 -35.40 3.47 25.52
CA LYS G 270 -35.38 4.69 26.31
C LYS G 270 -36.01 4.45 27.68
N HIS G 271 -37.26 3.99 27.70
CA HIS G 271 -37.95 3.68 28.94
C HIS G 271 -38.69 2.37 28.81
N VAL G 272 -38.93 1.73 29.96
CA VAL G 272 -39.82 0.57 30.07
C VAL G 272 -40.89 0.94 31.08
N TYR G 273 -42.11 1.18 30.62
CA TYR G 273 -43.23 1.50 31.50
C TYR G 273 -43.86 0.20 31.96
N LEU G 274 -43.57 -0.20 33.19
CA LEU G 274 -44.14 -1.41 33.78
C LEU G 274 -45.42 -1.07 34.52
N SER G 275 -46.48 -1.81 34.23
CA SER G 275 -47.75 -1.64 34.93
C SER G 275 -47.67 -2.32 36.30
N LEU G 276 -48.03 -1.58 37.35
CA LEU G 276 -48.09 -2.17 38.68
C LEU G 276 -49.32 -3.06 38.85
N GLN G 277 -50.45 -2.67 38.24
CA GLN G 277 -51.67 -3.44 38.36
C GLN G 277 -51.60 -4.73 37.53
N GLU G 278 -51.26 -4.60 36.25
CA GLU G 278 -51.22 -5.74 35.34
C GLU G 278 -49.80 -6.31 35.33
N ASN G 279 -49.55 -7.18 36.31
CA ASN G 279 -48.22 -7.76 36.47
C ASN G 279 -48.33 -9.02 37.32
N SER G 280 -47.48 -9.99 37.01
CA SER G 280 -47.40 -11.22 37.80
C SER G 280 -46.47 -11.11 38.99
N TYR G 281 -45.86 -9.95 39.20
CA TYR G 281 -44.97 -9.69 40.32
C TYR G 281 -45.62 -8.71 41.29
N SER G 282 -45.14 -8.74 42.53
CA SER G 282 -45.70 -7.88 43.56
C SER G 282 -45.10 -6.48 43.48
N LYS G 283 -45.68 -5.57 44.25
CA LYS G 283 -45.20 -4.18 44.25
C LYS G 283 -43.77 -4.10 44.74
N SER G 284 -43.48 -4.76 45.86
CA SER G 284 -42.12 -4.78 46.40
C SER G 284 -41.13 -5.33 45.38
N GLN G 285 -41.49 -6.46 44.74
CA GLN G 285 -40.59 -7.07 43.77
C GLN G 285 -40.38 -6.16 42.57
N LEU G 286 -41.43 -5.49 42.11
CA LEU G 286 -41.30 -4.59 40.97
C LEU G 286 -40.39 -3.41 41.31
N TYR G 287 -40.55 -2.83 42.50
CA TYR G 287 -39.67 -1.74 42.90
C TYR G 287 -38.23 -2.22 43.01
N ASP G 288 -38.02 -3.43 43.53
CA ASP G 288 -36.66 -3.96 43.61
C ASP G 288 -36.05 -4.15 42.22
N TYR G 289 -36.84 -4.64 41.27
CA TYR G 289 -36.35 -4.81 39.91
C TYR G 289 -36.01 -3.46 39.29
N ALA G 290 -36.88 -2.46 39.49
CA ALA G 290 -36.62 -1.13 38.95
C ALA G 290 -35.34 -0.54 39.53
N LYS G 291 -35.15 -0.67 40.84
CA LYS G 291 -33.94 -0.15 41.47
C LYS G 291 -32.70 -0.87 40.95
N GLN G 292 -32.76 -2.19 40.84
CA GLN G 292 -31.60 -2.97 40.42
C GLN G 292 -31.23 -2.65 38.97
N ILE G 293 -32.20 -2.75 38.05
CA ILE G 293 -31.93 -2.49 36.64
C ILE G 293 -31.49 -1.05 36.44
N ASN G 294 -32.22 -0.10 37.03
CA ASN G 294 -31.92 1.31 36.81
C ASN G 294 -30.56 1.69 37.38
N GLN G 295 -30.19 1.15 38.56
CA GLN G 295 -28.87 1.43 39.10
C GLN G 295 -27.78 0.77 38.26
N ALA G 296 -28.05 -0.41 37.71
CA ALA G 296 -27.05 -1.06 36.87
C ALA G 296 -26.84 -0.30 35.56
N LEU G 297 -27.90 0.29 35.01
CA LEU G 297 -27.82 1.04 33.77
C LEU G 297 -27.45 2.50 33.99
N ASN G 298 -27.50 2.99 35.24
CA ASN G 298 -27.27 4.40 35.56
C ASN G 298 -28.22 5.31 34.79
N ARG G 299 -29.45 4.82 34.54
CA ARG G 299 -30.49 5.59 33.89
C ARG G 299 -31.82 5.30 34.59
N ASP G 300 -32.79 6.18 34.35
CA ASP G 300 -34.16 5.94 34.80
C ASP G 300 -34.95 5.25 33.69
N CYS G 301 -34.50 4.05 33.34
CA CYS G 301 -35.11 3.31 32.25
C CYS G 301 -36.42 2.66 32.68
N ILE G 302 -36.38 1.84 33.73
CA ILE G 302 -37.57 1.18 34.23
C ILE G 302 -38.40 2.20 35.00
N ILE G 303 -39.64 2.40 34.57
CA ILE G 303 -40.56 3.32 35.22
C ILE G 303 -41.82 2.54 35.60
N LEU G 304 -42.11 2.47 36.89
CA LEU G 304 -43.33 1.83 37.37
C LEU G 304 -44.46 2.85 37.37
N TYR G 305 -45.65 2.40 36.99
CA TYR G 305 -46.81 3.28 36.92
C TYR G 305 -48.10 2.48 36.94
N ARG H 3 -16.95 -9.70 27.67
CA ARG H 3 -16.00 -8.79 27.04
C ARG H 3 -16.41 -7.35 27.35
N PRO H 4 -15.44 -6.44 27.38
CA PRO H 4 -15.78 -5.01 27.49
C PRO H 4 -16.21 -4.49 26.13
N GLU H 5 -17.23 -3.63 26.13
CA GLU H 5 -17.79 -3.11 24.89
C GLU H 5 -17.40 -1.65 24.69
N MET H 6 -17.26 -1.27 23.43
CA MET H 6 -16.99 0.11 23.04
C MET H 6 -18.05 0.55 22.04
N ARG H 7 -18.70 1.66 22.32
CA ARG H 7 -19.77 2.16 21.47
C ARG H 7 -19.18 3.13 20.45
N ILE H 8 -19.49 2.88 19.17
CA ILE H 8 -18.89 3.60 18.06
C ILE H 8 -20.02 4.15 17.18
N LEU H 9 -19.97 5.45 16.91
CA LEU H 9 -20.81 6.08 15.90
C LEU H 9 -19.97 6.29 14.66
N MET H 10 -20.34 5.64 13.56
CA MET H 10 -19.66 5.79 12.28
C MET H 10 -20.47 6.76 11.43
N VAL H 11 -19.89 7.92 11.16
CA VAL H 11 -20.58 8.97 10.41
C VAL H 11 -19.72 9.38 9.23
N GLY H 12 -20.22 10.33 8.44
CA GLY H 12 -19.55 10.77 7.23
C GLY H 12 -20.53 10.95 6.10
N LEU H 13 -20.09 11.59 5.02
CA LEU H 13 -20.94 11.82 3.86
C LEU H 13 -21.38 10.50 3.25
N ASP H 14 -22.52 10.55 2.56
CA ASP H 14 -22.99 9.38 1.83
C ASP H 14 -22.00 8.99 0.74
N ALA H 15 -21.98 7.70 0.41
CA ALA H 15 -21.09 7.08 -0.57
C ALA H 15 -19.64 7.07 -0.13
N ALA H 16 -19.34 7.46 1.11
CA ALA H 16 -17.98 7.39 1.60
C ALA H 16 -17.53 5.94 1.83
N GLY H 17 -18.47 5.04 2.08
CA GLY H 17 -18.17 3.65 2.32
C GLY H 17 -18.47 3.13 3.71
N LYS H 18 -19.39 3.75 4.45
CA LYS H 18 -19.63 3.35 5.83
C LYS H 18 -20.19 1.94 5.91
N THR H 19 -21.29 1.68 5.17
CA THR H 19 -21.94 0.38 5.24
C THR H 19 -21.00 -0.74 4.78
N THR H 20 -20.24 -0.49 3.71
CA THR H 20 -19.26 -1.47 3.24
C THR H 20 -18.24 -1.80 4.31
N ILE H 21 -17.79 -0.79 5.06
CA ILE H 21 -16.84 -1.04 6.14
C ILE H 21 -17.49 -1.86 7.26
N LEU H 22 -18.71 -1.47 7.66
CA LEU H 22 -19.39 -2.17 8.74
C LEU H 22 -19.57 -3.65 8.42
N TYR H 23 -20.07 -3.96 7.23
CA TYR H 23 -20.36 -5.36 6.91
C TYR H 23 -19.15 -6.11 6.37
N LYS H 24 -18.07 -5.40 6.02
CA LYS H 24 -16.80 -6.07 5.80
C LYS H 24 -16.19 -6.51 7.13
N LEU H 25 -16.30 -5.67 8.16
CA LEU H 25 -15.84 -6.06 9.48
C LEU H 25 -16.73 -7.15 10.08
N LYS H 26 -18.04 -7.09 9.82
CA LYS H 26 -18.96 -8.03 10.44
C LYS H 26 -19.01 -9.37 9.70
N LEU H 27 -19.03 -9.34 8.38
CA LEU H 27 -19.17 -10.55 7.58
C LEU H 27 -17.91 -10.97 6.86
N GLY H 28 -17.00 -10.04 6.56
CA GLY H 28 -15.89 -10.35 5.69
C GLY H 28 -16.24 -10.32 4.21
N GLU H 29 -17.42 -9.81 3.85
CA GLU H 29 -17.88 -9.76 2.47
C GLU H 29 -18.10 -8.30 2.06
N ILE H 30 -18.32 -8.12 0.76
CA ILE H 30 -18.68 -6.83 0.19
C ILE H 30 -20.16 -6.91 -0.17
N VAL H 31 -21.00 -6.33 0.68
CA VAL H 31 -22.44 -6.47 0.49
C VAL H 31 -22.91 -5.60 -0.66
N THR H 32 -24.04 -5.98 -1.24
CA THR H 32 -24.66 -5.18 -2.30
C THR H 32 -25.05 -3.82 -1.75
N THR H 33 -24.98 -2.81 -2.61
CA THR H 33 -25.31 -1.45 -2.21
C THR H 33 -26.77 -1.35 -1.78
N ILE H 34 -26.99 -1.20 -0.48
CA ILE H 34 -28.33 -1.02 0.10
C ILE H 34 -28.42 0.40 0.63
N PRO H 35 -29.31 1.23 0.10
CA PRO H 35 -29.50 2.58 0.64
C PRO H 35 -29.74 2.54 2.15
N THR H 36 -28.98 3.35 2.89
CA THR H 36 -29.13 3.45 4.34
C THR H 36 -30.19 4.50 4.61
N ILE H 37 -31.45 4.07 4.61
CA ILE H 37 -32.56 5.01 4.84
C ILE H 37 -32.51 5.54 6.27
N GLY H 38 -32.23 4.67 7.23
CA GLY H 38 -32.06 5.10 8.60
C GLY H 38 -30.66 4.85 9.10
N PHE H 39 -30.37 3.63 9.51
CA PHE H 39 -29.06 3.27 10.03
C PHE H 39 -28.94 1.76 10.06
N ASN H 40 -27.71 1.30 10.20
CA ASN H 40 -27.40 -0.08 10.54
C ASN H 40 -26.68 -0.09 11.88
N VAL H 41 -26.61 -1.26 12.50
CA VAL H 41 -25.88 -1.41 13.76
C VAL H 41 -25.45 -2.85 13.90
N GLU H 42 -24.16 -3.07 14.12
CA GLU H 42 -23.63 -4.42 14.23
C GLU H 42 -22.57 -4.49 15.31
N THR H 43 -22.44 -5.67 15.92
CA THR H 43 -21.43 -5.93 16.92
C THR H 43 -20.28 -6.72 16.30
N VAL H 44 -19.06 -6.21 16.46
CA VAL H 44 -17.86 -6.84 15.92
C VAL H 44 -16.94 -7.20 17.08
N GLU H 45 -16.62 -8.48 17.21
CA GLU H 45 -15.70 -8.95 18.24
C GLU H 45 -14.28 -8.93 17.70
N TYR H 46 -13.42 -8.15 18.33
CA TYR H 46 -12.03 -8.01 17.88
C TYR H 46 -11.15 -7.77 19.09
N LYS H 47 -10.12 -8.60 19.23
CA LYS H 47 -9.14 -8.48 20.32
C LYS H 47 -9.83 -8.42 21.68
N ASN H 48 -10.73 -9.37 21.91
CA ASN H 48 -11.48 -9.50 23.16
C ASN H 48 -12.31 -8.25 23.48
N ILE H 49 -12.63 -7.45 22.48
CA ILE H 49 -13.47 -6.26 22.65
C ILE H 49 -14.71 -6.43 21.78
N SER H 50 -15.86 -6.03 22.31
CA SER H 50 -17.14 -6.14 21.61
C SER H 50 -17.55 -4.74 21.14
N PHE H 51 -17.16 -4.40 19.92
CA PHE H 51 -17.50 -3.11 19.34
C PHE H 51 -18.97 -3.07 18.93
N THR H 52 -19.68 -2.06 19.40
CA THR H 52 -21.05 -1.78 18.94
C THR H 52 -20.98 -0.62 17.97
N VAL H 53 -21.15 -0.90 16.68
CA VAL H 53 -20.92 0.07 15.62
C VAL H 53 -22.25 0.48 15.01
N TRP H 54 -22.54 1.77 15.08
CA TRP H 54 -23.70 2.38 14.43
C TRP H 54 -23.27 2.99 13.11
N ASP H 55 -23.83 2.48 12.01
CA ASP H 55 -23.65 3.05 10.68
C ASP H 55 -24.82 3.99 10.41
N VAL H 56 -24.60 5.28 10.67
CA VAL H 56 -25.66 6.29 10.57
C VAL H 56 -25.73 6.77 9.13
N GLY H 57 -26.92 6.67 8.53
CA GLY H 57 -27.07 7.05 7.13
C GLY H 57 -26.79 8.52 6.89
N GLY H 58 -27.34 9.39 7.72
CA GLY H 58 -27.12 10.81 7.58
C GLY H 58 -27.62 11.62 8.76
N LEU H 59 -26.68 12.09 9.58
CA LEU H 59 -26.98 12.90 10.76
C LEU H 59 -27.22 14.36 10.41
N ASP H 60 -27.48 14.69 9.14
CA ASP H 60 -27.58 16.09 8.74
C ASP H 60 -28.78 16.77 9.36
N LYS H 61 -29.97 16.21 9.18
CA LYS H 61 -31.22 16.85 9.58
C LYS H 61 -31.89 16.19 10.78
N ILE H 62 -31.24 15.24 11.45
CA ILE H 62 -31.86 14.51 12.56
C ILE H 62 -30.89 14.41 13.72
N ARG H 63 -30.15 15.48 13.99
CA ARG H 63 -29.24 15.49 15.14
C ARG H 63 -29.93 15.27 16.48
N PRO H 64 -31.12 15.83 16.77
CA PRO H 64 -31.75 15.53 18.07
C PRO H 64 -32.03 14.05 18.30
N LEU H 65 -32.27 13.27 17.25
CA LEU H 65 -32.63 11.87 17.43
C LEU H 65 -31.47 11.02 17.91
N TRP H 66 -30.23 11.47 17.73
CA TRP H 66 -29.05 10.68 18.09
C TRP H 66 -28.30 11.23 19.29
N ARG H 67 -28.76 12.32 19.90
CA ARG H 67 -28.05 12.88 21.05
C ARG H 67 -28.09 11.95 22.25
N HIS H 68 -29.12 11.11 22.35
CA HIS H 68 -29.23 10.17 23.47
C HIS H 68 -27.98 9.33 23.62
N TYR H 69 -27.39 8.90 22.50
CA TYR H 69 -26.20 8.07 22.54
C TYR H 69 -24.91 8.87 22.74
N PHE H 70 -24.96 10.19 22.48
CA PHE H 70 -23.72 10.97 22.44
C PHE H 70 -22.94 10.90 23.74
N GLN H 71 -23.65 10.89 24.88
CA GLN H 71 -22.96 10.85 26.17
C GLN H 71 -22.17 9.57 26.35
N ASN H 72 -22.63 8.45 25.79
CA ASN H 72 -21.95 7.17 25.95
C ASN H 72 -21.24 6.73 24.69
N THR H 73 -21.13 7.59 23.70
CA THR H 73 -20.36 7.28 22.49
C THR H 73 -18.87 7.40 22.81
N GLN H 74 -18.19 6.25 22.85
CA GLN H 74 -16.77 6.27 23.17
C GLN H 74 -15.92 6.56 21.94
N GLY H 75 -16.38 6.16 20.75
CA GLY H 75 -15.61 6.42 19.56
C GLY H 75 -16.41 6.89 18.36
N LEU H 76 -15.92 7.93 17.70
CA LEU H 76 -16.46 8.41 16.43
C LEU H 76 -15.54 7.97 15.30
N ILE H 77 -16.09 7.30 14.30
CA ILE H 77 -15.36 6.97 13.08
C ILE H 77 -15.93 7.82 11.96
N PHE H 78 -15.12 8.73 11.43
CA PHE H 78 -15.55 9.59 10.32
C PHE H 78 -14.94 9.04 9.03
N VAL H 79 -15.80 8.59 8.12
CA VAL H 79 -15.36 7.97 6.87
C VAL H 79 -15.44 9.01 5.76
N VAL H 80 -14.37 9.14 5.00
CA VAL H 80 -14.30 10.11 3.90
C VAL H 80 -13.92 9.39 2.61
N ASP H 81 -14.52 9.82 1.50
CA ASP H 81 -14.16 9.35 0.18
C ASP H 81 -12.92 10.10 -0.28
N SER H 82 -11.76 9.45 -0.21
CA SER H 82 -10.51 10.13 -0.55
C SER H 82 -10.43 10.45 -2.04
N ASN H 83 -11.27 9.84 -2.87
CA ASN H 83 -11.28 10.13 -4.29
C ASN H 83 -12.21 11.29 -4.67
N ASP H 84 -13.07 11.72 -3.74
CA ASP H 84 -14.08 12.74 -4.02
C ASP H 84 -13.53 14.10 -3.56
N ARG H 85 -12.71 14.69 -4.44
CA ARG H 85 -12.13 16.01 -4.12
C ARG H 85 -13.18 17.10 -4.16
N GLU H 86 -14.26 16.92 -4.91
CA GLU H 86 -15.31 17.92 -5.00
C GLU H 86 -16.11 18.05 -3.71
N ARG H 87 -16.06 17.04 -2.83
CA ARG H 87 -16.89 17.03 -1.63
C ARG H 87 -16.07 16.90 -0.34
N VAL H 88 -14.75 17.02 -0.42
CA VAL H 88 -13.94 16.82 0.78
C VAL H 88 -14.10 17.98 1.76
N ASN H 89 -14.35 19.19 1.26
CA ASN H 89 -14.58 20.32 2.16
C ASN H 89 -15.97 20.25 2.79
N GLU H 90 -16.95 19.72 2.06
CA GLU H 90 -18.23 19.39 2.66
C GLU H 90 -18.04 18.42 3.82
N ALA H 91 -17.19 17.41 3.63
CA ALA H 91 -16.85 16.49 4.72
C ALA H 91 -16.17 17.22 5.86
N ARG H 92 -15.34 18.23 5.55
CA ARG H 92 -14.72 19.02 6.60
C ARG H 92 -15.78 19.73 7.44
N GLU H 93 -16.76 20.35 6.77
CA GLU H 93 -17.82 21.05 7.49
C GLU H 93 -18.64 20.07 8.34
N GLU H 94 -18.94 18.89 7.79
CA GLU H 94 -19.70 17.90 8.55
C GLU H 94 -18.92 17.43 9.77
N LEU H 95 -17.62 17.18 9.61
CA LEU H 95 -16.80 16.79 10.75
C LEU H 95 -16.73 17.90 11.80
N MET H 96 -16.67 19.15 11.36
CA MET H 96 -16.70 20.27 12.30
C MET H 96 -18.02 20.29 13.07
N ARG H 97 -19.13 20.03 12.38
CA ARG H 97 -20.42 19.99 13.06
C ARG H 97 -20.46 18.87 14.09
N MET H 98 -19.89 17.71 13.76
CA MET H 98 -19.84 16.61 14.72
C MET H 98 -18.97 16.97 15.93
N LEU H 99 -17.81 17.59 15.68
CA LEU H 99 -16.88 17.93 16.75
C LEU H 99 -17.33 19.14 17.55
N ALA H 100 -18.34 19.86 17.10
CA ALA H 100 -18.90 20.97 17.86
C ALA H 100 -19.97 20.53 18.86
N GLU H 101 -20.32 19.23 18.87
CA GLU H 101 -21.31 18.72 19.80
C GLU H 101 -20.68 18.57 21.18
N ASP H 102 -21.25 19.26 22.17
CA ASP H 102 -20.68 19.25 23.51
C ASP H 102 -20.76 17.86 24.14
N GLU H 103 -21.76 17.07 23.78
CA GLU H 103 -21.93 15.74 24.36
C GLU H 103 -20.97 14.71 23.76
N LEU H 104 -20.19 15.08 22.74
CA LEU H 104 -19.18 14.21 22.17
C LEU H 104 -17.77 14.70 22.46
N ARG H 105 -17.61 15.60 23.44
CA ARG H 105 -16.31 16.22 23.69
C ARG H 105 -15.26 15.23 24.15
N ASP H 106 -15.66 14.11 24.76
CA ASP H 106 -14.71 13.13 25.28
C ASP H 106 -14.52 11.93 24.38
N ALA H 107 -15.25 11.85 23.27
CA ALA H 107 -15.10 10.74 22.34
C ALA H 107 -13.83 10.89 21.52
N VAL H 108 -13.18 9.75 21.23
CA VAL H 108 -12.00 9.75 20.39
C VAL H 108 -12.42 9.75 18.92
N LEU H 109 -11.58 10.31 18.06
CA LEU H 109 -11.89 10.45 16.64
C LEU H 109 -10.94 9.58 15.82
N LEU H 110 -11.52 8.71 15.00
CA LEU H 110 -10.76 7.90 14.04
C LEU H 110 -11.28 8.22 12.64
N VAL H 111 -10.41 8.76 11.79
CA VAL H 111 -10.77 9.13 10.44
C VAL H 111 -10.33 8.02 9.49
N PHE H 112 -11.27 7.53 8.70
CA PHE H 112 -10.99 6.55 7.64
C PHE H 112 -10.91 7.28 6.31
N ALA H 113 -9.69 7.39 5.77
CA ALA H 113 -9.48 7.91 4.42
C ALA H 113 -9.71 6.74 3.47
N ASN H 114 -10.97 6.55 3.10
CA ASN H 114 -11.39 5.33 2.40
C ASN H 114 -11.13 5.45 0.90
N LYS H 115 -11.24 4.31 0.21
CA LYS H 115 -11.13 4.23 -1.25
C LYS H 115 -9.73 4.59 -1.73
N GLN H 116 -8.71 4.14 -0.99
CA GLN H 116 -7.33 4.33 -1.40
C GLN H 116 -6.96 3.50 -2.62
N ASP H 117 -7.81 2.55 -3.02
CA ASP H 117 -7.57 1.74 -4.20
C ASP H 117 -7.79 2.52 -5.49
N LEU H 118 -8.42 3.69 -5.43
CA LEU H 118 -8.70 4.46 -6.64
C LEU H 118 -7.45 5.27 -7.03
N PRO H 119 -7.20 5.42 -8.34
CA PRO H 119 -5.91 5.98 -8.77
C PRO H 119 -5.71 7.43 -8.37
N ASN H 120 -6.77 8.24 -8.33
CA ASN H 120 -6.65 9.67 -8.06
C ASN H 120 -6.97 10.02 -6.61
N ALA H 121 -6.99 9.03 -5.72
CA ALA H 121 -7.32 9.27 -4.33
C ALA H 121 -6.15 9.93 -3.61
N MET H 122 -6.45 10.97 -2.83
CA MET H 122 -5.44 11.61 -2.01
C MET H 122 -5.10 10.74 -0.80
N ASN H 123 -3.83 10.78 -0.40
CA ASN H 123 -3.34 9.94 0.68
C ASN H 123 -3.82 10.46 2.03
N ALA H 124 -3.41 9.77 3.09
CA ALA H 124 -3.85 10.12 4.44
C ALA H 124 -3.37 11.52 4.84
N ALA H 125 -2.19 11.94 4.38
CA ALA H 125 -1.68 13.25 4.76
C ALA H 125 -2.51 14.37 4.15
N GLU H 126 -2.83 14.26 2.85
CA GLU H 126 -3.63 15.30 2.20
C GLU H 126 -5.02 15.38 2.80
N ILE H 127 -5.64 14.23 3.08
CA ILE H 127 -6.93 14.23 3.78
C ILE H 127 -6.79 14.89 5.14
N THR H 128 -5.70 14.59 5.86
CA THR H 128 -5.46 15.22 7.15
C THR H 128 -5.41 16.74 7.01
N ASP H 129 -4.85 17.23 5.91
CA ASP H 129 -4.78 18.68 5.71
C ASP H 129 -6.14 19.26 5.35
N LYS H 130 -6.88 18.59 4.46
CA LYS H 130 -8.15 19.14 3.99
C LYS H 130 -9.25 19.04 5.04
N LEU H 131 -9.14 18.12 5.99
CA LEU H 131 -10.10 18.06 7.10
C LEU H 131 -9.71 18.98 8.25
N GLY H 132 -8.49 19.49 8.26
CA GLY H 132 -8.06 20.38 9.33
C GLY H 132 -7.77 19.69 10.65
N LEU H 133 -7.37 18.41 10.61
CA LEU H 133 -7.19 17.65 11.84
C LEU H 133 -6.09 18.23 12.71
N HIS H 134 -5.02 18.76 12.10
CA HIS H 134 -3.91 19.29 12.89
C HIS H 134 -4.28 20.57 13.63
N SER H 135 -5.36 21.23 13.23
CA SER H 135 -5.83 22.42 13.94
C SER H 135 -6.74 22.09 15.11
N LEU H 136 -6.95 20.80 15.40
CA LEU H 136 -7.80 20.41 16.52
C LEU H 136 -7.03 20.50 17.83
N ARG H 137 -7.77 20.76 18.91
CA ARG H 137 -7.20 20.84 20.24
C ARG H 137 -8.07 20.05 21.21
N HIS H 138 -7.42 19.47 22.22
CA HIS H 138 -8.10 18.69 23.26
C HIS H 138 -8.91 17.55 22.67
N ARG H 139 -8.45 16.97 21.57
CA ARG H 139 -9.14 15.88 20.90
C ARG H 139 -8.13 14.79 20.55
N ASN H 140 -8.34 13.59 21.07
CA ASN H 140 -7.50 12.45 20.75
C ASN H 140 -7.96 11.87 19.41
N TRP H 141 -7.16 12.07 18.36
CA TRP H 141 -7.56 11.69 17.02
C TRP H 141 -6.44 10.92 16.32
N TYR H 142 -6.83 10.23 15.25
CA TYR H 142 -5.94 9.41 14.45
C TYR H 142 -6.61 9.18 13.10
N ILE H 143 -5.79 9.12 12.05
CA ILE H 143 -6.28 8.92 10.69
C ILE H 143 -5.63 7.66 10.13
N GLN H 144 -6.42 6.88 9.38
CA GLN H 144 -5.96 5.61 8.84
C GLN H 144 -6.44 5.49 7.40
N ALA H 145 -5.51 5.31 6.48
CA ALA H 145 -5.88 5.05 5.08
C ALA H 145 -6.44 3.64 4.96
N THR H 146 -7.60 3.52 4.31
CA THR H 146 -8.29 2.25 4.22
C THR H 146 -8.78 2.00 2.79
N CYS H 147 -9.05 0.73 2.51
CA CYS H 147 -9.78 0.31 1.33
C CYS H 147 -10.85 -0.67 1.80
N ALA H 148 -12.10 -0.21 1.83
CA ALA H 148 -13.19 -1.03 2.37
C ALA H 148 -13.36 -2.32 1.60
N THR H 149 -13.15 -2.29 0.28
CA THR H 149 -13.32 -3.48 -0.54
C THR H 149 -12.38 -4.60 -0.11
N SER H 150 -11.08 -4.30 -0.02
CA SER H 150 -10.10 -5.33 0.30
C SER H 150 -9.99 -5.57 1.80
N GLY H 151 -10.21 -4.54 2.62
CA GLY H 151 -10.10 -4.65 4.05
C GLY H 151 -8.87 -3.99 4.64
N ASP H 152 -7.96 -3.49 3.79
CA ASP H 152 -6.75 -2.84 4.28
C ASP H 152 -7.11 -1.64 5.16
N GLY H 153 -6.40 -1.52 6.28
CA GLY H 153 -6.55 -0.38 7.17
C GLY H 153 -7.65 -0.49 8.20
N LEU H 154 -8.66 -1.33 7.96
CA LEU H 154 -9.80 -1.40 8.87
C LEU H 154 -9.38 -1.89 10.26
N TYR H 155 -8.74 -3.06 10.31
CA TYR H 155 -8.33 -3.63 11.58
C TYR H 155 -7.22 -2.83 12.25
N GLU H 156 -6.49 -2.01 11.49
CA GLU H 156 -5.54 -1.08 12.10
C GLU H 156 -6.29 0.01 12.87
N GLY H 157 -7.33 0.59 12.27
CA GLY H 157 -8.17 1.53 12.98
C GLY H 157 -8.82 0.90 14.20
N LEU H 158 -9.27 -0.35 14.08
CA LEU H 158 -9.78 -1.06 15.25
C LEU H 158 -8.71 -1.26 16.30
N ASP H 159 -7.45 -1.41 15.88
CA ASP H 159 -6.35 -1.50 16.85
C ASP H 159 -6.19 -0.20 17.61
N TRP H 160 -6.17 0.93 16.90
CA TRP H 160 -6.05 2.22 17.57
C TRP H 160 -7.21 2.44 18.54
N LEU H 161 -8.44 2.19 18.09
CA LEU H 161 -9.59 2.32 18.97
C LEU H 161 -9.45 1.41 20.18
N SER H 162 -8.96 0.19 19.99
CA SER H 162 -8.71 -0.72 21.10
C SER H 162 -7.74 -0.11 22.11
N ASN H 163 -6.69 0.54 21.62
CA ASN H 163 -5.74 1.16 22.55
C ASN H 163 -6.35 2.38 23.24
N GLN H 164 -7.33 3.03 22.63
CA GLN H 164 -7.95 4.19 23.25
C GLN H 164 -9.00 3.81 24.30
N LEU H 165 -9.32 2.53 24.46
CA LEU H 165 -10.31 2.10 25.43
C LEU H 165 -9.85 2.36 26.86
MG MG I . 34.27 -1.48 -1.07
PB GDP J . 35.86 -1.72 1.63
O1B GDP J . 37.28 -2.19 1.53
O2B GDP J . 35.54 -0.81 0.46
O3B GDP J . 34.92 -2.91 1.62
O3A GDP J . 35.67 -0.90 3.00
PA GDP J . 34.49 0.19 3.17
O1A GDP J . 34.85 1.48 2.49
O2A GDP J . 33.18 -0.35 2.66
O5' GDP J . 34.45 0.39 4.76
C5' GDP J . 33.76 -0.55 5.57
C4' GDP J . 33.49 0.08 6.94
O4' GDP J . 34.72 0.53 7.49
C3' GDP J . 32.58 1.29 6.81
O3' GDP J . 31.55 1.20 7.79
C2' GDP J . 33.46 2.48 7.11
O2' GDP J . 32.74 3.47 7.86
C1' GDP J . 34.58 1.87 7.96
N9 GDP J . 35.84 2.63 7.84
C8 GDP J . 36.54 2.89 6.72
N7 GDP J . 37.66 3.61 6.99
C5 GDP J . 37.71 3.79 8.32
C6 GDP J . 38.61 4.46 9.29
O6 GDP J . 39.65 5.04 8.90
N1 GDP J . 38.28 4.42 10.59
C2 GDP J . 37.17 3.82 11.04
N2 GDP J . 36.89 3.82 12.36
N3 GDP J . 36.30 3.18 10.21
C4 GDP J . 36.51 3.14 8.87
MG MG K . 15.94 14.88 16.47
PB GDP L . 15.27 15.57 13.47
O1B GDP L . 14.36 14.39 13.76
O2B GDP L . 14.46 16.84 13.50
O3B GDP L . 16.36 15.64 14.51
O3A GDP L . 15.93 15.38 12.01
PA GDP L . 17.25 14.49 11.80
O1A GDP L . 17.13 13.17 12.54
O2A GDP L . 18.47 15.25 12.25
O5' GDP L . 17.28 14.26 10.21
C5' GDP L . 16.47 13.24 9.64
C4' GDP L . 16.99 12.94 8.24
O4' GDP L . 17.02 14.16 7.48
C3' GDP L . 18.41 12.41 8.28
O3' GDP L . 18.50 11.25 7.45
C2' GDP L . 19.26 13.52 7.70
O2' GDP L . 20.32 12.97 6.91
C1' GDP L . 18.29 14.29 6.83
N9 GDP L . 18.66 15.72 6.69
C8 GDP L . 18.85 16.61 7.68
N7 GDP L . 19.19 17.83 7.18
C5 GDP L . 19.22 17.73 5.84
C6 GDP L . 19.52 18.62 4.70
O6 GDP L . 19.81 19.82 4.88
N1 GDP L . 19.44 18.11 3.46
C2 GDP L . 19.12 16.82 3.23
N2 GDP L . 19.07 16.37 1.95
N3 GDP L . 18.84 15.94 4.23
C4 GDP L . 18.88 16.32 5.52
MG MG M . -22.02 -15.86 -18.09
PB GDP N . -24.00 -17.63 -16.11
O1B GDP N . -24.09 -19.10 -16.41
O2B GDP N . -22.60 -17.14 -16.39
O3B GDP N . -24.97 -16.89 -16.99
O3A GDP N . -24.37 -17.36 -14.57
PA GDP N . -23.87 -16.06 -13.78
O1A GDP N . -22.42 -16.20 -13.37
O2A GDP N . -24.06 -14.81 -14.61
O5' GDP N . -24.83 -16.05 -12.49
C5' GDP N . -26.14 -15.53 -12.59
C4' GDP N . -26.67 -15.24 -11.19
O4' GDP N . -26.58 -16.44 -10.41
C3' GDP N . -25.82 -14.19 -10.49
O3' GDP N . -26.68 -13.21 -9.91
C2' GDP N . -25.07 -14.94 -9.41
O2' GDP N . -24.97 -14.14 -8.23
C1' GDP N . -25.96 -16.14 -9.16
N9 GDP N . -25.17 -17.30 -8.64
C8 GDP N . -24.14 -17.92 -9.25
N7 GDP N . -23.67 -18.95 -8.49
C5 GDP N . -24.42 -19.00 -7.38
C6 GDP N . -24.47 -19.84 -6.15
O6 GDP N . -23.66 -20.77 -5.98
N1 GDP N . -25.40 -19.55 -5.23
C2 GDP N . -26.28 -18.54 -5.39
N2 GDP N . -27.19 -18.32 -4.41
N3 GDP N . -26.29 -17.73 -6.48
C4 GDP N . -25.40 -17.91 -7.48
MG MG O . -24.67 3.53 3.90
PB GDP P . -22.13 4.81 2.58
O1B GDP P . -23.34 5.46 1.94
O2B GDP P . -21.37 5.84 3.38
O3B GDP P . -22.59 3.70 3.49
O3A GDP P . -21.19 4.21 1.43
PA GDP P . -21.47 2.76 0.78
O1A GDP P . -22.94 2.59 0.45
O2A GDP P . -21.00 1.67 1.71
O5' GDP P . -20.58 2.78 -0.55
C5' GDP P . -21.06 3.44 -1.71
C4' GDP P . -20.26 2.95 -2.91
O4' GDP P . -18.86 3.13 -2.64
C3' GDP P . -20.50 1.46 -3.14
O3' GDP P . -20.77 1.25 -4.53
C2' GDP P . -19.19 0.80 -2.75
O2' GDP P . -18.92 -0.29 -3.63
C1' GDP P . -18.17 1.91 -2.93
N9 GDP P . -16.99 1.73 -2.05
C8 GDP P . -17.00 1.63 -0.70
N7 GDP P . -15.75 1.48 -0.22
C5 GDP P . -14.91 1.48 -1.26
C6 GDP P . -13.44 1.37 -1.47
O6 GDP P . -12.66 1.22 -0.51
N1 GDP P . -12.98 1.42 -2.73
C2 GDP P . -13.79 1.58 -3.79
N2 GDP P . -13.24 1.61 -5.03
N3 GDP P . -15.14 1.69 -3.67
C4 GDP P . -15.73 1.65 -2.46
#